data_6J98
# 
_entry.id   6J98 
# 
_audit_conform.dict_name       mmcif_pdbx.dic 
_audit_conform.dict_version    5.398 
_audit_conform.dict_location   http://mmcif.pdb.org/dictionaries/ascii/mmcif_pdbx.dic 
# 
loop_
_database_2.database_id 
_database_2.database_code 
_database_2.pdbx_database_accession 
_database_2.pdbx_DOI 
PDB   6J98         pdb_00006j98 10.2210/pdb6j98/pdb 
WWPDB D_1300010691 ?            ?                   
# 
loop_
_pdbx_audit_revision_history.ordinal 
_pdbx_audit_revision_history.data_content_type 
_pdbx_audit_revision_history.major_revision 
_pdbx_audit_revision_history.minor_revision 
_pdbx_audit_revision_history.revision_date 
1 'Structure model' 1 0 2020-03-04 
2 'Structure model' 1 1 2024-11-06 
# 
_pdbx_audit_revision_details.ordinal             1 
_pdbx_audit_revision_details.revision_ordinal    1 
_pdbx_audit_revision_details.data_content_type   'Structure model' 
_pdbx_audit_revision_details.provider            repository 
_pdbx_audit_revision_details.type                'Initial release' 
_pdbx_audit_revision_details.description         ? 
_pdbx_audit_revision_details.details             ? 
# 
loop_
_pdbx_audit_revision_group.ordinal 
_pdbx_audit_revision_group.revision_ordinal 
_pdbx_audit_revision_group.data_content_type 
_pdbx_audit_revision_group.group 
1 2 'Structure model' 'Data collection'      
2 2 'Structure model' 'Database references'  
3 2 'Structure model' 'Derived calculations' 
4 2 'Structure model' 'Structure summary'    
# 
loop_
_pdbx_audit_revision_category.ordinal 
_pdbx_audit_revision_category.revision_ordinal 
_pdbx_audit_revision_category.data_content_type 
_pdbx_audit_revision_category.category 
1 2 'Structure model' chem_comp_atom            
2 2 'Structure model' chem_comp_bond            
3 2 'Structure model' database_2                
4 2 'Structure model' pdbx_entry_details        
5 2 'Structure model' pdbx_modification_feature 
6 2 'Structure model' pdbx_struct_conn_angle    
7 2 'Structure model' struct_conn               
8 2 'Structure model' struct_conn_type          
# 
loop_
_pdbx_audit_revision_item.ordinal 
_pdbx_audit_revision_item.revision_ordinal 
_pdbx_audit_revision_item.data_content_type 
_pdbx_audit_revision_item.item 
1  2 'Structure model' '_database_2.pdbx_DOI'                        
2  2 'Structure model' '_database_2.pdbx_database_accession'         
3  2 'Structure model' '_pdbx_struct_conn_angle.ptnr1_auth_comp_id'  
4  2 'Structure model' '_pdbx_struct_conn_angle.ptnr1_auth_seq_id'   
5  2 'Structure model' '_pdbx_struct_conn_angle.ptnr1_label_asym_id' 
6  2 'Structure model' '_pdbx_struct_conn_angle.ptnr1_label_atom_id' 
7  2 'Structure model' '_pdbx_struct_conn_angle.ptnr1_label_comp_id' 
8  2 'Structure model' '_pdbx_struct_conn_angle.ptnr1_label_seq_id'  
9  2 'Structure model' '_pdbx_struct_conn_angle.ptnr3_auth_comp_id'  
10 2 'Structure model' '_pdbx_struct_conn_angle.ptnr3_auth_seq_id'   
11 2 'Structure model' '_pdbx_struct_conn_angle.ptnr3_label_asym_id' 
12 2 'Structure model' '_pdbx_struct_conn_angle.ptnr3_label_atom_id' 
13 2 'Structure model' '_pdbx_struct_conn_angle.ptnr3_label_comp_id' 
14 2 'Structure model' '_pdbx_struct_conn_angle.ptnr3_label_seq_id'  
15 2 'Structure model' '_pdbx_struct_conn_angle.value'               
16 2 'Structure model' '_struct_conn.conn_type_id'                   
17 2 'Structure model' '_struct_conn.id'                             
18 2 'Structure model' '_struct_conn.pdbx_dist_value'                
19 2 'Structure model' '_struct_conn.pdbx_leaving_atom_flag'         
20 2 'Structure model' '_struct_conn.ptnr1_auth_comp_id'             
21 2 'Structure model' '_struct_conn.ptnr1_auth_seq_id'              
22 2 'Structure model' '_struct_conn.ptnr1_label_asym_id'            
23 2 'Structure model' '_struct_conn.ptnr1_label_atom_id'            
24 2 'Structure model' '_struct_conn.ptnr1_label_comp_id'            
25 2 'Structure model' '_struct_conn.ptnr1_label_seq_id'             
26 2 'Structure model' '_struct_conn.ptnr2_auth_comp_id'             
27 2 'Structure model' '_struct_conn.ptnr2_auth_seq_id'              
28 2 'Structure model' '_struct_conn.ptnr2_label_asym_id'            
29 2 'Structure model' '_struct_conn.ptnr2_label_atom_id'            
30 2 'Structure model' '_struct_conn.ptnr2_label_comp_id'            
31 2 'Structure model' '_struct_conn.ptnr2_label_seq_id'             
32 2 'Structure model' '_struct_conn.ptnr2_symmetry'                 
33 2 'Structure model' '_struct_conn_type.id'                        
# 
_pdbx_database_status.status_code                     REL 
_pdbx_database_status.status_code_sf                  REL 
_pdbx_database_status.status_code_mr                  ? 
_pdbx_database_status.entry_id                        6J98 
_pdbx_database_status.recvd_initial_deposition_date   2019-01-22 
_pdbx_database_status.SG_entry                        N 
_pdbx_database_status.deposit_site                    PDBJ 
_pdbx_database_status.process_site                    PDBJ 
_pdbx_database_status.status_code_cs                  ? 
_pdbx_database_status.methods_development_category    ? 
_pdbx_database_status.pdb_format_compatible           Y 
_pdbx_database_status.status_code_nmr_data            ? 
# 
loop_
_audit_author.name 
_audit_author.pdbx_ordinal 
_audit_author.identifier_ORCID 
'Cha, Y.J.' 1 0000-0001-9005-1140 
'Cho, H.S.' 2 0000-0003-4067-4715 
# 
loop_
_citation.abstract 
_citation.abstract_id_CAS 
_citation.book_id_ISBN 
_citation.book_publisher 
_citation.book_publisher_city 
_citation.book_title 
_citation.coordinate_linkage 
_citation.country 
_citation.database_id_Medline 
_citation.details 
_citation.id 
_citation.journal_abbrev 
_citation.journal_id_ASTM 
_citation.journal_id_CSD 
_citation.journal_id_ISSN 
_citation.journal_full 
_citation.journal_issue 
_citation.journal_volume 
_citation.language 
_citation.page_first 
_citation.page_last 
_citation.title 
_citation.year 
_citation.database_id_CSD 
_citation.pdbx_database_id_DOI 
_citation.pdbx_database_id_PubMed 
_citation.unpublished_flag 
? ? ? ? ? ? ? ? ? ? primary 'To Be Published' ? 0353 ?         ? ? ?  ? ?  ?  
'Crystal structure of P8 from Lactobacillus rhamnosus' ?    ? ?                        ?        ? 
? ? ? ? ? ? ? ? ? ? 1       'Toxicol Res'     ? ?    1976-8257 ? ? 30 ? 27 32 
;A Probiotic Preparation Duolac-Gold Ameliorates Dextran Sulphate Sodium-induced Mouse Colitis by Downregulating the Expression of IL-6.
;
2014 ? 10.5487/TR.2014.30.1.027 24795796 ? 
# 
loop_
_citation_author.citation_id 
_citation_author.name 
_citation_author.ordinal 
_citation_author.identifier_ORCID 
primary 'Cha, Y.J.'   1 ? 
primary 'Cho, H.S.'   2 ? 
1       'Yoon, H.'    3 ? 
1       'Yoon, Y.S.'  4 ? 
1       'Kim, M.S.'   5 ? 
1       'Chung, M.J.' 6 ? 
1       'Yum, D.Y.'   7 ? 
# 
loop_
_entity.id 
_entity.type 
_entity.src_method 
_entity.pdbx_description 
_entity.formula_weight 
_entity.pdbx_number_of_molecules 
_entity.pdbx_ec 
_entity.pdbx_mutation 
_entity.pdbx_fragment 
_entity.details 
1 polymer     man P8             9188.576 1  ? ? ? ? 
2 non-polymer syn 'ZINC ION'     65.409   5  ? ? ? ? 
3 non-polymer syn 1,2-ETHANEDIOL 62.068   1  ? ? ? ? 
4 non-polymer syn GLYCEROL       92.094   1  ? ? ? ? 
5 water       nat water          18.015   77 ? ? ? ? 
# 
_entity_poly.entity_id                      1 
_entity_poly.type                           'polypeptide(L)' 
_entity_poly.nstd_linkage                   no 
_entity_poly.nstd_monomer                   yes 
_entity_poly.pdbx_seq_one_letter_code       
;GS(MSE)ATVDPEKTLFLDEP(MSE)NKVFDWSNSEAPVRDALWDYY(MSE)EKNSRDTIKTEEE(MSE)KPVLD(MSE)
SDDEVKALAEKVLKKLE
;
_entity_poly.pdbx_seq_one_letter_code_can   GSMATVDPEKTLFLDEPMNKVFDWSNSEAPVRDALWDYYMEKNSRDTIKTEEEMKPVLDMSDDEVKALAEKVLKKLE 
_entity_poly.pdbx_strand_id                 A 
_entity_poly.pdbx_target_identifier         ? 
# 
loop_
_pdbx_entity_nonpoly.entity_id 
_pdbx_entity_nonpoly.name 
_pdbx_entity_nonpoly.comp_id 
2 'ZINC ION'     ZN  
3 1,2-ETHANEDIOL EDO 
4 GLYCEROL       GOL 
5 water          HOH 
# 
loop_
_entity_poly_seq.entity_id 
_entity_poly_seq.num 
_entity_poly_seq.mon_id 
_entity_poly_seq.hetero 
1 1  GLY n 
1 2  SER n 
1 3  MSE n 
1 4  ALA n 
1 5  THR n 
1 6  VAL n 
1 7  ASP n 
1 8  PRO n 
1 9  GLU n 
1 10 LYS n 
1 11 THR n 
1 12 LEU n 
1 13 PHE n 
1 14 LEU n 
1 15 ASP n 
1 16 GLU n 
1 17 PRO n 
1 18 MSE n 
1 19 ASN n 
1 20 LYS n 
1 21 VAL n 
1 22 PHE n 
1 23 ASP n 
1 24 TRP n 
1 25 SER n 
1 26 ASN n 
1 27 SER n 
1 28 GLU n 
1 29 ALA n 
1 30 PRO n 
1 31 VAL n 
1 32 ARG n 
1 33 ASP n 
1 34 ALA n 
1 35 LEU n 
1 36 TRP n 
1 37 ASP n 
1 38 TYR n 
1 39 TYR n 
1 40 MSE n 
1 41 GLU n 
1 42 LYS n 
1 43 ASN n 
1 44 SER n 
1 45 ARG n 
1 46 ASP n 
1 47 THR n 
1 48 ILE n 
1 49 LYS n 
1 50 THR n 
1 51 GLU n 
1 52 GLU n 
1 53 GLU n 
1 54 MSE n 
1 55 LYS n 
1 56 PRO n 
1 57 VAL n 
1 58 LEU n 
1 59 ASP n 
1 60 MSE n 
1 61 SER n 
1 62 ASP n 
1 63 ASP n 
1 64 GLU n 
1 65 VAL n 
1 66 LYS n 
1 67 ALA n 
1 68 LEU n 
1 69 ALA n 
1 70 GLU n 
1 71 LYS n 
1 72 VAL n 
1 73 LEU n 
1 74 LYS n 
1 75 LYS n 
1 76 LEU n 
1 77 GLU n 
# 
_entity_src_gen.entity_id                          1 
_entity_src_gen.pdbx_src_id                        1 
_entity_src_gen.pdbx_alt_source_flag               sample 
_entity_src_gen.pdbx_seq_type                      'Biological sequence' 
_entity_src_gen.pdbx_beg_seq_num                   1 
_entity_src_gen.pdbx_end_seq_num                   77 
_entity_src_gen.gene_src_common_name               ? 
_entity_src_gen.gene_src_genus                     ? 
_entity_src_gen.pdbx_gene_src_gene                 'B4Q13_10920, BGK71_11245, CCE29_09795, DBP98_10520, PY66_06245, PY91_09235' 
_entity_src_gen.gene_src_species                   ? 
_entity_src_gen.gene_src_strain                    ? 
_entity_src_gen.gene_src_tissue                    ? 
_entity_src_gen.gene_src_tissue_fraction           ? 
_entity_src_gen.gene_src_details                   ? 
_entity_src_gen.pdbx_gene_src_fragment             ? 
_entity_src_gen.pdbx_gene_src_scientific_name      'Lactobacillus rhamnosus' 
_entity_src_gen.pdbx_gene_src_ncbi_taxonomy_id     47715 
_entity_src_gen.pdbx_gene_src_variant              ? 
_entity_src_gen.pdbx_gene_src_cell_line            ? 
_entity_src_gen.pdbx_gene_src_atcc                 ? 
_entity_src_gen.pdbx_gene_src_organ                ? 
_entity_src_gen.pdbx_gene_src_organelle            ? 
_entity_src_gen.pdbx_gene_src_cell                 ? 
_entity_src_gen.pdbx_gene_src_cellular_location    ? 
_entity_src_gen.host_org_common_name               ? 
_entity_src_gen.pdbx_host_org_scientific_name      'Escherichia coli' 
_entity_src_gen.pdbx_host_org_ncbi_taxonomy_id     562 
_entity_src_gen.host_org_genus                     ? 
_entity_src_gen.pdbx_host_org_gene                 ? 
_entity_src_gen.pdbx_host_org_organ                ? 
_entity_src_gen.host_org_species                   ? 
_entity_src_gen.pdbx_host_org_tissue               ? 
_entity_src_gen.pdbx_host_org_tissue_fraction      ? 
_entity_src_gen.pdbx_host_org_strain               ? 
_entity_src_gen.pdbx_host_org_variant              ? 
_entity_src_gen.pdbx_host_org_cell_line            ? 
_entity_src_gen.pdbx_host_org_atcc                 ? 
_entity_src_gen.pdbx_host_org_culture_collection   ? 
_entity_src_gen.pdbx_host_org_cell                 ? 
_entity_src_gen.pdbx_host_org_organelle            ? 
_entity_src_gen.pdbx_host_org_cellular_location    ? 
_entity_src_gen.pdbx_host_org_vector_type          ? 
_entity_src_gen.pdbx_host_org_vector               ? 
_entity_src_gen.host_org_details                   ? 
_entity_src_gen.expression_system_id               ? 
_entity_src_gen.plasmid_name                       ? 
_entity_src_gen.plasmid_details                    ? 
_entity_src_gen.pdbx_description                   ? 
# 
loop_
_chem_comp.id 
_chem_comp.type 
_chem_comp.mon_nstd_flag 
_chem_comp.name 
_chem_comp.pdbx_synonyms 
_chem_comp.formula 
_chem_comp.formula_weight 
ALA 'L-peptide linking' y ALANINE          ?                               'C3 H7 N O2'     89.093  
ARG 'L-peptide linking' y ARGININE         ?                               'C6 H15 N4 O2 1' 175.209 
ASN 'L-peptide linking' y ASPARAGINE       ?                               'C4 H8 N2 O3'    132.118 
ASP 'L-peptide linking' y 'ASPARTIC ACID'  ?                               'C4 H7 N O4'     133.103 
EDO non-polymer         . 1,2-ETHANEDIOL   'ETHYLENE GLYCOL'               'C2 H6 O2'       62.068  
GLU 'L-peptide linking' y 'GLUTAMIC ACID'  ?                               'C5 H9 N O4'     147.129 
GLY 'peptide linking'   y GLYCINE          ?                               'C2 H5 N O2'     75.067  
GOL non-polymer         . GLYCEROL         'GLYCERIN; PROPANE-1,2,3-TRIOL' 'C3 H8 O3'       92.094  
HOH non-polymer         . WATER            ?                               'H2 O'           18.015  
ILE 'L-peptide linking' y ISOLEUCINE       ?                               'C6 H13 N O2'    131.173 
LEU 'L-peptide linking' y LEUCINE          ?                               'C6 H13 N O2'    131.173 
LYS 'L-peptide linking' y LYSINE           ?                               'C6 H15 N2 O2 1' 147.195 
MSE 'L-peptide linking' n SELENOMETHIONINE ?                               'C5 H11 N O2 Se' 196.106 
PHE 'L-peptide linking' y PHENYLALANINE    ?                               'C9 H11 N O2'    165.189 
PRO 'L-peptide linking' y PROLINE          ?                               'C5 H9 N O2'     115.130 
SER 'L-peptide linking' y SERINE           ?                               'C3 H7 N O3'     105.093 
THR 'L-peptide linking' y THREONINE        ?                               'C4 H9 N O3'     119.119 
TRP 'L-peptide linking' y TRYPTOPHAN       ?                               'C11 H12 N2 O2'  204.225 
TYR 'L-peptide linking' y TYROSINE         ?                               'C9 H11 N O3'    181.189 
VAL 'L-peptide linking' y VALINE           ?                               'C5 H11 N O2'    117.146 
ZN  non-polymer         . 'ZINC ION'       ?                               'Zn 2'           65.409  
# 
loop_
_pdbx_poly_seq_scheme.asym_id 
_pdbx_poly_seq_scheme.entity_id 
_pdbx_poly_seq_scheme.seq_id 
_pdbx_poly_seq_scheme.mon_id 
_pdbx_poly_seq_scheme.ndb_seq_num 
_pdbx_poly_seq_scheme.pdb_seq_num 
_pdbx_poly_seq_scheme.auth_seq_num 
_pdbx_poly_seq_scheme.pdb_mon_id 
_pdbx_poly_seq_scheme.auth_mon_id 
_pdbx_poly_seq_scheme.pdb_strand_id 
_pdbx_poly_seq_scheme.pdb_ins_code 
_pdbx_poly_seq_scheme.hetero 
A 1 1  GLY 1  -1 -1 GLY GLY A . n 
A 1 2  SER 2  0  0  SER SER A . n 
A 1 3  MSE 3  1  1  MSE MSE A . n 
A 1 4  ALA 4  2  2  ALA ALA A . n 
A 1 5  THR 5  3  3  THR THR A . n 
A 1 6  VAL 6  4  4  VAL VAL A . n 
A 1 7  ASP 7  5  5  ASP ASP A . n 
A 1 8  PRO 8  6  6  PRO PRO A . n 
A 1 9  GLU 9  7  7  GLU GLU A . n 
A 1 10 LYS 10 8  8  LYS LYS A . n 
A 1 11 THR 11 9  9  THR THR A . n 
A 1 12 LEU 12 10 10 LEU LEU A . n 
A 1 13 PHE 13 11 11 PHE PHE A . n 
A 1 14 LEU 14 12 12 LEU LEU A . n 
A 1 15 ASP 15 13 13 ASP ASP A . n 
A 1 16 GLU 16 14 14 GLU GLU A . n 
A 1 17 PRO 17 15 15 PRO PRO A . n 
A 1 18 MSE 18 16 16 MSE MSE A . n 
A 1 19 ASN 19 17 17 ASN ASN A . n 
A 1 20 LYS 20 18 18 LYS LYS A . n 
A 1 21 VAL 21 19 19 VAL VAL A . n 
A 1 22 PHE 22 20 20 PHE PHE A . n 
A 1 23 ASP 23 21 21 ASP ASP A . n 
A 1 24 TRP 24 22 22 TRP TRP A . n 
A 1 25 SER 25 23 23 SER SER A . n 
A 1 26 ASN 26 24 24 ASN ASN A . n 
A 1 27 SER 27 25 25 SER SER A . n 
A 1 28 GLU 28 26 26 GLU GLU A . n 
A 1 29 ALA 29 27 27 ALA ALA A . n 
A 1 30 PRO 30 28 28 PRO PRO A . n 
A 1 31 VAL 31 29 29 VAL VAL A . n 
A 1 32 ARG 32 30 30 ARG ARG A . n 
A 1 33 ASP 33 31 31 ASP ASP A . n 
A 1 34 ALA 34 32 32 ALA ALA A . n 
A 1 35 LEU 35 33 33 LEU LEU A . n 
A 1 36 TRP 36 34 34 TRP TRP A . n 
A 1 37 ASP 37 35 35 ASP ASP A . n 
A 1 38 TYR 38 36 36 TYR TYR A . n 
A 1 39 TYR 39 37 37 TYR TYR A . n 
A 1 40 MSE 40 38 38 MSE MSE A . n 
A 1 41 GLU 41 39 39 GLU GLU A . n 
A 1 42 LYS 42 40 40 LYS LYS A . n 
A 1 43 ASN 43 41 41 ASN ASN A . n 
A 1 44 SER 44 42 42 SER SER A . n 
A 1 45 ARG 45 43 43 ARG ARG A . n 
A 1 46 ASP 46 44 44 ASP ASP A . n 
A 1 47 THR 47 45 45 THR THR A . n 
A 1 48 ILE 48 46 46 ILE ILE A . n 
A 1 49 LYS 49 47 47 LYS LYS A . n 
A 1 50 THR 50 48 48 THR THR A . n 
A 1 51 GLU 51 49 49 GLU GLU A . n 
A 1 52 GLU 52 50 50 GLU GLU A . n 
A 1 53 GLU 53 51 51 GLU GLU A . n 
A 1 54 MSE 54 52 52 MSE MSE A . n 
A 1 55 LYS 55 53 53 LYS LYS A . n 
A 1 56 PRO 56 54 54 PRO PRO A . n 
A 1 57 VAL 57 55 55 VAL VAL A . n 
A 1 58 LEU 58 56 56 LEU LEU A . n 
A 1 59 ASP 59 57 57 ASP ASP A . n 
A 1 60 MSE 60 58 58 MSE MSE A . n 
A 1 61 SER 61 59 59 SER SER A . n 
A 1 62 ASP 62 60 60 ASP ASP A . n 
A 1 63 ASP 63 61 61 ASP ASP A . n 
A 1 64 GLU 64 62 62 GLU GLU A . n 
A 1 65 VAL 65 63 63 VAL VAL A . n 
A 1 66 LYS 66 64 64 LYS LYS A . n 
A 1 67 ALA 67 65 65 ALA ALA A . n 
A 1 68 LEU 68 66 66 LEU LEU A . n 
A 1 69 ALA 69 67 67 ALA ALA A . n 
A 1 70 GLU 70 68 68 GLU GLU A . n 
A 1 71 LYS 71 69 69 LYS LYS A . n 
A 1 72 VAL 72 70 70 VAL VAL A . n 
A 1 73 LEU 73 71 71 LEU LEU A . n 
A 1 74 LYS 74 72 72 LYS LYS A . n 
A 1 75 LYS 75 73 73 LYS LYS A . n 
A 1 76 LEU 76 74 ?  ?   ?   A . n 
A 1 77 GLU 77 75 ?  ?   ?   A . n 
# 
loop_
_pdbx_nonpoly_scheme.asym_id 
_pdbx_nonpoly_scheme.entity_id 
_pdbx_nonpoly_scheme.mon_id 
_pdbx_nonpoly_scheme.ndb_seq_num 
_pdbx_nonpoly_scheme.pdb_seq_num 
_pdbx_nonpoly_scheme.auth_seq_num 
_pdbx_nonpoly_scheme.pdb_mon_id 
_pdbx_nonpoly_scheme.auth_mon_id 
_pdbx_nonpoly_scheme.pdb_strand_id 
_pdbx_nonpoly_scheme.pdb_ins_code 
B 2 ZN  1  101 1  ZN  ZN  A . 
C 2 ZN  1  102 2  ZN  ZN  A . 
D 2 ZN  1  103 3  ZN  ZN  A . 
E 2 ZN  1  104 4  ZN  ZN  A . 
F 2 ZN  1  105 5  ZN  ZN  A . 
G 3 EDO 1  106 6  EDO EDO A . 
H 4 GOL 1  107 7  GOL GOL A . 
I 5 HOH 1  201 70 HOH HOH A . 
I 5 HOH 2  202 54 HOH HOH A . 
I 5 HOH 3  203 48 HOH HOH A . 
I 5 HOH 4  204 27 HOH HOH A . 
I 5 HOH 5  205 49 HOH HOH A . 
I 5 HOH 6  206 59 HOH HOH A . 
I 5 HOH 7  207 39 HOH HOH A . 
I 5 HOH 8  208 40 HOH HOH A . 
I 5 HOH 9  209 46 HOH HOH A . 
I 5 HOH 10 210 36 HOH HOH A . 
I 5 HOH 11 211 52 HOH HOH A . 
I 5 HOH 12 212 26 HOH HOH A . 
I 5 HOH 13 213 63 HOH HOH A . 
I 5 HOH 14 214 25 HOH HOH A . 
I 5 HOH 15 215 61 HOH HOH A . 
I 5 HOH 16 216 34 HOH HOH A . 
I 5 HOH 17 217 35 HOH HOH A . 
I 5 HOH 18 218 33 HOH HOH A . 
I 5 HOH 19 219 45 HOH HOH A . 
I 5 HOH 20 220 42 HOH HOH A . 
I 5 HOH 21 221 47 HOH HOH A . 
I 5 HOH 22 222 16 HOH HOH A . 
I 5 HOH 23 223 68 HOH HOH A . 
I 5 HOH 24 224 10 HOH HOH A . 
I 5 HOH 25 225 20 HOH HOH A . 
I 5 HOH 26 226 15 HOH HOH A . 
I 5 HOH 27 227 8  HOH HOH A . 
I 5 HOH 28 228 24 HOH HOH A . 
I 5 HOH 29 229 41 HOH HOH A . 
I 5 HOH 30 230 18 HOH HOH A . 
I 5 HOH 31 231 12 HOH HOH A . 
I 5 HOH 32 232 37 HOH HOH A . 
I 5 HOH 33 233 14 HOH HOH A . 
I 5 HOH 34 234 22 HOH HOH A . 
I 5 HOH 35 235 55 HOH HOH A . 
I 5 HOH 36 236 11 HOH HOH A . 
I 5 HOH 37 237 31 HOH HOH A . 
I 5 HOH 38 238 29 HOH HOH A . 
I 5 HOH 39 239 30 HOH HOH A . 
I 5 HOH 40 240 43 HOH HOH A . 
I 5 HOH 41 241 79 HOH HOH A . 
I 5 HOH 42 242 57 HOH HOH A . 
I 5 HOH 43 243 23 HOH HOH A . 
I 5 HOH 44 244 73 HOH HOH A . 
I 5 HOH 45 245 32 HOH HOH A . 
I 5 HOH 46 246 19 HOH HOH A . 
I 5 HOH 47 247 69 HOH HOH A . 
I 5 HOH 48 248 76 HOH HOH A . 
I 5 HOH 49 249 9  HOH HOH A . 
I 5 HOH 50 250 71 HOH HOH A . 
I 5 HOH 51 251 78 HOH HOH A . 
I 5 HOH 52 252 13 HOH HOH A . 
I 5 HOH 53 253 56 HOH HOH A . 
I 5 HOH 54 254 44 HOH HOH A . 
I 5 HOH 55 255 50 HOH HOH A . 
I 5 HOH 56 256 53 HOH HOH A . 
I 5 HOH 57 257 21 HOH HOH A . 
I 5 HOH 58 258 80 HOH HOH A . 
I 5 HOH 59 259 64 HOH HOH A . 
I 5 HOH 60 260 28 HOH HOH A . 
I 5 HOH 61 261 17 HOH HOH A . 
I 5 HOH 62 262 51 HOH HOH A . 
I 5 HOH 63 263 66 HOH HOH A . 
I 5 HOH 64 264 60 HOH HOH A . 
I 5 HOH 65 265 84 HOH HOH A . 
I 5 HOH 66 266 58 HOH HOH A . 
I 5 HOH 67 267 62 HOH HOH A . 
I 5 HOH 68 268 74 HOH HOH A . 
I 5 HOH 69 269 83 HOH HOH A . 
I 5 HOH 70 270 81 HOH HOH A . 
I 5 HOH 71 271 72 HOH HOH A . 
I 5 HOH 72 272 65 HOH HOH A . 
I 5 HOH 73 273 75 HOH HOH A . 
I 5 HOH 74 274 77 HOH HOH A . 
I 5 HOH 75 275 38 HOH HOH A . 
I 5 HOH 76 276 82 HOH HOH A . 
I 5 HOH 77 277 67 HOH HOH A . 
# 
loop_
_software.citation_id 
_software.classification 
_software.compiler_name 
_software.compiler_version 
_software.contact_author 
_software.contact_author_email 
_software.date 
_software.description 
_software.dependencies 
_software.hardware 
_software.language 
_software.location 
_software.mods 
_software.name 
_software.os 
_software.os_version 
_software.type 
_software.version 
_software.pdbx_ordinal 
? refinement       ? ? ? ? ? ? ? ? ? ? ? REFMAC  ? ? ? 5.8.0238 1 
? 'data reduction' ? ? ? ? ? ? ? ? ? ? ? MOSFLM  ? ? ? .        2 
? 'data scaling'   ? ? ? ? ? ? ? ? ? ? ? Aimless ? ? ? .        3 
? phasing          ? ? ? ? ? ? ? ? ? ? ? AutoSol ? ? ? .        4 
# 
_cell.angle_alpha                  90.00 
_cell.angle_alpha_esd              ? 
_cell.angle_beta                   90.00 
_cell.angle_beta_esd               ? 
_cell.angle_gamma                  90.00 
_cell.angle_gamma_esd              ? 
_cell.entry_id                     6J98 
_cell.details                      ? 
_cell.formula_units_Z              ? 
_cell.length_a                     40.860 
_cell.length_a_esd                 ? 
_cell.length_b                     40.860 
_cell.length_b_esd                 ? 
_cell.length_c                     107.010 
_cell.length_c_esd                 ? 
_cell.volume                       ? 
_cell.volume_esd                   ? 
_cell.Z_PDB                        8 
_cell.reciprocal_angle_alpha       ? 
_cell.reciprocal_angle_beta        ? 
_cell.reciprocal_angle_gamma       ? 
_cell.reciprocal_angle_alpha_esd   ? 
_cell.reciprocal_angle_beta_esd    ? 
_cell.reciprocal_angle_gamma_esd   ? 
_cell.reciprocal_length_a          ? 
_cell.reciprocal_length_b          ? 
_cell.reciprocal_length_c          ? 
_cell.reciprocal_length_a_esd      ? 
_cell.reciprocal_length_b_esd      ? 
_cell.reciprocal_length_c_esd      ? 
_cell.pdbx_unique_axis             ? 
# 
_symmetry.entry_id                         6J98 
_symmetry.cell_setting                     ? 
_symmetry.Int_Tables_number                96 
_symmetry.space_group_name_Hall            ? 
_symmetry.space_group_name_H-M             'P 43 21 2' 
_symmetry.pdbx_full_space_group_name_H-M   ? 
# 
_exptl.absorpt_coefficient_mu     ? 
_exptl.absorpt_correction_T_max   ? 
_exptl.absorpt_correction_T_min   ? 
_exptl.absorpt_correction_type    ? 
_exptl.absorpt_process_details    ? 
_exptl.entry_id                   6J98 
_exptl.crystals_number            1 
_exptl.details                    ? 
_exptl.method                     'X-RAY DIFFRACTION' 
_exptl.method_details             ? 
# 
_exptl_crystal.colour                      ? 
_exptl_crystal.density_diffrn              ? 
_exptl_crystal.density_Matthews            2.43 
_exptl_crystal.density_method              ? 
_exptl_crystal.density_percent_sol         49.39 
_exptl_crystal.description                 ? 
_exptl_crystal.F_000                       ? 
_exptl_crystal.id                          1 
_exptl_crystal.preparation                 ? 
_exptl_crystal.size_max                    ? 
_exptl_crystal.size_mid                    ? 
_exptl_crystal.size_min                    ? 
_exptl_crystal.size_rad                    ? 
_exptl_crystal.colour_lustre               ? 
_exptl_crystal.colour_modifier             ? 
_exptl_crystal.colour_primary              ? 
_exptl_crystal.density_meas                ? 
_exptl_crystal.density_meas_esd            ? 
_exptl_crystal.density_meas_gt             ? 
_exptl_crystal.density_meas_lt             ? 
_exptl_crystal.density_meas_temp           ? 
_exptl_crystal.density_meas_temp_esd       ? 
_exptl_crystal.density_meas_temp_gt        ? 
_exptl_crystal.density_meas_temp_lt        ? 
_exptl_crystal.pdbx_crystal_image_url      ? 
_exptl_crystal.pdbx_crystal_image_format   ? 
_exptl_crystal.pdbx_mosaicity              ? 
_exptl_crystal.pdbx_mosaicity_esd          ? 
# 
_exptl_crystal_grow.apparatus       ? 
_exptl_crystal_grow.atmosphere      ? 
_exptl_crystal_grow.crystal_id      1 
_exptl_crystal_grow.details         ? 
_exptl_crystal_grow.method          MICROBATCH 
_exptl_crystal_grow.method_ref      ? 
_exptl_crystal_grow.pH              ? 
_exptl_crystal_grow.pressure        ? 
_exptl_crystal_grow.pressure_esd    ? 
_exptl_crystal_grow.seeding         ? 
_exptl_crystal_grow.seeding_ref     ? 
_exptl_crystal_grow.temp            290 
_exptl_crystal_grow.temp_details    ? 
_exptl_crystal_grow.temp_esd        ? 
_exptl_crystal_grow.time            ? 
_exptl_crystal_grow.pdbx_details    '0.05M Zinc Acetate dihydrate, 20% PEG3350, 5% n-dodecyl-N, N-dimethylamine-N-oxide' 
_exptl_crystal_grow.pdbx_pH_range   ? 
# 
_diffrn.ambient_environment              ? 
_diffrn.ambient_temp                     100 
_diffrn.ambient_temp_details             ? 
_diffrn.ambient_temp_esd                 ? 
_diffrn.crystal_id                       1 
_diffrn.crystal_support                  ? 
_diffrn.crystal_treatment                ? 
_diffrn.details                          ? 
_diffrn.id                               1 
_diffrn.ambient_pressure                 ? 
_diffrn.ambient_pressure_esd             ? 
_diffrn.ambient_pressure_gt              ? 
_diffrn.ambient_pressure_lt              ? 
_diffrn.ambient_temp_gt                  ? 
_diffrn.ambient_temp_lt                  ? 
_diffrn.pdbx_serial_crystal_experiment   N 
# 
_diffrn_detector.details                      ? 
_diffrn_detector.detector                     PIXEL 
_diffrn_detector.diffrn_id                    1 
_diffrn_detector.type                         'DECTRIS EIGER X 4M' 
_diffrn_detector.area_resol_mean              ? 
_diffrn_detector.dtime                        ? 
_diffrn_detector.pdbx_frames_total            ? 
_diffrn_detector.pdbx_collection_time_total   ? 
_diffrn_detector.pdbx_collection_date         2016-12-17 
_diffrn_detector.pdbx_frequency               ? 
# 
_diffrn_radiation.collimation                      ? 
_diffrn_radiation.diffrn_id                        1 
_diffrn_radiation.filter_edge                      ? 
_diffrn_radiation.inhomogeneity                    ? 
_diffrn_radiation.monochromator                    ? 
_diffrn_radiation.polarisn_norm                    ? 
_diffrn_radiation.polarisn_ratio                   ? 
_diffrn_radiation.probe                            ? 
_diffrn_radiation.type                             ? 
_diffrn_radiation.xray_symbol                      ? 
_diffrn_radiation.wavelength_id                    1 
_diffrn_radiation.pdbx_monochromatic_or_laue_m_l   M 
_diffrn_radiation.pdbx_wavelength_list             ? 
_diffrn_radiation.pdbx_wavelength                  ? 
_diffrn_radiation.pdbx_diffrn_protocol             'SINGLE WAVELENGTH' 
_diffrn_radiation.pdbx_analyzer                    ? 
_diffrn_radiation.pdbx_scattering_type             x-ray 
# 
_diffrn_radiation_wavelength.id           1 
_diffrn_radiation_wavelength.wavelength   0.9738 
_diffrn_radiation_wavelength.wt           1.0 
# 
_diffrn_source.current                     ? 
_diffrn_source.details                     ? 
_diffrn_source.diffrn_id                   1 
_diffrn_source.power                       ? 
_diffrn_source.size                        ? 
_diffrn_source.source                      SYNCHROTRON 
_diffrn_source.target                      ? 
_diffrn_source.type                        'PHOTON FACTORY BEAMLINE BL-1A' 
_diffrn_source.voltage                     ? 
_diffrn_source.take-off_angle              ? 
_diffrn_source.pdbx_wavelength_list        0.9738 
_diffrn_source.pdbx_wavelength             ? 
_diffrn_source.pdbx_synchrotron_beamline   BL-1A 
_diffrn_source.pdbx_synchrotron_site       'Photon Factory' 
# 
_reflns.B_iso_Wilson_estimate            ? 
_reflns.entry_id                         6J98 
_reflns.data_reduction_details           ? 
_reflns.data_reduction_method            ? 
_reflns.d_resolution_high                1.56 
_reflns.d_resolution_low                 38.17 
_reflns.details                          ? 
_reflns.limit_h_max                      ? 
_reflns.limit_h_min                      ? 
_reflns.limit_k_max                      ? 
_reflns.limit_k_min                      ? 
_reflns.limit_l_max                      ? 
_reflns.limit_l_min                      ? 
_reflns.number_all                       ? 
_reflns.number_obs                       12894 
_reflns.observed_criterion               ? 
_reflns.observed_criterion_F_max         ? 
_reflns.observed_criterion_F_min         ? 
_reflns.observed_criterion_I_max         ? 
_reflns.observed_criterion_I_min         ? 
_reflns.observed_criterion_sigma_F       ? 
_reflns.observed_criterion_sigma_I       ? 
_reflns.percent_possible_obs             99.7 
_reflns.R_free_details                   ? 
_reflns.Rmerge_F_all                     ? 
_reflns.Rmerge_F_obs                     ? 
_reflns.Friedel_coverage                 ? 
_reflns.number_gt                        ? 
_reflns.threshold_expression             ? 
_reflns.pdbx_redundancy                  20 
_reflns.pdbx_Rmerge_I_obs                0.111 
_reflns.pdbx_Rmerge_I_all                ? 
_reflns.pdbx_Rsym_value                  ? 
_reflns.pdbx_netI_over_av_sigmaI         ? 
_reflns.pdbx_netI_over_sigmaI            4.95 
_reflns.pdbx_res_netI_over_av_sigmaI_2   ? 
_reflns.pdbx_res_netI_over_sigmaI_2      ? 
_reflns.pdbx_chi_squared                 ? 
_reflns.pdbx_scaling_rejects             ? 
_reflns.pdbx_d_res_high_opt              ? 
_reflns.pdbx_d_res_low_opt               ? 
_reflns.pdbx_d_res_opt_method            ? 
_reflns.phase_calculation_details        ? 
_reflns.pdbx_Rrim_I_all                  ? 
_reflns.pdbx_Rpim_I_all                  ? 
_reflns.pdbx_d_opt                       ? 
_reflns.pdbx_number_measured_all         ? 
_reflns.pdbx_diffrn_id                   1 
_reflns.pdbx_ordinal                     1 
_reflns.pdbx_CC_half                     ? 
_reflns.pdbx_R_split                     ? 
# 
_reflns_shell.d_res_high                  1.56 
_reflns_shell.d_res_low                   1.601 
_reflns_shell.meanI_over_sigI_all         ? 
_reflns_shell.meanI_over_sigI_obs         ? 
_reflns_shell.number_measured_all         ? 
_reflns_shell.number_measured_obs         ? 
_reflns_shell.number_possible             ? 
_reflns_shell.number_unique_all           ? 
_reflns_shell.number_unique_obs           925 
_reflns_shell.percent_possible_all        98.98 
_reflns_shell.percent_possible_obs        ? 
_reflns_shell.Rmerge_F_all                ? 
_reflns_shell.Rmerge_F_obs                ? 
_reflns_shell.Rmerge_I_all                ? 
_reflns_shell.Rmerge_I_obs                0.6 
_reflns_shell.meanI_over_sigI_gt          ? 
_reflns_shell.meanI_over_uI_all           ? 
_reflns_shell.meanI_over_uI_gt            ? 
_reflns_shell.number_measured_gt          ? 
_reflns_shell.number_unique_gt            ? 
_reflns_shell.percent_possible_gt         ? 
_reflns_shell.Rmerge_F_gt                 ? 
_reflns_shell.Rmerge_I_gt                 ? 
_reflns_shell.pdbx_redundancy             ? 
_reflns_shell.pdbx_Rsym_value             ? 
_reflns_shell.pdbx_chi_squared            ? 
_reflns_shell.pdbx_netI_over_sigmaI_all   ? 
_reflns_shell.pdbx_netI_over_sigmaI_obs   ? 
_reflns_shell.pdbx_Rrim_I_all             ? 
_reflns_shell.pdbx_Rpim_I_all             0.18 
_reflns_shell.pdbx_rejects                ? 
_reflns_shell.pdbx_ordinal                1 
_reflns_shell.pdbx_diffrn_id              1 
_reflns_shell.pdbx_CC_half                ? 
_reflns_shell.pdbx_R_split                ? 
# 
_refine.aniso_B[1][1]                            -0.63 
_refine.aniso_B[1][2]                            0.00 
_refine.aniso_B[1][3]                            0.00 
_refine.aniso_B[2][2]                            -0.63 
_refine.aniso_B[2][3]                            0.00 
_refine.aniso_B[3][3]                            1.27 
_refine.B_iso_max                                ? 
_refine.B_iso_mean                               16.651 
_refine.B_iso_min                                ? 
_refine.correlation_coeff_Fo_to_Fc               0.954 
_refine.correlation_coeff_Fo_to_Fc_free          0.948 
_refine.details                                  'HYDROGENS HAVE BEEN ADDED IN THE RIDING POSITIONS' 
_refine.diff_density_max                         ? 
_refine.diff_density_max_esd                     ? 
_refine.diff_density_min                         ? 
_refine.diff_density_min_esd                     ? 
_refine.diff_density_rms                         ? 
_refine.diff_density_rms_esd                     ? 
_refine.entry_id                                 6J98 
_refine.pdbx_refine_id                           'X-RAY DIFFRACTION' 
_refine.ls_abs_structure_details                 ? 
_refine.ls_abs_structure_Flack                   ? 
_refine.ls_abs_structure_Flack_esd               ? 
_refine.ls_abs_structure_Rogers                  ? 
_refine.ls_abs_structure_Rogers_esd              ? 
_refine.ls_d_res_high                            1.56 
_refine.ls_d_res_low                             38.17 
_refine.ls_extinction_coef                       ? 
_refine.ls_extinction_coef_esd                   ? 
_refine.ls_extinction_expression                 ? 
_refine.ls_extinction_method                     ? 
_refine.ls_goodness_of_fit_all                   ? 
_refine.ls_goodness_of_fit_all_esd               ? 
_refine.ls_goodness_of_fit_obs                   ? 
_refine.ls_goodness_of_fit_obs_esd               ? 
_refine.ls_hydrogen_treatment                    ? 
_refine.ls_matrix_type                           ? 
_refine.ls_number_constraints                    ? 
_refine.ls_number_parameters                     ? 
_refine.ls_number_reflns_all                     ? 
_refine.ls_number_reflns_obs                     12894 
_refine.ls_number_reflns_R_free                  697 
_refine.ls_number_reflns_R_work                  ? 
_refine.ls_number_restraints                     ? 
_refine.ls_percent_reflns_obs                    99.71 
_refine.ls_percent_reflns_R_free                 5.1 
_refine.ls_R_factor_all                          ? 
_refine.ls_R_factor_obs                          0.17862 
_refine.ls_R_factor_R_free                       0.19622 
_refine.ls_R_factor_R_free_error                 ? 
_refine.ls_R_factor_R_free_error_details         ? 
_refine.ls_R_factor_R_work                       0.17762 
_refine.ls_R_Fsqd_factor_obs                     ? 
_refine.ls_R_I_factor_obs                        ? 
_refine.ls_redundancy_reflns_all                 ? 
_refine.ls_redundancy_reflns_obs                 ? 
_refine.ls_restrained_S_all                      ? 
_refine.ls_restrained_S_obs                      ? 
_refine.ls_shift_over_esd_max                    ? 
_refine.ls_shift_over_esd_mean                   ? 
_refine.ls_structure_factor_coef                 ? 
_refine.ls_weighting_details                     ? 
_refine.ls_weighting_scheme                      ? 
_refine.ls_wR_factor_all                         ? 
_refine.ls_wR_factor_obs                         ? 
_refine.ls_wR_factor_R_free                      ? 
_refine.ls_wR_factor_R_work                      ? 
_refine.occupancy_max                            ? 
_refine.occupancy_min                            ? 
_refine.solvent_model_details                    MASK 
_refine.solvent_model_param_bsol                 ? 
_refine.solvent_model_param_ksol                 ? 
_refine.ls_R_factor_gt                           ? 
_refine.ls_goodness_of_fit_gt                    ? 
_refine.ls_goodness_of_fit_ref                   ? 
_refine.ls_shift_over_su_max                     ? 
_refine.ls_shift_over_su_max_lt                  ? 
_refine.ls_shift_over_su_mean                    ? 
_refine.ls_shift_over_su_mean_lt                 ? 
_refine.pdbx_ls_sigma_I                          ? 
_refine.pdbx_ls_sigma_F                          ? 
_refine.pdbx_ls_sigma_Fsqd                       ? 
_refine.pdbx_data_cutoff_high_absF               ? 
_refine.pdbx_data_cutoff_high_rms_absF           ? 
_refine.pdbx_data_cutoff_low_absF                ? 
_refine.pdbx_isotropic_thermal_model             ? 
_refine.pdbx_ls_cross_valid_method               THROUGHOUT 
_refine.pdbx_method_to_determine_struct          SAD 
_refine.pdbx_starting_model                      ? 
_refine.pdbx_stereochemistry_target_values       'MAXIMUM LIKELIHOOD' 
_refine.pdbx_R_Free_selection_details            RANDOM 
_refine.pdbx_stereochem_target_val_spec_case     ? 
_refine.pdbx_overall_ESU_R                       0.074 
_refine.pdbx_overall_ESU_R_Free                  0.073 
_refine.pdbx_solvent_vdw_probe_radii             1.20 
_refine.pdbx_solvent_ion_probe_radii             0.80 
_refine.pdbx_solvent_shrinkage_radii             0.80 
_refine.pdbx_real_space_R                        ? 
_refine.pdbx_density_correlation                 ? 
_refine.pdbx_pd_number_of_powder_patterns        ? 
_refine.pdbx_pd_number_of_points                 ? 
_refine.pdbx_pd_meas_number_of_points            ? 
_refine.pdbx_pd_proc_ls_prof_R_factor            ? 
_refine.pdbx_pd_proc_ls_prof_wR_factor           ? 
_refine.pdbx_pd_Marquardt_correlation_coeff      ? 
_refine.pdbx_pd_Fsqrd_R_factor                   ? 
_refine.pdbx_pd_ls_matrix_band_width             ? 
_refine.pdbx_overall_phase_error                 ? 
_refine.pdbx_overall_SU_R_free_Cruickshank_DPI   ? 
_refine.pdbx_overall_SU_R_free_Blow_DPI          ? 
_refine.pdbx_overall_SU_R_Blow_DPI               ? 
_refine.pdbx_TLS_residual_ADP_flag               ? 
_refine.pdbx_diffrn_id                           1 
_refine.overall_SU_B                             1.264 
_refine.overall_SU_ML                            0.047 
_refine.overall_SU_R_Cruickshank_DPI             ? 
_refine.overall_SU_R_free                        ? 
_refine.overall_FOM_free_R_set                   ? 
_refine.overall_FOM_work_R_set                   ? 
_refine.pdbx_average_fsc_overall                 ? 
_refine.pdbx_average_fsc_work                    ? 
_refine.pdbx_average_fsc_free                    ? 
# 
_refine_hist.pdbx_refine_id                   'X-RAY DIFFRACTION' 
_refine_hist.cycle_id                         1 
_refine_hist.pdbx_number_atoms_protein        607 
_refine_hist.pdbx_number_atoms_nucleic_acid   0 
_refine_hist.pdbx_number_atoms_ligand         15 
_refine_hist.number_atoms_solvent             77 
_refine_hist.number_atoms_total               699 
_refine_hist.d_res_high                       1.56 
_refine_hist.d_res_low                        38.17 
# 
loop_
_refine_ls_restr.pdbx_refine_id 
_refine_ls_restr.criterion 
_refine_ls_restr.dev_ideal 
_refine_ls_restr.dev_ideal_target 
_refine_ls_restr.number 
_refine_ls_restr.rejects 
_refine_ls_restr.type 
_refine_ls_restr.weight 
_refine_ls_restr.pdbx_restraint_function 
'X-RAY DIFFRACTION' ? 0.013  0.013  626  ? r_bond_refined_d             ? ? 
'X-RAY DIFFRACTION' ? 0.002  0.017  588  ? r_bond_other_d               ? ? 
'X-RAY DIFFRACTION' ? 1.781  1.672  840  ? r_angle_refined_deg          ? ? 
'X-RAY DIFFRACTION' ? 1.586  1.599  1379 ? r_angle_other_deg            ? ? 
'X-RAY DIFFRACTION' ? 4.709  5.000  74   ? r_dihedral_angle_1_deg       ? ? 
'X-RAY DIFFRACTION' ? 26.153 25.484 31   ? r_dihedral_angle_2_deg       ? ? 
'X-RAY DIFFRACTION' ? 10.293 15.000 107  ? r_dihedral_angle_3_deg       ? ? 
'X-RAY DIFFRACTION' ? 24.230 15.000 2    ? r_dihedral_angle_4_deg       ? ? 
'X-RAY DIFFRACTION' ? 0.084  0.200  79   ? r_chiral_restr               ? ? 
'X-RAY DIFFRACTION' ? 0.008  0.020  668  ? r_gen_planes_refined         ? ? 
'X-RAY DIFFRACTION' ? 0.001  0.020  110  ? r_gen_planes_other           ? ? 
'X-RAY DIFFRACTION' ? ?      ?      ?    ? r_nbd_refined                ? ? 
'X-RAY DIFFRACTION' ? ?      ?      ?    ? r_nbd_other                  ? ? 
'X-RAY DIFFRACTION' ? ?      ?      ?    ? r_nbtor_refined              ? ? 
'X-RAY DIFFRACTION' ? ?      ?      ?    ? r_nbtor_other                ? ? 
'X-RAY DIFFRACTION' ? ?      ?      ?    ? r_xyhbond_nbd_refined        ? ? 
'X-RAY DIFFRACTION' ? ?      ?      ?    ? r_xyhbond_nbd_other          ? ? 
'X-RAY DIFFRACTION' ? ?      ?      ?    ? r_metal_ion_refined          ? ? 
'X-RAY DIFFRACTION' ? ?      ?      ?    ? r_metal_ion_other            ? ? 
'X-RAY DIFFRACTION' ? ?      ?      ?    ? r_symmetry_vdw_refined       ? ? 
'X-RAY DIFFRACTION' ? ?      ?      ?    ? r_symmetry_vdw_other         ? ? 
'X-RAY DIFFRACTION' ? ?      ?      ?    ? r_symmetry_hbond_refined     ? ? 
'X-RAY DIFFRACTION' ? ?      ?      ?    ? r_symmetry_hbond_other       ? ? 
'X-RAY DIFFRACTION' ? ?      ?      ?    ? r_symmetry_metal_ion_refined ? ? 
'X-RAY DIFFRACTION' ? ?      ?      ?    ? r_symmetry_metal_ion_other   ? ? 
'X-RAY DIFFRACTION' ? 1.648  1.507  299  ? r_mcbond_it                  ? ? 
'X-RAY DIFFRACTION' ? 1.600  1.499  298  ? r_mcbond_other               ? ? 
'X-RAY DIFFRACTION' ? 2.388  2.252  372  ? r_mcangle_it                 ? ? 
'X-RAY DIFFRACTION' ? 2.392  2.259  373  ? r_mcangle_other              ? ? 
'X-RAY DIFFRACTION' ? 2.628  1.771  327  ? r_scbond_it                  ? ? 
'X-RAY DIFFRACTION' ? 2.624  1.774  328  ? r_scbond_other               ? ? 
'X-RAY DIFFRACTION' ? ?      ?      ?    ? r_scangle_it                 ? ? 
'X-RAY DIFFRACTION' ? 3.718  2.541  469  ? r_scangle_other              ? ? 
'X-RAY DIFFRACTION' ? 4.600  19.057 724  ? r_long_range_B_refined       ? ? 
'X-RAY DIFFRACTION' ? 4.536  18.723 714  ? r_long_range_B_other         ? ? 
'X-RAY DIFFRACTION' ? ?      ?      ?    ? r_rigid_bond_restr           ? ? 
'X-RAY DIFFRACTION' ? ?      ?      ?    ? r_sphericity_free            ? ? 
'X-RAY DIFFRACTION' ? ?      ?      ?    ? r_sphericity_bonded          ? ? 
# 
_refine_ls_shell.pdbx_refine_id                   'X-RAY DIFFRACTION' 
_refine_ls_shell.d_res_high                       1.560 
_refine_ls_shell.d_res_low                        1.601 
_refine_ls_shell.number_reflns_all                ? 
_refine_ls_shell.number_reflns_obs                ? 
_refine_ls_shell.number_reflns_R_free             49 
_refine_ls_shell.number_reflns_R_work             925 
_refine_ls_shell.percent_reflns_obs               98.98 
_refine_ls_shell.percent_reflns_R_free            ? 
_refine_ls_shell.R_factor_all                     ? 
_refine_ls_shell.R_factor_obs                     ? 
_refine_ls_shell.R_factor_R_free                  0.261 
_refine_ls_shell.R_factor_R_free_error            ? 
_refine_ls_shell.R_factor_R_work                  0.210 
_refine_ls_shell.redundancy_reflns_all            ? 
_refine_ls_shell.redundancy_reflns_obs            ? 
_refine_ls_shell.wR_factor_all                    ? 
_refine_ls_shell.wR_factor_obs                    ? 
_refine_ls_shell.wR_factor_R_free                 ? 
_refine_ls_shell.wR_factor_R_work                 ? 
_refine_ls_shell.pdbx_total_number_of_bins_used   20 
_refine_ls_shell.pdbx_phase_error                 ? 
_refine_ls_shell.pdbx_fsc_work                    ? 
_refine_ls_shell.pdbx_fsc_free                    ? 
# 
_struct.entry_id                     6J98 
_struct.title                        'Crystal structure of P8 from Lactobacillus rhamnosus' 
_struct.pdbx_model_details           ? 
_struct.pdbx_formula_weight          ? 
_struct.pdbx_formula_weight_method   ? 
_struct.pdbx_model_type_details      ? 
_struct.pdbx_CASP_flag               N 
# 
_struct_keywords.entry_id        6J98 
_struct_keywords.text            'Lactobacillus Rhamnosus, P8, UNKNOWN FUNCTION' 
_struct_keywords.pdbx_keywords   'UNKNOWN FUNCTION' 
# 
loop_
_struct_asym.id 
_struct_asym.pdbx_blank_PDB_chainid_flag 
_struct_asym.pdbx_modified 
_struct_asym.entity_id 
_struct_asym.details 
A N N 1 ? 
B N N 2 ? 
C N N 2 ? 
D N N 2 ? 
E N N 2 ? 
F N N 2 ? 
G N N 3 ? 
H N N 4 ? 
I N N 5 ? 
# 
_struct_ref.id                         1 
_struct_ref.db_name                    UNP 
_struct_ref.db_code                    A0A0E3CPJ0_LACRH 
_struct_ref.pdbx_db_accession          A0A0E3CPJ0 
_struct_ref.pdbx_db_isoform            ? 
_struct_ref.entity_id                  1 
_struct_ref.pdbx_seq_one_letter_code   MATVDPEKTLFLDEPMNKVFDWSNSEAPVRDALWDYYMEKNSRDTIKTEEEMKPVLDMSDDEVKALAEKVLKK 
_struct_ref.pdbx_align_begin           1 
# 
_struct_ref_seq.align_id                      1 
_struct_ref_seq.ref_id                        1 
_struct_ref_seq.pdbx_PDB_id_code              6J98 
_struct_ref_seq.pdbx_strand_id                A 
_struct_ref_seq.seq_align_beg                 3 
_struct_ref_seq.pdbx_seq_align_beg_ins_code   ? 
_struct_ref_seq.seq_align_end                 75 
_struct_ref_seq.pdbx_seq_align_end_ins_code   ? 
_struct_ref_seq.pdbx_db_accession             A0A0E3CPJ0 
_struct_ref_seq.db_align_beg                  1 
_struct_ref_seq.pdbx_db_align_beg_ins_code    ? 
_struct_ref_seq.db_align_end                  73 
_struct_ref_seq.pdbx_db_align_end_ins_code    ? 
_struct_ref_seq.pdbx_auth_seq_align_beg       1 
_struct_ref_seq.pdbx_auth_seq_align_end       73 
# 
loop_
_struct_ref_seq_dif.align_id 
_struct_ref_seq_dif.pdbx_pdb_id_code 
_struct_ref_seq_dif.mon_id 
_struct_ref_seq_dif.pdbx_pdb_strand_id 
_struct_ref_seq_dif.seq_num 
_struct_ref_seq_dif.pdbx_pdb_ins_code 
_struct_ref_seq_dif.pdbx_seq_db_name 
_struct_ref_seq_dif.pdbx_seq_db_accession_code 
_struct_ref_seq_dif.db_mon_id 
_struct_ref_seq_dif.pdbx_seq_db_seq_num 
_struct_ref_seq_dif.details 
_struct_ref_seq_dif.pdbx_auth_seq_num 
_struct_ref_seq_dif.pdbx_ordinal 
1 6J98 GLY A 1  ? UNP A0A0E3CPJ0 ? ? 'expression tag' -1 1 
1 6J98 SER A 2  ? UNP A0A0E3CPJ0 ? ? 'expression tag' 0  2 
1 6J98 LEU A 76 ? UNP A0A0E3CPJ0 ? ? 'expression tag' 74 3 
1 6J98 GLU A 77 ? UNP A0A0E3CPJ0 ? ? 'expression tag' 75 4 
# 
_pdbx_struct_assembly.id                   1 
_pdbx_struct_assembly.details              author_defined_assembly 
_pdbx_struct_assembly.method_details       ? 
_pdbx_struct_assembly.oligomeric_details   monomeric 
_pdbx_struct_assembly.oligomeric_count     1 
# 
loop_
_pdbx_struct_assembly_prop.biol_id 
_pdbx_struct_assembly_prop.type 
_pdbx_struct_assembly_prop.value 
_pdbx_struct_assembly_prop.details 
1 'ABSA (A^2)' 760  ? 
1 MORE         -109 ? 
1 'SSA (A^2)'  5680 ? 
# 
_pdbx_struct_assembly_gen.assembly_id       1 
_pdbx_struct_assembly_gen.oper_expression   1 
_pdbx_struct_assembly_gen.asym_id_list      A,B,C,D,E,F,G,H,I 
# 
_pdbx_struct_assembly_auth_evidence.id                     1 
_pdbx_struct_assembly_auth_evidence.assembly_id            1 
_pdbx_struct_assembly_auth_evidence.experimental_support   'light scattering' 
_pdbx_struct_assembly_auth_evidence.details                ? 
# 
_pdbx_struct_oper_list.id                   1 
_pdbx_struct_oper_list.type                 'identity operation' 
_pdbx_struct_oper_list.name                 1_555 
_pdbx_struct_oper_list.symmetry_operation   x,y,z 
_pdbx_struct_oper_list.matrix[1][1]         1.0000000000 
_pdbx_struct_oper_list.matrix[1][2]         0.0000000000 
_pdbx_struct_oper_list.matrix[1][3]         0.0000000000 
_pdbx_struct_oper_list.vector[1]            0.0000000000 
_pdbx_struct_oper_list.matrix[2][1]         0.0000000000 
_pdbx_struct_oper_list.matrix[2][2]         1.0000000000 
_pdbx_struct_oper_list.matrix[2][3]         0.0000000000 
_pdbx_struct_oper_list.vector[2]            0.0000000000 
_pdbx_struct_oper_list.matrix[3][1]         0.0000000000 
_pdbx_struct_oper_list.matrix[3][2]         0.0000000000 
_pdbx_struct_oper_list.matrix[3][3]         1.0000000000 
_pdbx_struct_oper_list.vector[3]            0.0000000000 
# 
loop_
_struct_conf.conf_type_id 
_struct_conf.id 
_struct_conf.pdbx_PDB_helix_id 
_struct_conf.beg_label_comp_id 
_struct_conf.beg_label_asym_id 
_struct_conf.beg_label_seq_id 
_struct_conf.pdbx_beg_PDB_ins_code 
_struct_conf.end_label_comp_id 
_struct_conf.end_label_asym_id 
_struct_conf.end_label_seq_id 
_struct_conf.pdbx_end_PDB_ins_code 
_struct_conf.beg_auth_comp_id 
_struct_conf.beg_auth_asym_id 
_struct_conf.beg_auth_seq_id 
_struct_conf.end_auth_comp_id 
_struct_conf.end_auth_asym_id 
_struct_conf.end_auth_seq_id 
_struct_conf.pdbx_PDB_helix_class 
_struct_conf.details 
_struct_conf.pdbx_PDB_helix_length 
HELX_P HELX_P1 AA1 LEU A 12 ? GLU A 16 ? LEU A 10 GLU A 14 5 ? 5  
HELX_P HELX_P2 AA2 PRO A 17 ? PHE A 22 ? PRO A 15 PHE A 20 1 ? 6  
HELX_P HELX_P3 AA3 PRO A 30 ? ASN A 43 ? PRO A 28 ASN A 41 1 ? 14 
HELX_P HELX_P4 AA4 ASP A 46 ? LYS A 55 ? ASP A 44 LYS A 53 1 ? 10 
HELX_P HELX_P5 AA5 PRO A 56 ? MSE A 60 ? PRO A 54 MSE A 58 5 ? 5  
HELX_P HELX_P6 AA6 SER A 61 ? LEU A 73 ? SER A 59 LEU A 71 1 ? 13 
# 
_struct_conf_type.id          HELX_P 
_struct_conf_type.criteria    ? 
_struct_conf_type.reference   ? 
# 
loop_
_struct_conn.id 
_struct_conn.conn_type_id 
_struct_conn.pdbx_leaving_atom_flag 
_struct_conn.pdbx_PDB_id 
_struct_conn.ptnr1_label_asym_id 
_struct_conn.ptnr1_label_comp_id 
_struct_conn.ptnr1_label_seq_id 
_struct_conn.ptnr1_label_atom_id 
_struct_conn.pdbx_ptnr1_label_alt_id 
_struct_conn.pdbx_ptnr1_PDB_ins_code 
_struct_conn.pdbx_ptnr1_standard_comp_id 
_struct_conn.ptnr1_symmetry 
_struct_conn.ptnr2_label_asym_id 
_struct_conn.ptnr2_label_comp_id 
_struct_conn.ptnr2_label_seq_id 
_struct_conn.ptnr2_label_atom_id 
_struct_conn.pdbx_ptnr2_label_alt_id 
_struct_conn.pdbx_ptnr2_PDB_ins_code 
_struct_conn.ptnr1_auth_asym_id 
_struct_conn.ptnr1_auth_comp_id 
_struct_conn.ptnr1_auth_seq_id 
_struct_conn.ptnr2_auth_asym_id 
_struct_conn.ptnr2_auth_comp_id 
_struct_conn.ptnr2_auth_seq_id 
_struct_conn.ptnr2_symmetry 
_struct_conn.pdbx_ptnr3_label_atom_id 
_struct_conn.pdbx_ptnr3_label_seq_id 
_struct_conn.pdbx_ptnr3_label_comp_id 
_struct_conn.pdbx_ptnr3_label_asym_id 
_struct_conn.pdbx_ptnr3_label_alt_id 
_struct_conn.pdbx_ptnr3_PDB_ins_code 
_struct_conn.details 
_struct_conn.pdbx_dist_value 
_struct_conn.pdbx_value_order 
_struct_conn.pdbx_role 
covale1  covale both ? A SER 2  C   ? ? ? 1_555 A MSE 3  N  ? ? A SER 0   A MSE 1   1_555 ? ? ? ? ? ? ? 1.335 ? ? 
covale2  covale both ? A MSE 3  C   ? ? ? 1_555 A ALA 4  N  ? ? A MSE 1   A ALA 2   1_555 ? ? ? ? ? ? ? 1.320 ? ? 
covale3  covale both ? A PRO 17 C   ? ? ? 1_555 A MSE 18 N  ? ? A PRO 15  A MSE 16  1_555 ? ? ? ? ? ? ? 1.310 ? ? 
covale4  covale both ? A MSE 18 C   ? ? ? 1_555 A ASN 19 N  ? ? A MSE 16  A ASN 17  1_555 ? ? ? ? ? ? ? 1.327 ? ? 
covale5  covale both ? A TYR 39 C   ? ? ? 1_555 A MSE 40 N  ? ? A TYR 37  A MSE 38  1_555 ? ? ? ? ? ? ? 1.325 ? ? 
covale6  covale both ? A MSE 40 C   ? ? ? 1_555 A GLU 41 N  ? ? A MSE 38  A GLU 39  1_555 ? ? ? ? ? ? ? 1.315 ? ? 
covale7  covale both ? A GLU 53 C   ? ? ? 1_555 A MSE 54 N  ? ? A GLU 51  A MSE 52  1_555 ? ? ? ? ? ? ? 1.332 ? ? 
covale8  covale both ? A MSE 54 C   ? ? ? 1_555 A LYS 55 N  ? ? A MSE 52  A LYS 53  1_555 ? ? ? ? ? ? ? 1.334 ? ? 
covale9  covale both ? A ASP 59 C   ? ? ? 1_555 A MSE 60 N  ? ? A ASP 57  A MSE 58  1_555 ? ? ? ? ? ? ? 1.320 ? ? 
covale10 covale both ? A MSE 60 C   ? ? ? 1_555 A SER 61 N  ? ? A MSE 58  A SER 59  1_555 ? ? ? ? ? ? ? 1.328 ? ? 
metalc1  metalc ?    ? A GLY 1  N   ? ? ? 1_555 B ZN  .  ZN ? ? A GLY -1  A ZN  101 1_555 ? ? ? ? ? ? ? 2.102 ? ? 
metalc2  metalc ?    ? A GLY 1  O   ? ? ? 1_555 B ZN  .  ZN ? ? A GLY -1  A ZN  101 1_555 ? ? ? ? ? ? ? 2.110 ? ? 
metalc3  metalc ?    ? A ASP 7  OD2 ? ? ? 1_555 D ZN  .  ZN ? ? A ASP 5   A ZN  103 1_555 ? ? ? ? ? ? ? 1.893 ? ? 
metalc4  metalc ?    ? A ASP 7  OD2 ? ? ? 1_555 D ZN  .  ZN ? ? A ASP 5   A ZN  103 7_645 ? ? ? ? ? ? ? 1.893 ? ? 
metalc5  metalc ?    ? A GLU 9  OE2 ? ? ? 1_555 C ZN  .  ZN ? ? A GLU 7   A ZN  102 1_555 ? ? ? ? ? ? ? 1.971 ? ? 
metalc6  metalc ?    ? A GLU 16 OE1 ? ? ? 1_555 C ZN  .  ZN ? ? A GLU 14  A ZN  102 1_555 ? ? ? ? ? ? ? 2.018 ? ? 
metalc7  metalc ?    ? A LYS 20 NZ  ? ? ? 1_555 C ZN  .  ZN ? ? A LYS 18  A ZN  102 1_555 ? ? ? ? ? ? ? 2.206 ? ? 
metalc8  metalc ?    ? A ASP 33 OD2 ? ? ? 1_555 F ZN  .  ZN ? ? A ASP 31  A ZN  105 1_555 ? ? ? ? ? ? ? 2.200 ? ? 
metalc9  metalc ?    ? A ASP 37 OD1 ? ? ? 1_555 E ZN  .  ZN ? ? A ASP 35  A ZN  104 1_555 ? ? ? ? ? ? ? 2.454 ? ? 
metalc10 metalc ?    ? A ASP 37 OD2 ? ? ? 1_555 E ZN  .  ZN ? ? A ASP 35  A ZN  104 1_555 ? ? ? ? ? ? ? 2.137 ? ? 
metalc11 metalc ?    ? A GLU 41 OE2 ? ? ? 1_555 E ZN  .  ZN ? ? A GLU 39  A ZN  104 1_555 ? ? ? ? ? ? ? 1.937 ? ? 
metalc12 metalc ?    ? A GLU 52 OE2 ? ? ? 1_555 D ZN  .  ZN ? ? A GLU 50  A ZN  103 1_455 ? ? ? ? ? ? ? 2.019 ? ? 
metalc13 metalc ?    ? A ASP 62 OD2 ? ? ? 1_555 E ZN  .  ZN ? ? A ASP 60  A ZN  104 5_544 ? ? ? ? ? ? ? 1.913 ? ? 
metalc14 metalc ?    ? A GLU 64 OE1 ? ? ? 1_555 B ZN  .  ZN ? ? A GLU 62  A ZN  101 1_455 ? ? ? ? ? ? ? 2.252 ? ? 
metalc15 metalc ?    ? A GLU 64 OE2 ? ? ? 1_555 B ZN  .  ZN ? ? A GLU 62  A ZN  101 1_455 ? ? ? ? ? ? ? 2.152 ? ? 
metalc16 metalc ?    ? B ZN  .  ZN  ? ? ? 1_555 I HOH .  O  ? ? A ZN  101 A HOH 212 5_644 ? ? ? ? ? ? ? 2.113 ? ? 
metalc17 metalc ?    ? B ZN  .  ZN  ? ? ? 1_555 I HOH .  O  ? ? A ZN  101 A HOH 219 1_655 ? ? ? ? ? ? ? 2.162 ? ? 
metalc18 metalc ?    ? C ZN  .  ZN  ? ? ? 1_555 I HOH .  O  ? ? A ZN  102 A HOH 262 1_555 ? ? ? ? ? ? ? 1.983 ? ? 
metalc19 metalc ?    ? E ZN  .  ZN  ? ? ? 1_555 I HOH .  O  ? ? A ZN  104 A HOH 249 1_555 ? ? ? ? ? ? ? 2.161 ? ? 
# 
loop_
_struct_conn_type.id 
_struct_conn_type.criteria 
_struct_conn_type.reference 
covale ? ? 
metalc ? ? 
# 
loop_
_pdbx_struct_conn_angle.id 
_pdbx_struct_conn_angle.ptnr1_label_atom_id 
_pdbx_struct_conn_angle.ptnr1_label_alt_id 
_pdbx_struct_conn_angle.ptnr1_label_asym_id 
_pdbx_struct_conn_angle.ptnr1_label_comp_id 
_pdbx_struct_conn_angle.ptnr1_label_seq_id 
_pdbx_struct_conn_angle.ptnr1_auth_atom_id 
_pdbx_struct_conn_angle.ptnr1_auth_asym_id 
_pdbx_struct_conn_angle.ptnr1_auth_comp_id 
_pdbx_struct_conn_angle.ptnr1_auth_seq_id 
_pdbx_struct_conn_angle.ptnr1_PDB_ins_code 
_pdbx_struct_conn_angle.ptnr1_symmetry 
_pdbx_struct_conn_angle.ptnr2_label_atom_id 
_pdbx_struct_conn_angle.ptnr2_label_alt_id 
_pdbx_struct_conn_angle.ptnr2_label_asym_id 
_pdbx_struct_conn_angle.ptnr2_label_comp_id 
_pdbx_struct_conn_angle.ptnr2_label_seq_id 
_pdbx_struct_conn_angle.ptnr2_auth_atom_id 
_pdbx_struct_conn_angle.ptnr2_auth_asym_id 
_pdbx_struct_conn_angle.ptnr2_auth_comp_id 
_pdbx_struct_conn_angle.ptnr2_auth_seq_id 
_pdbx_struct_conn_angle.ptnr2_PDB_ins_code 
_pdbx_struct_conn_angle.ptnr2_symmetry 
_pdbx_struct_conn_angle.ptnr3_label_atom_id 
_pdbx_struct_conn_angle.ptnr3_label_alt_id 
_pdbx_struct_conn_angle.ptnr3_label_asym_id 
_pdbx_struct_conn_angle.ptnr3_label_comp_id 
_pdbx_struct_conn_angle.ptnr3_label_seq_id 
_pdbx_struct_conn_angle.ptnr3_auth_atom_id 
_pdbx_struct_conn_angle.ptnr3_auth_asym_id 
_pdbx_struct_conn_angle.ptnr3_auth_comp_id 
_pdbx_struct_conn_angle.ptnr3_auth_seq_id 
_pdbx_struct_conn_angle.ptnr3_PDB_ins_code 
_pdbx_struct_conn_angle.ptnr3_symmetry 
_pdbx_struct_conn_angle.value 
_pdbx_struct_conn_angle.value_esd 
1  N   ? A GLY 1  ? A GLY -1  ? 1_555 ZN ? B ZN . ? A ZN 101 ? 1_555 O   ? A GLY 1  ? A GLY -1  ? 1_555 81.4  ? 
2  N   ? A GLY 1  ? A GLY -1  ? 1_555 ZN ? B ZN . ? A ZN 101 ? 1_555 OE1 ? A GLU 64 ? A GLU 62  ? 1_555 100.3 ? 
3  O   ? A GLY 1  ? A GLY -1  ? 1_555 ZN ? B ZN . ? A ZN 101 ? 1_555 OE1 ? A GLU 64 ? A GLU 62  ? 1_555 26.7  ? 
4  N   ? A GLY 1  ? A GLY -1  ? 1_555 ZN ? B ZN . ? A ZN 101 ? 1_555 OE2 ? A GLU 64 ? A GLU 62  ? 1_555 102.1 ? 
5  O   ? A GLY 1  ? A GLY -1  ? 1_555 ZN ? B ZN . ? A ZN 101 ? 1_555 OE2 ? A GLU 64 ? A GLU 62  ? 1_555 29.4  ? 
6  OE1 ? A GLU 64 ? A GLU 62  ? 1_555 ZN ? B ZN . ? A ZN 101 ? 1_555 OE2 ? A GLU 64 ? A GLU 62  ? 1_555 2.7   ? 
7  N   ? A GLY 1  ? A GLY -1  ? 1_555 ZN ? B ZN . ? A ZN 101 ? 1_555 O   ? I HOH .  ? A HOH 212 ? 5_644 95.5  ? 
8  O   ? A GLY 1  ? A GLY -1  ? 1_555 ZN ? B ZN . ? A ZN 101 ? 1_555 O   ? I HOH .  ? A HOH 212 ? 5_644 89.7  ? 
9  OE1 ? A GLU 64 ? A GLU 62  ? 1_555 ZN ? B ZN . ? A ZN 101 ? 1_555 O   ? I HOH .  ? A HOH 212 ? 5_644 69.4  ? 
10 OE2 ? A GLU 64 ? A GLU 62  ? 1_555 ZN ? B ZN . ? A ZN 101 ? 1_555 O   ? I HOH .  ? A HOH 212 ? 5_644 67.3  ? 
11 N   ? A GLY 1  ? A GLY -1  ? 1_555 ZN ? B ZN . ? A ZN 101 ? 1_555 O   ? I HOH .  ? A HOH 219 ? 1_655 94.6  ? 
12 O   ? A GLY 1  ? A GLY -1  ? 1_555 ZN ? B ZN . ? A ZN 101 ? 1_555 O   ? I HOH .  ? A HOH 219 ? 1_655 175.5 ? 
13 OE1 ? A GLU 64 ? A GLU 62  ? 1_555 ZN ? B ZN . ? A ZN 101 ? 1_555 O   ? I HOH .  ? A HOH 219 ? 1_655 157.6 ? 
14 OE2 ? A GLU 64 ? A GLU 62  ? 1_555 ZN ? B ZN . ? A ZN 101 ? 1_555 O   ? I HOH .  ? A HOH 219 ? 1_655 154.9 ? 
15 O   ? I HOH .  ? A HOH 212 ? 5_644 ZN ? B ZN . ? A ZN 101 ? 1_555 O   ? I HOH .  ? A HOH 219 ? 1_655 92.8  ? 
16 OD2 ? A ASP 7  ? A ASP 5   ? 1_555 ZN ? D ZN . ? A ZN 103 ? 1_555 OD2 ? A ASP 7  ? A ASP 5   ? 1_555 0.0   ? 
17 OD2 ? A ASP 7  ? A ASP 5   ? 1_555 ZN ? D ZN . ? A ZN 103 ? 1_555 OE2 ? A GLU 52 ? A GLU 50  ? 1_555 63.9  ? 
18 OD2 ? A ASP 7  ? A ASP 5   ? 1_555 ZN ? D ZN . ? A ZN 103 ? 1_555 OE2 ? A GLU 52 ? A GLU 50  ? 1_555 63.9  ? 
19 OE2 ? A GLU 9  ? A GLU 7   ? 1_555 ZN ? C ZN . ? A ZN 102 ? 1_555 OE1 ? A GLU 16 ? A GLU 14  ? 1_555 119.4 ? 
20 OE2 ? A GLU 9  ? A GLU 7   ? 1_555 ZN ? C ZN . ? A ZN 102 ? 1_555 NZ  ? A LYS 20 ? A LYS 18  ? 1_555 114.1 ? 
21 OE1 ? A GLU 16 ? A GLU 14  ? 1_555 ZN ? C ZN . ? A ZN 102 ? 1_555 NZ  ? A LYS 20 ? A LYS 18  ? 1_555 107.9 ? 
22 OE2 ? A GLU 9  ? A GLU 7   ? 1_555 ZN ? C ZN . ? A ZN 102 ? 1_555 O   ? I HOH .  ? A HOH 262 ? 1_555 105.2 ? 
23 OE1 ? A GLU 16 ? A GLU 14  ? 1_555 ZN ? C ZN . ? A ZN 102 ? 1_555 O   ? I HOH .  ? A HOH 262 ? 1_555 98.9  ? 
24 NZ  ? A LYS 20 ? A LYS 18  ? 1_555 ZN ? C ZN . ? A ZN 102 ? 1_555 O   ? I HOH .  ? A HOH 262 ? 1_555 110.0 ? 
25 OD1 ? A ASP 37 ? A ASP 35  ? 1_555 ZN ? E ZN . ? A ZN 104 ? 1_555 OD2 ? A ASP 37 ? A ASP 35  ? 1_555 54.5  ? 
26 OD1 ? A ASP 37 ? A ASP 35  ? 1_555 ZN ? E ZN . ? A ZN 104 ? 1_555 OE2 ? A GLU 41 ? A GLU 39  ? 1_555 104.3 ? 
27 OD2 ? A ASP 37 ? A ASP 35  ? 1_555 ZN ? E ZN . ? A ZN 104 ? 1_555 OE2 ? A GLU 41 ? A GLU 39  ? 1_555 136.8 ? 
28 OD1 ? A ASP 37 ? A ASP 35  ? 1_555 ZN ? E ZN . ? A ZN 104 ? 1_555 OD2 ? A ASP 62 ? A ASP 60  ? 1_555 46.2  ? 
29 OD2 ? A ASP 37 ? A ASP 35  ? 1_555 ZN ? E ZN . ? A ZN 104 ? 1_555 OD2 ? A ASP 62 ? A ASP 60  ? 1_555 8.3   ? 
30 OE2 ? A GLU 41 ? A GLU 39  ? 1_555 ZN ? E ZN . ? A ZN 104 ? 1_555 OD2 ? A ASP 62 ? A ASP 60  ? 1_555 133.7 ? 
31 OD1 ? A ASP 37 ? A ASP 35  ? 1_555 ZN ? E ZN . ? A ZN 104 ? 1_555 O   ? I HOH .  ? A HOH 249 ? 1_555 141.3 ? 
32 OD2 ? A ASP 37 ? A ASP 35  ? 1_555 ZN ? E ZN . ? A ZN 104 ? 1_555 O   ? I HOH .  ? A HOH 249 ? 1_555 89.3  ? 
33 OE2 ? A GLU 41 ? A GLU 39  ? 1_555 ZN ? E ZN . ? A ZN 104 ? 1_555 O   ? I HOH .  ? A HOH 249 ? 1_555 92.9  ? 
34 OD2 ? A ASP 62 ? A ASP 60  ? 1_555 ZN ? E ZN . ? A ZN 104 ? 1_555 O   ? I HOH .  ? A HOH 249 ? 1_555 97.4  ? 
# 
loop_
_pdbx_modification_feature.ordinal 
_pdbx_modification_feature.label_comp_id 
_pdbx_modification_feature.label_asym_id 
_pdbx_modification_feature.label_seq_id 
_pdbx_modification_feature.label_alt_id 
_pdbx_modification_feature.modified_residue_label_comp_id 
_pdbx_modification_feature.modified_residue_label_asym_id 
_pdbx_modification_feature.modified_residue_label_seq_id 
_pdbx_modification_feature.modified_residue_label_alt_id 
_pdbx_modification_feature.auth_comp_id 
_pdbx_modification_feature.auth_asym_id 
_pdbx_modification_feature.auth_seq_id 
_pdbx_modification_feature.PDB_ins_code 
_pdbx_modification_feature.symmetry 
_pdbx_modification_feature.modified_residue_auth_comp_id 
_pdbx_modification_feature.modified_residue_auth_asym_id 
_pdbx_modification_feature.modified_residue_auth_seq_id 
_pdbx_modification_feature.modified_residue_PDB_ins_code 
_pdbx_modification_feature.modified_residue_symmetry 
_pdbx_modification_feature.comp_id_linking_atom 
_pdbx_modification_feature.modified_residue_id_linking_atom 
_pdbx_modification_feature.modified_residue_id 
_pdbx_modification_feature.ref_pcm_id 
_pdbx_modification_feature.ref_comp_id 
_pdbx_modification_feature.type 
_pdbx_modification_feature.category 
1 MSE A 3  ? . . . . MSE A 1  ? 1_555 . . . . . . . MET 1 MSE Selenomethionine 'Named protein modification' 
2 MSE A 18 ? . . . . MSE A 16 ? 1_555 . . . . . . . MET 1 MSE Selenomethionine 'Named protein modification' 
3 MSE A 40 ? . . . . MSE A 38 ? 1_555 . . . . . . . MET 1 MSE Selenomethionine 'Named protein modification' 
4 MSE A 54 ? . . . . MSE A 52 ? 1_555 . . . . . . . MET 1 MSE Selenomethionine 'Named protein modification' 
5 MSE A 60 ? . . . . MSE A 58 ? 1_555 . . . . . . . MET 1 MSE Selenomethionine 'Named protein modification' 
# 
loop_
_struct_site.id 
_struct_site.pdbx_evidence_code 
_struct_site.pdbx_auth_asym_id 
_struct_site.pdbx_auth_comp_id 
_struct_site.pdbx_auth_seq_id 
_struct_site.pdbx_auth_ins_code 
_struct_site.pdbx_num_residues 
_struct_site.details 
AC1 Software A ZN  101 ? 4 'binding site for residue ZN A 101'  
AC2 Software A ZN  102 ? 4 'binding site for residue ZN A 102'  
AC3 Software A ZN  103 ? 4 'binding site for residue ZN A 103'  
AC4 Software A ZN  104 ? 4 'binding site for residue ZN A 104'  
AC5 Software A ZN  105 ? 2 'binding site for residue ZN A 105'  
AC6 Software A EDO 106 ? 7 'binding site for residue EDO A 106' 
AC7 Software A GOL 107 ? 9 'binding site for residue GOL A 107' 
# 
loop_
_struct_site_gen.id 
_struct_site_gen.site_id 
_struct_site_gen.pdbx_num_res 
_struct_site_gen.label_comp_id 
_struct_site_gen.label_asym_id 
_struct_site_gen.label_seq_id 
_struct_site_gen.pdbx_auth_ins_code 
_struct_site_gen.auth_comp_id 
_struct_site_gen.auth_asym_id 
_struct_site_gen.auth_seq_id 
_struct_site_gen.label_atom_id 
_struct_site_gen.label_alt_id 
_struct_site_gen.symmetry 
_struct_site_gen.details 
1  AC1 4 GLY A 1  ? GLY A -1  . ? 1_555 ? 
2  AC1 4 GLU A 64 ? GLU A 62  . ? 1_655 ? 
3  AC1 4 HOH I .  ? HOH A 212 . ? 5_644 ? 
4  AC1 4 HOH I .  ? HOH A 219 . ? 1_655 ? 
5  AC2 4 GLU A 9  ? GLU A 7   . ? 1_555 ? 
6  AC2 4 GLU A 16 ? GLU A 14  . ? 1_555 ? 
7  AC2 4 LYS A 20 ? LYS A 18  . ? 1_555 ? 
8  AC2 4 HOH I .  ? HOH A 262 . ? 1_555 ? 
9  AC3 4 ASP A 7  ? ASP A 5   . ? 1_555 ? 
10 AC3 4 ASP A 7  ? ASP A 5   . ? 7_645 ? 
11 AC3 4 GLU A 52 ? GLU A 50  . ? 7_655 ? 
12 AC3 4 GLU A 52 ? GLU A 50  . ? 1_655 ? 
13 AC4 4 ASP A 37 ? ASP A 35  . ? 1_555 ? 
14 AC4 4 GLU A 41 ? GLU A 39  . ? 1_555 ? 
15 AC4 4 ASP A 62 ? ASP A 60  . ? 5_554 ? 
16 AC4 4 HOH I .  ? HOH A 249 . ? 1_555 ? 
17 AC5 2 ASP A 33 ? ASP A 31  . ? 1_555 ? 
18 AC5 2 GLU A 70 ? GLU A 68  . ? 5_554 ? 
19 AC6 7 ALA A 4  ? ALA A 2   . ? 1_455 ? 
20 AC6 7 TYR A 39 ? TYR A 37  . ? 1_555 ? 
21 AC6 7 GLU A 53 ? GLU A 51  . ? 1_555 ? 
22 AC6 7 MSE A 60 ? MSE A 58  . ? 1_555 ? 
23 AC6 7 LEU A 68 ? LEU A 66  . ? 1_555 ? 
24 AC6 7 HOH I .  ? HOH A 217 . ? 1_455 ? 
25 AC6 7 HOH I .  ? HOH A 232 . ? 1_555 ? 
26 AC7 9 ASN A 19 ? ASN A 17  . ? 1_555 ? 
27 AC7 9 PHE A 22 ? PHE A 20  . ? 1_555 ? 
28 AC7 9 ASP A 23 ? ASP A 21  . ? 8_554 ? 
29 AC7 9 ASP A 23 ? ASP A 21  . ? 1_555 ? 
30 AC7 9 SER A 25 ? SER A 23  . ? 1_555 ? 
31 AC7 9 ASN A 26 ? ASN A 24  . ? 1_555 ? 
32 AC7 9 LYS A 74 ? LYS A 72  . ? 8_554 ? 
33 AC7 9 HOH I .  ? HOH A 201 . ? 8_554 ? 
34 AC7 9 HOH I .  ? HOH A 213 . ? 8_554 ? 
# 
_pdbx_entry_details.entry_id                   6J98 
_pdbx_entry_details.compound_details           ? 
_pdbx_entry_details.source_details             ? 
_pdbx_entry_details.nonpolymer_details         ? 
_pdbx_entry_details.sequence_details           ? 
_pdbx_entry_details.has_ligand_of_interest     ? 
_pdbx_entry_details.has_protein_modification   Y 
# 
loop_
_pdbx_struct_mod_residue.id 
_pdbx_struct_mod_residue.label_asym_id 
_pdbx_struct_mod_residue.label_comp_id 
_pdbx_struct_mod_residue.label_seq_id 
_pdbx_struct_mod_residue.auth_asym_id 
_pdbx_struct_mod_residue.auth_comp_id 
_pdbx_struct_mod_residue.auth_seq_id 
_pdbx_struct_mod_residue.PDB_ins_code 
_pdbx_struct_mod_residue.parent_comp_id 
_pdbx_struct_mod_residue.details 
1 A MSE 3  A MSE 1  ? MET 'modified residue' 
2 A MSE 18 A MSE 16 ? MET 'modified residue' 
3 A MSE 40 A MSE 38 ? MET 'modified residue' 
4 A MSE 54 A MSE 52 ? MET 'modified residue' 
5 A MSE 60 A MSE 58 ? MET 'modified residue' 
# 
loop_
_pdbx_struct_special_symmetry.id 
_pdbx_struct_special_symmetry.PDB_model_num 
_pdbx_struct_special_symmetry.auth_asym_id 
_pdbx_struct_special_symmetry.auth_comp_id 
_pdbx_struct_special_symmetry.auth_seq_id 
_pdbx_struct_special_symmetry.PDB_ins_code 
_pdbx_struct_special_symmetry.label_asym_id 
_pdbx_struct_special_symmetry.label_comp_id 
_pdbx_struct_special_symmetry.label_seq_id 
1 1 A ZN  103 ? D ZN  . 
2 1 A HOH 234 ? I HOH . 
# 
loop_
_pdbx_unobs_or_zero_occ_residues.id 
_pdbx_unobs_or_zero_occ_residues.PDB_model_num 
_pdbx_unobs_or_zero_occ_residues.polymer_flag 
_pdbx_unobs_or_zero_occ_residues.occupancy_flag 
_pdbx_unobs_or_zero_occ_residues.auth_asym_id 
_pdbx_unobs_or_zero_occ_residues.auth_comp_id 
_pdbx_unobs_or_zero_occ_residues.auth_seq_id 
_pdbx_unobs_or_zero_occ_residues.PDB_ins_code 
_pdbx_unobs_or_zero_occ_residues.label_asym_id 
_pdbx_unobs_or_zero_occ_residues.label_comp_id 
_pdbx_unobs_or_zero_occ_residues.label_seq_id 
1 1 Y 1 A LEU 74 ? A LEU 76 
2 1 Y 1 A GLU 75 ? A GLU 77 
# 
loop_
_chem_comp_atom.comp_id 
_chem_comp_atom.atom_id 
_chem_comp_atom.type_symbol 
_chem_comp_atom.pdbx_aromatic_flag 
_chem_comp_atom.pdbx_stereo_config 
_chem_comp_atom.pdbx_ordinal 
ALA N    N  N N 1   
ALA CA   C  N S 2   
ALA C    C  N N 3   
ALA O    O  N N 4   
ALA CB   C  N N 5   
ALA OXT  O  N N 6   
ALA H    H  N N 7   
ALA H2   H  N N 8   
ALA HA   H  N N 9   
ALA HB1  H  N N 10  
ALA HB2  H  N N 11  
ALA HB3  H  N N 12  
ALA HXT  H  N N 13  
ARG N    N  N N 14  
ARG CA   C  N S 15  
ARG C    C  N N 16  
ARG O    O  N N 17  
ARG CB   C  N N 18  
ARG CG   C  N N 19  
ARG CD   C  N N 20  
ARG NE   N  N N 21  
ARG CZ   C  N N 22  
ARG NH1  N  N N 23  
ARG NH2  N  N N 24  
ARG OXT  O  N N 25  
ARG H    H  N N 26  
ARG H2   H  N N 27  
ARG HA   H  N N 28  
ARG HB2  H  N N 29  
ARG HB3  H  N N 30  
ARG HG2  H  N N 31  
ARG HG3  H  N N 32  
ARG HD2  H  N N 33  
ARG HD3  H  N N 34  
ARG HE   H  N N 35  
ARG HH11 H  N N 36  
ARG HH12 H  N N 37  
ARG HH21 H  N N 38  
ARG HH22 H  N N 39  
ARG HXT  H  N N 40  
ASN N    N  N N 41  
ASN CA   C  N S 42  
ASN C    C  N N 43  
ASN O    O  N N 44  
ASN CB   C  N N 45  
ASN CG   C  N N 46  
ASN OD1  O  N N 47  
ASN ND2  N  N N 48  
ASN OXT  O  N N 49  
ASN H    H  N N 50  
ASN H2   H  N N 51  
ASN HA   H  N N 52  
ASN HB2  H  N N 53  
ASN HB3  H  N N 54  
ASN HD21 H  N N 55  
ASN HD22 H  N N 56  
ASN HXT  H  N N 57  
ASP N    N  N N 58  
ASP CA   C  N S 59  
ASP C    C  N N 60  
ASP O    O  N N 61  
ASP CB   C  N N 62  
ASP CG   C  N N 63  
ASP OD1  O  N N 64  
ASP OD2  O  N N 65  
ASP OXT  O  N N 66  
ASP H    H  N N 67  
ASP H2   H  N N 68  
ASP HA   H  N N 69  
ASP HB2  H  N N 70  
ASP HB3  H  N N 71  
ASP HD2  H  N N 72  
ASP HXT  H  N N 73  
EDO C1   C  N N 74  
EDO O1   O  N N 75  
EDO C2   C  N N 76  
EDO O2   O  N N 77  
EDO H11  H  N N 78  
EDO H12  H  N N 79  
EDO HO1  H  N N 80  
EDO H21  H  N N 81  
EDO H22  H  N N 82  
EDO HO2  H  N N 83  
GLU N    N  N N 84  
GLU CA   C  N S 85  
GLU C    C  N N 86  
GLU O    O  N N 87  
GLU CB   C  N N 88  
GLU CG   C  N N 89  
GLU CD   C  N N 90  
GLU OE1  O  N N 91  
GLU OE2  O  N N 92  
GLU OXT  O  N N 93  
GLU H    H  N N 94  
GLU H2   H  N N 95  
GLU HA   H  N N 96  
GLU HB2  H  N N 97  
GLU HB3  H  N N 98  
GLU HG2  H  N N 99  
GLU HG3  H  N N 100 
GLU HE2  H  N N 101 
GLU HXT  H  N N 102 
GLY N    N  N N 103 
GLY CA   C  N N 104 
GLY C    C  N N 105 
GLY O    O  N N 106 
GLY OXT  O  N N 107 
GLY H    H  N N 108 
GLY H2   H  N N 109 
GLY HA2  H  N N 110 
GLY HA3  H  N N 111 
GLY HXT  H  N N 112 
GOL C1   C  N N 113 
GOL O1   O  N N 114 
GOL C2   C  N N 115 
GOL O2   O  N N 116 
GOL C3   C  N N 117 
GOL O3   O  N N 118 
GOL H11  H  N N 119 
GOL H12  H  N N 120 
GOL HO1  H  N N 121 
GOL H2   H  N N 122 
GOL HO2  H  N N 123 
GOL H31  H  N N 124 
GOL H32  H  N N 125 
GOL HO3  H  N N 126 
HOH O    O  N N 127 
HOH H1   H  N N 128 
HOH H2   H  N N 129 
ILE N    N  N N 130 
ILE CA   C  N S 131 
ILE C    C  N N 132 
ILE O    O  N N 133 
ILE CB   C  N S 134 
ILE CG1  C  N N 135 
ILE CG2  C  N N 136 
ILE CD1  C  N N 137 
ILE OXT  O  N N 138 
ILE H    H  N N 139 
ILE H2   H  N N 140 
ILE HA   H  N N 141 
ILE HB   H  N N 142 
ILE HG12 H  N N 143 
ILE HG13 H  N N 144 
ILE HG21 H  N N 145 
ILE HG22 H  N N 146 
ILE HG23 H  N N 147 
ILE HD11 H  N N 148 
ILE HD12 H  N N 149 
ILE HD13 H  N N 150 
ILE HXT  H  N N 151 
LEU N    N  N N 152 
LEU CA   C  N S 153 
LEU C    C  N N 154 
LEU O    O  N N 155 
LEU CB   C  N N 156 
LEU CG   C  N N 157 
LEU CD1  C  N N 158 
LEU CD2  C  N N 159 
LEU OXT  O  N N 160 
LEU H    H  N N 161 
LEU H2   H  N N 162 
LEU HA   H  N N 163 
LEU HB2  H  N N 164 
LEU HB3  H  N N 165 
LEU HG   H  N N 166 
LEU HD11 H  N N 167 
LEU HD12 H  N N 168 
LEU HD13 H  N N 169 
LEU HD21 H  N N 170 
LEU HD22 H  N N 171 
LEU HD23 H  N N 172 
LEU HXT  H  N N 173 
LYS N    N  N N 174 
LYS CA   C  N S 175 
LYS C    C  N N 176 
LYS O    O  N N 177 
LYS CB   C  N N 178 
LYS CG   C  N N 179 
LYS CD   C  N N 180 
LYS CE   C  N N 181 
LYS NZ   N  N N 182 
LYS OXT  O  N N 183 
LYS H    H  N N 184 
LYS H2   H  N N 185 
LYS HA   H  N N 186 
LYS HB2  H  N N 187 
LYS HB3  H  N N 188 
LYS HG2  H  N N 189 
LYS HG3  H  N N 190 
LYS HD2  H  N N 191 
LYS HD3  H  N N 192 
LYS HE2  H  N N 193 
LYS HE3  H  N N 194 
LYS HZ1  H  N N 195 
LYS HZ2  H  N N 196 
LYS HZ3  H  N N 197 
LYS HXT  H  N N 198 
MSE N    N  N N 199 
MSE CA   C  N S 200 
MSE C    C  N N 201 
MSE O    O  N N 202 
MSE OXT  O  N N 203 
MSE CB   C  N N 204 
MSE CG   C  N N 205 
MSE SE   SE N N 206 
MSE CE   C  N N 207 
MSE H    H  N N 208 
MSE H2   H  N N 209 
MSE HA   H  N N 210 
MSE HXT  H  N N 211 
MSE HB2  H  N N 212 
MSE HB3  H  N N 213 
MSE HG2  H  N N 214 
MSE HG3  H  N N 215 
MSE HE1  H  N N 216 
MSE HE2  H  N N 217 
MSE HE3  H  N N 218 
PHE N    N  N N 219 
PHE CA   C  N S 220 
PHE C    C  N N 221 
PHE O    O  N N 222 
PHE CB   C  N N 223 
PHE CG   C  Y N 224 
PHE CD1  C  Y N 225 
PHE CD2  C  Y N 226 
PHE CE1  C  Y N 227 
PHE CE2  C  Y N 228 
PHE CZ   C  Y N 229 
PHE OXT  O  N N 230 
PHE H    H  N N 231 
PHE H2   H  N N 232 
PHE HA   H  N N 233 
PHE HB2  H  N N 234 
PHE HB3  H  N N 235 
PHE HD1  H  N N 236 
PHE HD2  H  N N 237 
PHE HE1  H  N N 238 
PHE HE2  H  N N 239 
PHE HZ   H  N N 240 
PHE HXT  H  N N 241 
PRO N    N  N N 242 
PRO CA   C  N S 243 
PRO C    C  N N 244 
PRO O    O  N N 245 
PRO CB   C  N N 246 
PRO CG   C  N N 247 
PRO CD   C  N N 248 
PRO OXT  O  N N 249 
PRO H    H  N N 250 
PRO HA   H  N N 251 
PRO HB2  H  N N 252 
PRO HB3  H  N N 253 
PRO HG2  H  N N 254 
PRO HG3  H  N N 255 
PRO HD2  H  N N 256 
PRO HD3  H  N N 257 
PRO HXT  H  N N 258 
SER N    N  N N 259 
SER CA   C  N S 260 
SER C    C  N N 261 
SER O    O  N N 262 
SER CB   C  N N 263 
SER OG   O  N N 264 
SER OXT  O  N N 265 
SER H    H  N N 266 
SER H2   H  N N 267 
SER HA   H  N N 268 
SER HB2  H  N N 269 
SER HB3  H  N N 270 
SER HG   H  N N 271 
SER HXT  H  N N 272 
THR N    N  N N 273 
THR CA   C  N S 274 
THR C    C  N N 275 
THR O    O  N N 276 
THR CB   C  N R 277 
THR OG1  O  N N 278 
THR CG2  C  N N 279 
THR OXT  O  N N 280 
THR H    H  N N 281 
THR H2   H  N N 282 
THR HA   H  N N 283 
THR HB   H  N N 284 
THR HG1  H  N N 285 
THR HG21 H  N N 286 
THR HG22 H  N N 287 
THR HG23 H  N N 288 
THR HXT  H  N N 289 
TRP N    N  N N 290 
TRP CA   C  N S 291 
TRP C    C  N N 292 
TRP O    O  N N 293 
TRP CB   C  N N 294 
TRP CG   C  Y N 295 
TRP CD1  C  Y N 296 
TRP CD2  C  Y N 297 
TRP NE1  N  Y N 298 
TRP CE2  C  Y N 299 
TRP CE3  C  Y N 300 
TRP CZ2  C  Y N 301 
TRP CZ3  C  Y N 302 
TRP CH2  C  Y N 303 
TRP OXT  O  N N 304 
TRP H    H  N N 305 
TRP H2   H  N N 306 
TRP HA   H  N N 307 
TRP HB2  H  N N 308 
TRP HB3  H  N N 309 
TRP HD1  H  N N 310 
TRP HE1  H  N N 311 
TRP HE3  H  N N 312 
TRP HZ2  H  N N 313 
TRP HZ3  H  N N 314 
TRP HH2  H  N N 315 
TRP HXT  H  N N 316 
TYR N    N  N N 317 
TYR CA   C  N S 318 
TYR C    C  N N 319 
TYR O    O  N N 320 
TYR CB   C  N N 321 
TYR CG   C  Y N 322 
TYR CD1  C  Y N 323 
TYR CD2  C  Y N 324 
TYR CE1  C  Y N 325 
TYR CE2  C  Y N 326 
TYR CZ   C  Y N 327 
TYR OH   O  N N 328 
TYR OXT  O  N N 329 
TYR H    H  N N 330 
TYR H2   H  N N 331 
TYR HA   H  N N 332 
TYR HB2  H  N N 333 
TYR HB3  H  N N 334 
TYR HD1  H  N N 335 
TYR HD2  H  N N 336 
TYR HE1  H  N N 337 
TYR HE2  H  N N 338 
TYR HH   H  N N 339 
TYR HXT  H  N N 340 
VAL N    N  N N 341 
VAL CA   C  N S 342 
VAL C    C  N N 343 
VAL O    O  N N 344 
VAL CB   C  N N 345 
VAL CG1  C  N N 346 
VAL CG2  C  N N 347 
VAL OXT  O  N N 348 
VAL H    H  N N 349 
VAL H2   H  N N 350 
VAL HA   H  N N 351 
VAL HB   H  N N 352 
VAL HG11 H  N N 353 
VAL HG12 H  N N 354 
VAL HG13 H  N N 355 
VAL HG21 H  N N 356 
VAL HG22 H  N N 357 
VAL HG23 H  N N 358 
VAL HXT  H  N N 359 
ZN  ZN   ZN N N 360 
# 
loop_
_chem_comp_bond.comp_id 
_chem_comp_bond.atom_id_1 
_chem_comp_bond.atom_id_2 
_chem_comp_bond.value_order 
_chem_comp_bond.pdbx_aromatic_flag 
_chem_comp_bond.pdbx_stereo_config 
_chem_comp_bond.pdbx_ordinal 
ALA N   CA   sing N N 1   
ALA N   H    sing N N 2   
ALA N   H2   sing N N 3   
ALA CA  C    sing N N 4   
ALA CA  CB   sing N N 5   
ALA CA  HA   sing N N 6   
ALA C   O    doub N N 7   
ALA C   OXT  sing N N 8   
ALA CB  HB1  sing N N 9   
ALA CB  HB2  sing N N 10  
ALA CB  HB3  sing N N 11  
ALA OXT HXT  sing N N 12  
ARG N   CA   sing N N 13  
ARG N   H    sing N N 14  
ARG N   H2   sing N N 15  
ARG CA  C    sing N N 16  
ARG CA  CB   sing N N 17  
ARG CA  HA   sing N N 18  
ARG C   O    doub N N 19  
ARG C   OXT  sing N N 20  
ARG CB  CG   sing N N 21  
ARG CB  HB2  sing N N 22  
ARG CB  HB3  sing N N 23  
ARG CG  CD   sing N N 24  
ARG CG  HG2  sing N N 25  
ARG CG  HG3  sing N N 26  
ARG CD  NE   sing N N 27  
ARG CD  HD2  sing N N 28  
ARG CD  HD3  sing N N 29  
ARG NE  CZ   sing N N 30  
ARG NE  HE   sing N N 31  
ARG CZ  NH1  sing N N 32  
ARG CZ  NH2  doub N N 33  
ARG NH1 HH11 sing N N 34  
ARG NH1 HH12 sing N N 35  
ARG NH2 HH21 sing N N 36  
ARG NH2 HH22 sing N N 37  
ARG OXT HXT  sing N N 38  
ASN N   CA   sing N N 39  
ASN N   H    sing N N 40  
ASN N   H2   sing N N 41  
ASN CA  C    sing N N 42  
ASN CA  CB   sing N N 43  
ASN CA  HA   sing N N 44  
ASN C   O    doub N N 45  
ASN C   OXT  sing N N 46  
ASN CB  CG   sing N N 47  
ASN CB  HB2  sing N N 48  
ASN CB  HB3  sing N N 49  
ASN CG  OD1  doub N N 50  
ASN CG  ND2  sing N N 51  
ASN ND2 HD21 sing N N 52  
ASN ND2 HD22 sing N N 53  
ASN OXT HXT  sing N N 54  
ASP N   CA   sing N N 55  
ASP N   H    sing N N 56  
ASP N   H2   sing N N 57  
ASP CA  C    sing N N 58  
ASP CA  CB   sing N N 59  
ASP CA  HA   sing N N 60  
ASP C   O    doub N N 61  
ASP C   OXT  sing N N 62  
ASP CB  CG   sing N N 63  
ASP CB  HB2  sing N N 64  
ASP CB  HB3  sing N N 65  
ASP CG  OD1  doub N N 66  
ASP CG  OD2  sing N N 67  
ASP OD2 HD2  sing N N 68  
ASP OXT HXT  sing N N 69  
EDO C1  O1   sing N N 70  
EDO C1  C2   sing N N 71  
EDO C1  H11  sing N N 72  
EDO C1  H12  sing N N 73  
EDO O1  HO1  sing N N 74  
EDO C2  O2   sing N N 75  
EDO C2  H21  sing N N 76  
EDO C2  H22  sing N N 77  
EDO O2  HO2  sing N N 78  
GLU N   CA   sing N N 79  
GLU N   H    sing N N 80  
GLU N   H2   sing N N 81  
GLU CA  C    sing N N 82  
GLU CA  CB   sing N N 83  
GLU CA  HA   sing N N 84  
GLU C   O    doub N N 85  
GLU C   OXT  sing N N 86  
GLU CB  CG   sing N N 87  
GLU CB  HB2  sing N N 88  
GLU CB  HB3  sing N N 89  
GLU CG  CD   sing N N 90  
GLU CG  HG2  sing N N 91  
GLU CG  HG3  sing N N 92  
GLU CD  OE1  doub N N 93  
GLU CD  OE2  sing N N 94  
GLU OE2 HE2  sing N N 95  
GLU OXT HXT  sing N N 96  
GLY N   CA   sing N N 97  
GLY N   H    sing N N 98  
GLY N   H2   sing N N 99  
GLY CA  C    sing N N 100 
GLY CA  HA2  sing N N 101 
GLY CA  HA3  sing N N 102 
GLY C   O    doub N N 103 
GLY C   OXT  sing N N 104 
GLY OXT HXT  sing N N 105 
GOL C1  O1   sing N N 106 
GOL C1  C2   sing N N 107 
GOL C1  H11  sing N N 108 
GOL C1  H12  sing N N 109 
GOL O1  HO1  sing N N 110 
GOL C2  O2   sing N N 111 
GOL C2  C3   sing N N 112 
GOL C2  H2   sing N N 113 
GOL O2  HO2  sing N N 114 
GOL C3  O3   sing N N 115 
GOL C3  H31  sing N N 116 
GOL C3  H32  sing N N 117 
GOL O3  HO3  sing N N 118 
HOH O   H1   sing N N 119 
HOH O   H2   sing N N 120 
ILE N   CA   sing N N 121 
ILE N   H    sing N N 122 
ILE N   H2   sing N N 123 
ILE CA  C    sing N N 124 
ILE CA  CB   sing N N 125 
ILE CA  HA   sing N N 126 
ILE C   O    doub N N 127 
ILE C   OXT  sing N N 128 
ILE CB  CG1  sing N N 129 
ILE CB  CG2  sing N N 130 
ILE CB  HB   sing N N 131 
ILE CG1 CD1  sing N N 132 
ILE CG1 HG12 sing N N 133 
ILE CG1 HG13 sing N N 134 
ILE CG2 HG21 sing N N 135 
ILE CG2 HG22 sing N N 136 
ILE CG2 HG23 sing N N 137 
ILE CD1 HD11 sing N N 138 
ILE CD1 HD12 sing N N 139 
ILE CD1 HD13 sing N N 140 
ILE OXT HXT  sing N N 141 
LEU N   CA   sing N N 142 
LEU N   H    sing N N 143 
LEU N   H2   sing N N 144 
LEU CA  C    sing N N 145 
LEU CA  CB   sing N N 146 
LEU CA  HA   sing N N 147 
LEU C   O    doub N N 148 
LEU C   OXT  sing N N 149 
LEU CB  CG   sing N N 150 
LEU CB  HB2  sing N N 151 
LEU CB  HB3  sing N N 152 
LEU CG  CD1  sing N N 153 
LEU CG  CD2  sing N N 154 
LEU CG  HG   sing N N 155 
LEU CD1 HD11 sing N N 156 
LEU CD1 HD12 sing N N 157 
LEU CD1 HD13 sing N N 158 
LEU CD2 HD21 sing N N 159 
LEU CD2 HD22 sing N N 160 
LEU CD2 HD23 sing N N 161 
LEU OXT HXT  sing N N 162 
LYS N   CA   sing N N 163 
LYS N   H    sing N N 164 
LYS N   H2   sing N N 165 
LYS CA  C    sing N N 166 
LYS CA  CB   sing N N 167 
LYS CA  HA   sing N N 168 
LYS C   O    doub N N 169 
LYS C   OXT  sing N N 170 
LYS CB  CG   sing N N 171 
LYS CB  HB2  sing N N 172 
LYS CB  HB3  sing N N 173 
LYS CG  CD   sing N N 174 
LYS CG  HG2  sing N N 175 
LYS CG  HG3  sing N N 176 
LYS CD  CE   sing N N 177 
LYS CD  HD2  sing N N 178 
LYS CD  HD3  sing N N 179 
LYS CE  NZ   sing N N 180 
LYS CE  HE2  sing N N 181 
LYS CE  HE3  sing N N 182 
LYS NZ  HZ1  sing N N 183 
LYS NZ  HZ2  sing N N 184 
LYS NZ  HZ3  sing N N 185 
LYS OXT HXT  sing N N 186 
MSE N   CA   sing N N 187 
MSE N   H    sing N N 188 
MSE N   H2   sing N N 189 
MSE CA  C    sing N N 190 
MSE CA  CB   sing N N 191 
MSE CA  HA   sing N N 192 
MSE C   O    doub N N 193 
MSE C   OXT  sing N N 194 
MSE OXT HXT  sing N N 195 
MSE CB  CG   sing N N 196 
MSE CB  HB2  sing N N 197 
MSE CB  HB3  sing N N 198 
MSE CG  SE   sing N N 199 
MSE CG  HG2  sing N N 200 
MSE CG  HG3  sing N N 201 
MSE SE  CE   sing N N 202 
MSE CE  HE1  sing N N 203 
MSE CE  HE2  sing N N 204 
MSE CE  HE3  sing N N 205 
PHE N   CA   sing N N 206 
PHE N   H    sing N N 207 
PHE N   H2   sing N N 208 
PHE CA  C    sing N N 209 
PHE CA  CB   sing N N 210 
PHE CA  HA   sing N N 211 
PHE C   O    doub N N 212 
PHE C   OXT  sing N N 213 
PHE CB  CG   sing N N 214 
PHE CB  HB2  sing N N 215 
PHE CB  HB3  sing N N 216 
PHE CG  CD1  doub Y N 217 
PHE CG  CD2  sing Y N 218 
PHE CD1 CE1  sing Y N 219 
PHE CD1 HD1  sing N N 220 
PHE CD2 CE2  doub Y N 221 
PHE CD2 HD2  sing N N 222 
PHE CE1 CZ   doub Y N 223 
PHE CE1 HE1  sing N N 224 
PHE CE2 CZ   sing Y N 225 
PHE CE2 HE2  sing N N 226 
PHE CZ  HZ   sing N N 227 
PHE OXT HXT  sing N N 228 
PRO N   CA   sing N N 229 
PRO N   CD   sing N N 230 
PRO N   H    sing N N 231 
PRO CA  C    sing N N 232 
PRO CA  CB   sing N N 233 
PRO CA  HA   sing N N 234 
PRO C   O    doub N N 235 
PRO C   OXT  sing N N 236 
PRO CB  CG   sing N N 237 
PRO CB  HB2  sing N N 238 
PRO CB  HB3  sing N N 239 
PRO CG  CD   sing N N 240 
PRO CG  HG2  sing N N 241 
PRO CG  HG3  sing N N 242 
PRO CD  HD2  sing N N 243 
PRO CD  HD3  sing N N 244 
PRO OXT HXT  sing N N 245 
SER N   CA   sing N N 246 
SER N   H    sing N N 247 
SER N   H2   sing N N 248 
SER CA  C    sing N N 249 
SER CA  CB   sing N N 250 
SER CA  HA   sing N N 251 
SER C   O    doub N N 252 
SER C   OXT  sing N N 253 
SER CB  OG   sing N N 254 
SER CB  HB2  sing N N 255 
SER CB  HB3  sing N N 256 
SER OG  HG   sing N N 257 
SER OXT HXT  sing N N 258 
THR N   CA   sing N N 259 
THR N   H    sing N N 260 
THR N   H2   sing N N 261 
THR CA  C    sing N N 262 
THR CA  CB   sing N N 263 
THR CA  HA   sing N N 264 
THR C   O    doub N N 265 
THR C   OXT  sing N N 266 
THR CB  OG1  sing N N 267 
THR CB  CG2  sing N N 268 
THR CB  HB   sing N N 269 
THR OG1 HG1  sing N N 270 
THR CG2 HG21 sing N N 271 
THR CG2 HG22 sing N N 272 
THR CG2 HG23 sing N N 273 
THR OXT HXT  sing N N 274 
TRP N   CA   sing N N 275 
TRP N   H    sing N N 276 
TRP N   H2   sing N N 277 
TRP CA  C    sing N N 278 
TRP CA  CB   sing N N 279 
TRP CA  HA   sing N N 280 
TRP C   O    doub N N 281 
TRP C   OXT  sing N N 282 
TRP CB  CG   sing N N 283 
TRP CB  HB2  sing N N 284 
TRP CB  HB3  sing N N 285 
TRP CG  CD1  doub Y N 286 
TRP CG  CD2  sing Y N 287 
TRP CD1 NE1  sing Y N 288 
TRP CD1 HD1  sing N N 289 
TRP CD2 CE2  doub Y N 290 
TRP CD2 CE3  sing Y N 291 
TRP NE1 CE2  sing Y N 292 
TRP NE1 HE1  sing N N 293 
TRP CE2 CZ2  sing Y N 294 
TRP CE3 CZ3  doub Y N 295 
TRP CE3 HE3  sing N N 296 
TRP CZ2 CH2  doub Y N 297 
TRP CZ2 HZ2  sing N N 298 
TRP CZ3 CH2  sing Y N 299 
TRP CZ3 HZ3  sing N N 300 
TRP CH2 HH2  sing N N 301 
TRP OXT HXT  sing N N 302 
TYR N   CA   sing N N 303 
TYR N   H    sing N N 304 
TYR N   H2   sing N N 305 
TYR CA  C    sing N N 306 
TYR CA  CB   sing N N 307 
TYR CA  HA   sing N N 308 
TYR C   O    doub N N 309 
TYR C   OXT  sing N N 310 
TYR CB  CG   sing N N 311 
TYR CB  HB2  sing N N 312 
TYR CB  HB3  sing N N 313 
TYR CG  CD1  doub Y N 314 
TYR CG  CD2  sing Y N 315 
TYR CD1 CE1  sing Y N 316 
TYR CD1 HD1  sing N N 317 
TYR CD2 CE2  doub Y N 318 
TYR CD2 HD2  sing N N 319 
TYR CE1 CZ   doub Y N 320 
TYR CE1 HE1  sing N N 321 
TYR CE2 CZ   sing Y N 322 
TYR CE2 HE2  sing N N 323 
TYR CZ  OH   sing N N 324 
TYR OH  HH   sing N N 325 
TYR OXT HXT  sing N N 326 
VAL N   CA   sing N N 327 
VAL N   H    sing N N 328 
VAL N   H2   sing N N 329 
VAL CA  C    sing N N 330 
VAL CA  CB   sing N N 331 
VAL CA  HA   sing N N 332 
VAL C   O    doub N N 333 
VAL C   OXT  sing N N 334 
VAL CB  CG1  sing N N 335 
VAL CB  CG2  sing N N 336 
VAL CB  HB   sing N N 337 
VAL CG1 HG11 sing N N 338 
VAL CG1 HG12 sing N N 339 
VAL CG1 HG13 sing N N 340 
VAL CG2 HG21 sing N N 341 
VAL CG2 HG22 sing N N 342 
VAL CG2 HG23 sing N N 343 
VAL OXT HXT  sing N N 344 
# 
_atom_sites.entry_id                    6J98 
_atom_sites.fract_transf_matrix[1][1]   0.02080660 
_atom_sites.fract_transf_matrix[1][2]   0.00377129 
_atom_sites.fract_transf_matrix[1][3]   -0.01232231 
_atom_sites.fract_transf_matrix[2][1]   0.00297628 
_atom_sites.fract_transf_matrix[2][2]   -0.02417611 
_atom_sites.fract_transf_matrix[2][3]   -0.00237365 
_atom_sites.fract_transf_matrix[3][1]   -0.00478747 
_atom_sites.fract_transf_matrix[3][2]   0.00019834 
_atom_sites.fract_transf_matrix[3][3]   -0.00802308 
_atom_sites.fract_transf_vector[1]      0.276565 
_atom_sites.fract_transf_vector[2]      -0.232376 
_atom_sites.fract_transf_vector[3]      -0.107406 
# 
loop_
_atom_type.symbol 
C  
N  
O  
SE 
ZN 
# 
loop_
_atom_site.group_PDB 
_atom_site.id 
_atom_site.type_symbol 
_atom_site.label_atom_id 
_atom_site.label_alt_id 
_atom_site.label_comp_id 
_atom_site.label_asym_id 
_atom_site.label_entity_id 
_atom_site.label_seq_id 
_atom_site.pdbx_PDB_ins_code 
_atom_site.Cartn_x 
_atom_site.Cartn_y 
_atom_site.Cartn_z 
_atom_site.occupancy 
_atom_site.B_iso_or_equiv 
_atom_site.pdbx_formal_charge 
_atom_site.auth_seq_id 
_atom_site.auth_comp_id 
_atom_site.auth_asym_id 
_atom_site.auth_atom_id 
_atom_site.pdbx_PDB_model_num 
ATOM   1   N  N   . GLY A 1 1  ? 24.433  15.702  -25.149 1.00 14.28 ? -1  GLY A N   1 
ATOM   2   C  CA  . GLY A 1 1  ? 23.250  14.873  -24.914 1.00 19.33 ? -1  GLY A CA  1 
ATOM   3   C  C   . GLY A 1 1  ? 22.738  14.933  -23.498 1.00 18.89 ? -1  GLY A C   1 
ATOM   4   O  O   . GLY A 1 1  ? 23.371  15.532  -22.622 1.00 15.96 ? -1  GLY A O   1 
ATOM   5   N  N   . SER A 1 2  ? 21.598  14.292  -23.267 1.00 18.93 ? 0   SER A N   1 
ATOM   6   C  CA  . SER A 1 2  ? 20.948  14.258  -21.934 1.00 16.13 ? 0   SER A CA  1 
ATOM   7   C  C   . SER A 1 2  ? 21.716  13.379  -20.938 1.00 18.49 ? 0   SER A C   1 
ATOM   8   O  O   . SER A 1 2  ? 22.092  12.240  -21.280 1.00 17.30 ? 0   SER A O   1 
ATOM   9   C  CB  . SER A 1 2  ? 19.529  13.746  -22.065 1.00 17.93 ? 0   SER A CB  1 
ATOM   10  O  OG  . SER A 1 2  ? 18.913  13.713  -20.803 1.00 21.45 ? 0   SER A OG  1 
HETATM 11  N  N   . MSE A 1 3  ? 21.888  13.866  -19.707 1.00 18.02 ? 1   MSE A N   1 
HETATM 12  C  CA  . MSE A 1 3  ? 22.427  13.073  -18.586 1.00 16.97 ? 1   MSE A CA  1 
HETATM 13  C  C   . MSE A 1 3  ? 21.297  12.472  -17.735 1.00 19.06 ? 1   MSE A C   1 
HETATM 14  O  O   . MSE A 1 3  ? 21.579  11.866  -16.683 1.00 18.71 ? 1   MSE A O   1 
HETATM 15  C  CB  . MSE A 1 3  ? 23.320  13.927  -17.674 1.00 18.12 ? 1   MSE A CB  1 
HETATM 16  C  CG  . MSE A 1 3  ? 24.534  14.447  -18.366 1.00 16.80 ? 1   MSE A CG  1 
HETATM 17  SE SE  . MSE A 1 3  ? 25.706  15.374  -17.099 0.64 11.83 ? 1   MSE A SE  1 
HETATM 18  C  CE  . MSE A 1 3  ? 26.509  13.808  -16.305 1.00 12.74 ? 1   MSE A CE  1 
ATOM   19  N  N   . ALA A 1 4  ? 20.061  12.592  -18.184 1.00 19.62 ? 2   ALA A N   1 
ATOM   20  C  CA  . ALA A 1 4  ? 18.895  12.103  -17.421 1.00 18.28 ? 2   ALA A CA  1 
ATOM   21  C  C   . ALA A 1 4  ? 18.958  10.590  -17.241 1.00 19.78 ? 2   ALA A C   1 
ATOM   22  O  O   . ALA A 1 4  ? 19.429  9.887   -18.121 1.00 20.13 ? 2   ALA A O   1 
ATOM   23  C  CB  . ALA A 1 4  ? 17.607  12.501  -18.109 1.00 21.62 ? 2   ALA A CB  1 
ATOM   24  N  N   . THR A 1 5  ? 18.414  10.132  -16.126 1.00 20.46 ? 3   THR A N   1 
ATOM   25  C  CA  . THR A 1 5  ? 18.342  8.693   -15.821 1.00 20.75 ? 3   THR A CA  1 
ATOM   26  C  C   . THR A 1 5  ? 17.441  8.006   -16.838 1.00 18.48 ? 3   THR A C   1 
ATOM   27  O  O   . THR A 1 5  ? 16.344  8.490   -17.139 1.00 21.63 ? 3   THR A O   1 
ATOM   28  C  CB  . THR A 1 5  ? 17.829  8.429   -14.411 1.00 23.95 ? 3   THR A CB  1 
ATOM   29  O  OG1 . THR A 1 5  ? 18.817  8.904   -13.491 1.00 30.76 ? 3   THR A OG1 1 
ATOM   30  C  CG2 . THR A 1 5  ? 17.569  6.959   -14.197 1.00 24.94 ? 3   THR A CG2 1 
ATOM   31  N  N   . VAL A 1 6  ? 17.897  6.864   -17.332 1.00 17.21 ? 4   VAL A N   1 
ATOM   32  C  CA  . VAL A 1 6  ? 17.144  6.038   -18.300 1.00 19.13 ? 4   VAL A CA  1 
ATOM   33  C  C   . VAL A 1 6  ? 16.135  5.195   -17.514 1.00 19.35 ? 4   VAL A C   1 
ATOM   34  O  O   . VAL A 1 6  ? 16.555  4.522   -16.543 1.00 20.91 ? 4   VAL A O   1 
ATOM   35  C  CB  . VAL A 1 6  ? 18.104  5.149   -19.109 1.00 19.54 ? 4   VAL A CB  1 
ATOM   36  C  CG1 . VAL A 1 6  ? 17.341  4.128   -19.946 1.00 21.68 ? 4   VAL A CG1 1 
ATOM   37  C  CG2 . VAL A 1 6  ? 18.996  5.998   -20.007 1.00 17.60 ? 4   VAL A CG2 1 
ATOM   38  N  N   . ASP A 1 7  ? 14.878  5.231   -17.943 1.00 19.68 ? 5   ASP A N   1 
ATOM   39  C  CA  . ASP A 1 7  ? 13.773  4.459   -17.315 1.00 20.33 ? 5   ASP A CA  1 
ATOM   40  C  C   . ASP A 1 7  ? 13.802  4.654   -15.804 1.00 21.39 ? 5   ASP A C   1 
ATOM   41  O  O   . ASP A 1 7  ? 13.999  3.720   -15.025 1.00 23.73 ? 5   ASP A O   1 
ATOM   42  C  CB  . ASP A 1 7  ? 13.888  2.975   -17.697 1.00 19.26 ? 5   ASP A CB  1 
ATOM   43  C  CG  . ASP A 1 7  ? 13.618  2.718   -19.172 1.00 18.42 ? 5   ASP A CG  1 
ATOM   44  O  OD1 . ASP A 1 7  ? 13.289  3.649   -19.900 1.00 20.63 ? 5   ASP A OD1 1 
ATOM   45  O  OD2 . ASP A 1 7  ? 13.710  1.543   -19.612 1.00 19.41 ? 5   ASP A OD2 1 
ATOM   46  N  N   . PRO A 1 8  ? 13.642  5.906   -15.333 1.00 22.62 ? 6   PRO A N   1 
ATOM   47  C  CA  . PRO A 1 8  ? 13.650  6.146   -13.897 1.00 22.60 ? 6   PRO A CA  1 
ATOM   48  C  C   . PRO A 1 8  ? 12.486  5.395   -13.238 1.00 24.14 ? 6   PRO A C   1 
ATOM   49  O  O   . PRO A 1 8  ? 11.457  5.216   -13.884 1.00 25.30 ? 6   PRO A O   1 
ATOM   50  C  CB  . PRO A 1 8  ? 13.498  7.663   -13.801 1.00 21.44 ? 6   PRO A CB  1 
ATOM   51  C  CG  . PRO A 1 8  ? 12.762  8.053   -15.037 1.00 21.81 ? 6   PRO A CG  1 
ATOM   52  C  CD  . PRO A 1 8  ? 13.238  7.084   -16.120 1.00 20.86 ? 6   PRO A CD  1 
ATOM   53  N  N   . GLU A 1 9  ? 12.671  4.987   -11.983 1.00 25.99 ? 7   GLU A N   1 
ATOM   54  C  CA  . GLU A 1 9  ? 11.584  4.318   -11.216 1.00 26.68 ? 7   GLU A CA  1 
ATOM   55  C  C   . GLU A 1 9  ? 10.295  5.136   -11.328 1.00 27.82 ? 7   GLU A C   1 
ATOM   56  O  O   . GLU A 1 9  ? 10.327  6.357   -11.050 1.00 29.68 ? 7   GLU A O   1 
ATOM   57  C  CB  . GLU A 1 9  ? 11.989  4.106   -9.765  1.00 26.56 ? 7   GLU A CB  1 
ATOM   58  C  CG  . GLU A 1 9  ? 10.940  3.347   -8.965  1.00 24.08 ? 7   GLU A CG  1 
ATOM   59  C  CD  . GLU A 1 9  ? 11.324  3.061   -7.521  1.00 27.24 ? 7   GLU A CD  1 
ATOM   60  O  OE1 . GLU A 1 9  ? 12.392  3.495   -7.092  1.00 27.28 ? 7   GLU A OE1 1 
ATOM   61  O  OE2 . GLU A 1 9  ? 10.554  2.367   -6.821  1.00 23.24 ? 7   GLU A OE2 1 
ATOM   62  N  N   . LYS A 1 10 ? 9.185   4.482   -11.695 1.00 28.34 ? 8   LYS A N   1 
ATOM   63  C  CA  . LYS A 1 10 ? 7.851   5.142   -11.740 1.00 31.33 ? 8   LYS A CA  1 
ATOM   64  C  C   . LYS A 1 10 ? 6.857   4.295   -10.944 1.00 28.14 ? 8   LYS A C   1 
ATOM   65  O  O   . LYS A 1 10 ? 5.667   4.270   -11.277 1.00 32.67 ? 8   LYS A O   1 
ATOM   66  C  CB  . LYS A 1 10 ? 7.353   5.336   -13.176 1.00 35.23 ? 8   LYS A CB  1 
ATOM   67  C  CG  . LYS A 1 10 ? 8.024   6.461   -13.954 1.00 44.40 ? 8   LYS A CG  1 
ATOM   68  C  CD  . LYS A 1 10 ? 7.336   6.709   -15.286 1.00 47.50 ? 8   LYS A CD  1 
ATOM   69  C  CE  . LYS A 1 10 ? 7.979   7.816   -16.098 1.00 53.51 ? 8   LYS A CE  1 
ATOM   70  N  NZ  . LYS A 1 10 ? 9.239   7.376   -16.750 1.00 52.91 ? 8   LYS A NZ  1 
ATOM   71  N  N   . THR A 1 11 ? 7.340   3.624   -9.920  1.00 24.64 ? 9   THR A N   1 
ATOM   72  C  CA  . THR A 1 11 ? 6.521   2.784   -9.015  1.00 20.03 ? 9   THR A CA  1 
ATOM   73  C  C   . THR A 1 11 ? 5.328   3.537   -8.427  1.00 16.69 ? 9   THR A C   1 
ATOM   74  O  O   . THR A 1 11 ? 5.494   4.664   -7.939  1.00 18.28 ? 9   THR A O   1 
ATOM   75  C  CB  . THR A 1 11 ? 7.386   2.279   -7.872  1.00 19.12 ? 9   THR A CB  1 
ATOM   76  O  OG1 . THR A 1 11 ? 8.525   1.629   -8.427  1.00 21.50 ? 9   THR A OG1 1 
ATOM   77  C  CG2 . THR A 1 11 ? 6.632   1.335   -6.975  1.00 17.81 ? 9   THR A CG2 1 
ATOM   78  N  N   . LEU A 1 12 ? 4.153   2.922   -8.475  1.00 15.90 ? 10  LEU A N   1 
ATOM   79  C  CA  . LEU A 1 12 ? 2.957   3.489   -7.812  1.00 15.64 ? 10  LEU A CA  1 
ATOM   80  C  C   . LEU A 1 12 ? 3.198   3.452   -6.309  1.00 14.02 ? 10  LEU A C   1 
ATOM   81  O  O   . LEU A 1 12 ? 3.851   2.495   -5.792  1.00 12.80 ? 10  LEU A O   1 
ATOM   82  C  CB  . LEU A 1 12 ? 1.712   2.666   -8.170  1.00 17.95 ? 10  LEU A CB  1 
ATOM   83  C  CG  . LEU A 1 12 ? 1.195   2.691   -9.610  1.00 20.51 ? 10  LEU A CG  1 
ATOM   84  C  CD1 . LEU A 1 12 ? 0.065   1.677   -9.758  1.00 22.43 ? 10  LEU A CD1 1 
ATOM   85  C  CD2 . LEU A 1 12 ? 0.730   4.074   -9.997  1.00 22.76 ? 10  LEU A CD2 1 
ATOM   86  N  N   . PHE A 1 13 ? 2.615   4.411   -5.581  1.00 12.80 ? 11  PHE A N   1 
ATOM   87  C  CA  . PHE A 1 13 ? 2.759   4.454   -4.106  1.00 12.28 ? 11  PHE A CA  1 
ATOM   88  C  C   . PHE A 1 13 ? 2.322   3.126   -3.507  1.00 11.37 ? 11  PHE A C   1 
ATOM   89  O  O   . PHE A 1 13 ? 2.998   2.595   -2.614  1.00 11.15 ? 11  PHE A O   1 
ATOM   90  C  CB  . PHE A 1 13 ? 1.993   5.634   -3.552  1.00 12.24 ? 11  PHE A CB  1 
ATOM   91  C  CG  . PHE A 1 13 ? 2.189   5.878   -2.085  1.00 13.74 ? 11  PHE A CG  1 
ATOM   92  C  CD1 . PHE A 1 13 ? 3.348   6.452   -1.617  1.00 17.20 ? 11  PHE A CD1 1 
ATOM   93  C  CD2 . PHE A 1 13 ? 1.203   5.536   -1.181  1.00 13.87 ? 11  PHE A CD2 1 
ATOM   94  C  CE1 . PHE A 1 13 ? 3.529   6.672   -0.253  1.00 17.76 ? 11  PHE A CE1 1 
ATOM   95  C  CE2 . PHE A 1 13 ? 1.381   5.788   0.177   1.00 15.21 ? 11  PHE A CE2 1 
ATOM   96  C  CZ  . PHE A 1 13 ? 2.541   6.331   0.630   1.00 13.69 ? 11  PHE A CZ  1 
ATOM   97  N  N   . LEU A 1 14 ? 1.216   2.557   -3.999  1.00 12.49 ? 12  LEU A N   1 
ATOM   98  C  CA  . LEU A 1 14 ? 0.687   1.291   -3.436  1.00 12.97 ? 12  LEU A CA  1 
ATOM   99  C  C   . LEU A 1 14 ? 1.640   0.118   -3.640  1.00 12.03 ? 12  LEU A C   1 
ATOM   100 O  O   . LEU A 1 14 ? 1.512   -0.899  -2.960  1.00 12.42 ? 12  LEU A O   1 
ATOM   101 C  CB  . LEU A 1 14 ? -0.666  0.986   -4.070  1.00 12.47 ? 12  LEU A CB  1 
ATOM   102 C  CG  . LEU A 1 14 ? -1.794  1.730   -3.374  1.00 13.93 ? 12  LEU A CG  1 
ATOM   103 C  CD1 . LEU A 1 14 ? -3.016  1.691   -4.253  1.00 15.39 ? 12  LEU A CD1 1 
ATOM   104 C  CD2 . LEU A 1 14 ? -2.080  1.100   -2.006  1.00 13.19 ? 12  LEU A CD2 1 
ATOM   105 N  N   . ASP A 1 15 ? 2.576   0.251   -4.561  1.00 11.66 ? 13  ASP A N   1 
ATOM   106 C  CA  . ASP A 1 15 ? 3.521   -0.865  -4.844  1.00 13.63 ? 13  ASP A CA  1 
ATOM   107 C  C   . ASP A 1 15 ? 4.859   -0.669  -4.138  1.00 13.33 ? 13  ASP A C   1 
ATOM   108 O  O   . ASP A 1 15 ? 5.713   -1.559  -4.191  1.00 15.42 ? 13  ASP A O   1 
ATOM   109 C  CB  . ASP A 1 15 ? 3.717   -1.031  -6.352  1.00 15.47 ? 13  ASP A CB  1 
ATOM   110 C  CG  . ASP A 1 15 ? 2.509   -1.628  -7.044  1.00 20.31 ? 13  ASP A CG  1 
ATOM   111 O  OD1 . ASP A 1 15 ? 1.971   -2.664  -6.513  1.00 22.29 ? 13  ASP A OD1 1 
ATOM   112 O  OD2 . ASP A 1 15 ? 2.088   -1.080  -8.070  1.00 19.09 ? 13  ASP A OD2 1 
ATOM   113 N  N   . GLU A 1 16 ? 5.089   0.467   -3.466  1.00 11.16 ? 14  GLU A N   1 
ATOM   114 C  CA  . GLU A 1 16 ? 6.332   0.668   -2.715  1.00 11.63 ? 14  GLU A CA  1 
ATOM   115 C  C   . GLU A 1 16 ? 6.377   -0.207  -1.476  1.00 12.15 ? 14  GLU A C   1 
ATOM   116 O  O   . GLU A 1 16 ? 5.343   -0.459  -0.837  1.00 10.87 ? 14  GLU A O   1 
ATOM   117 C  CB  . GLU A 1 16 ? 6.464   2.137   -2.293  1.00 12.92 ? 14  GLU A CB  1 
ATOM   118 C  CG  . GLU A 1 16 ? 6.579   3.086   -3.458  1.00 14.13 ? 14  GLU A CG  1 
ATOM   119 C  CD  . GLU A 1 16 ? 7.953   3.149   -4.102  1.00 17.08 ? 14  GLU A CD  1 
ATOM   120 O  OE1 . GLU A 1 16 ? 8.747   2.205   -3.894  1.00 17.40 ? 14  GLU A OE1 1 
ATOM   121 O  OE2 . GLU A 1 16 ? 8.221   4.133   -4.812  1.00 17.08 ? 14  GLU A OE2 1 
ATOM   122 N  N   . PRO A 1 17 ? 7.589   -0.648  -1.046  1.00 11.33 ? 15  PRO A N   1 
ATOM   123 C  CA  . PRO A 1 17 ? 7.730   -1.337  0.216   1.00 10.89 ? 15  PRO A CA  1 
ATOM   124 C  C   . PRO A 1 17 ? 7.263   -0.492  1.396   1.00 10.84 ? 15  PRO A C   1 
ATOM   125 O  O   . PRO A 1 17 ? 7.586   0.676   1.455   1.00 11.29 ? 15  PRO A O   1 
ATOM   126 C  CB  . PRO A 1 17 ? 9.242   -1.607  0.331   1.00 12.64 ? 15  PRO A CB  1 
ATOM   127 C  CG  . PRO A 1 17 ? 9.708   -1.598  -1.088  1.00 14.13 ? 15  PRO A CG  1 
ATOM   128 C  CD  . PRO A 1 17 ? 8.863   -0.546  -1.772  1.00 12.49 ? 15  PRO A CD  1 
HETATM 129 N  N   . MSE A 1 18 ? 6.496   -1.072  2.285   1.00 11.11 ? 16  MSE A N   1 
HETATM 130 C  CA  . MSE A 1 18 ? 6.035   -0.415  3.519   1.00 10.75 ? 16  MSE A CA  1 
HETATM 131 C  C   . MSE A 1 18 ? 7.180   0.339   4.198   1.00 12.24 ? 16  MSE A C   1 
HETATM 132 O  O   . MSE A 1 18 ? 6.986   1.506   4.561   1.00 12.47 ? 16  MSE A O   1 
HETATM 133 C  CB  . MSE A 1 18 ? 5.451   -1.432  4.507   1.00 10.95 ? 16  MSE A CB  1 
HETATM 134 C  CG  . MSE A 1 18 ? 4.062   -1.875  4.119   1.00 10.92 ? 16  MSE A CG  1 
HETATM 135 SE SE  . MSE A 1 18 ? 2.674   -0.590  4.508   0.71 9.15  ? 16  MSE A SE  1 
HETATM 136 C  CE  . MSE A 1 18 ? 2.701   -0.739  6.459   1.00 14.32 ? 16  MSE A CE  1 
ATOM   137 N  N   . ASN A 1 19 ? 8.337   -0.297  4.333   1.00 11.84 ? 17  ASN A N   1 
ATOM   138 C  CA  . ASN A 1 19 ? 9.420   0.311   5.160   1.00 14.81 ? 17  ASN A CA  1 
ATOM   139 C  C   . ASN A 1 19 ? 10.187  1.359   4.357   1.00 15.68 ? 17  ASN A C   1 
ATOM   140 O  O   . ASN A 1 19 ? 11.006  2.073   4.981   1.00 20.00 ? 17  ASN A O   1 
ATOM   141 C  CB  . ASN A 1 19 ? 10.346  -0.772  5.698   1.00 16.33 ? 17  ASN A CB  1 
ATOM   142 C  CG  . ASN A 1 19 ? 11.152  -1.496  4.646   1.00 14.22 ? 17  ASN A CG  1 
ATOM   143 O  OD1 . ASN A 1 19 ? 10.888  -1.483  3.455   1.00 17.55 ? 17  ASN A OD1 1 
ATOM   144 N  ND2 . ASN A 1 19 ? 12.169  -2.213  5.140   1.00 21.56 ? 17  ASN A ND2 1 
ATOM   145 N  N   . LYS A 1 20 ? 9.977   1.479   3.065   1.00 13.20 ? 18  LYS A N   1 
ATOM   146 C  CA  . LYS A 1 20 ? 10.550  2.600   2.294   1.00 13.05 ? 18  LYS A CA  1 
ATOM   147 C  C   . LYS A 1 20 ? 9.718   3.865   2.554   1.00 14.49 ? 18  LYS A C   1 
ATOM   148 O  O   . LYS A 1 20 ? 10.287  4.964   2.802   1.00 16.48 ? 18  LYS A O   1 
ATOM   149 C  CB  . LYS A 1 20 ? 10.580  2.286   0.803   1.00 14.19 ? 18  LYS A CB  1 
ATOM   150 C  CG  . LYS A 1 20 ? 10.978  3.431   -0.114  1.00 17.99 ? 18  LYS A CG  1 
ATOM   151 C  CD  . LYS A 1 20 ? 11.182  3.025   -1.554  1.00 20.49 ? 18  LYS A CD  1 
ATOM   152 C  CE  . LYS A 1 20 ? 11.327  4.207   -2.490  1.00 20.67 ? 18  LYS A CE  1 
ATOM   153 N  NZ  . LYS A 1 20 ? 11.749  3.835   -3.869  1.00 24.08 ? 18  LYS A NZ  1 
ATOM   154 N  N   . VAL A 1 21 ? 8.398   3.776   2.513   1.00 13.70 ? 19  VAL A N   1 
ATOM   155 C  CA  . VAL A 1 21 ? 7.589   5.036   2.595   1.00 14.07 ? 19  VAL A CA  1 
ATOM   156 C  C   . VAL A 1 21 ? 7.119   5.319   4.018   1.00 14.89 ? 19  VAL A C   1 
ATOM   157 O  O   . VAL A 1 21 ? 6.663   6.482   4.264   1.00 15.27 ? 19  VAL A O   1 
ATOM   158 C  CB  . VAL A 1 21 ? 6.409   5.022   1.630   1.00 13.91 ? 19  VAL A CB  1 
ATOM   159 C  CG1 . VAL A 1 21 ? 6.884   5.066   0.173   1.00 15.54 ? 19  VAL A CG1 1 
ATOM   160 C  CG2 . VAL A 1 21 ? 5.517   3.819   1.859   1.00 13.56 ? 19  VAL A CG2 1 
ATOM   161 N  N   . PHE A 1 22 ? 7.108   4.343   4.909   1.00 13.47 ? 20  PHE A N   1 
ATOM   162 C  CA  . PHE A 1 22 ? 6.623   4.564   6.290   1.00 13.36 ? 20  PHE A CA  1 
ATOM   163 C  C   . PHE A 1 22 ? 7.695   4.226   7.307   1.00 16.19 ? 20  PHE A C   1 
ATOM   164 O  O   . PHE A 1 22 ? 8.046   3.053   7.463   1.00 16.74 ? 20  PHE A O   1 
ATOM   165 C  CB  . PHE A 1 22 ? 5.383   3.742   6.588   1.00 14.37 ? 20  PHE A CB  1 
ATOM   166 C  CG  . PHE A 1 22 ? 4.215   4.044   5.694   1.00 14.11 ? 20  PHE A CG  1 
ATOM   167 C  CD1 . PHE A 1 22 ? 3.814   5.360   5.452   1.00 15.12 ? 20  PHE A CD1 1 
ATOM   168 C  CD2 . PHE A 1 22 ? 3.501   3.033   5.081   1.00 13.26 ? 20  PHE A CD2 1 
ATOM   169 C  CE1 . PHE A 1 22 ? 2.722   5.632   4.658   1.00 14.32 ? 20  PHE A CE1 1 
ATOM   170 C  CE2 . PHE A 1 22 ? 2.407   3.306   4.298   1.00 13.20 ? 20  PHE A CE2 1 
ATOM   171 C  CZ  . PHE A 1 22 ? 2.016   4.619   4.076   1.00 13.11 ? 20  PHE A CZ  1 
ATOM   172 N  N   . ASP A 1 23 ? 8.177   5.227   8.048   1.00 17.70 ? 21  ASP A N   1 
ATOM   173 C  CA  . ASP A 1 23 ? 9.288   4.975   8.985   1.00 19.78 ? 21  ASP A CA  1 
ATOM   174 C  C   . ASP A 1 23 ? 8.822   4.134   10.173  1.00 17.67 ? 21  ASP A C   1 
ATOM   175 O  O   . ASP A 1 23 ? 9.644   3.471   10.818  1.00 19.74 ? 21  ASP A O   1 
ATOM   176 C  CB  . ASP A 1 23 ? 9.911   6.297   9.438   1.00 20.60 ? 21  ASP A CB  1 
ATOM   177 C  CG  . ASP A 1 23 ? 8.976   7.257   10.163  1.00 25.84 ? 21  ASP A CG  1 
ATOM   178 O  OD1 . ASP A 1 23 ? 7.744   7.099   10.071  1.00 26.12 ? 21  ASP A OD1 1 
ATOM   179 O  OD2 . ASP A 1 23 ? 9.479   8.191   10.817  1.00 23.48 ? 21  ASP A OD2 1 
ATOM   180 N  N   . TRP A 1 24 ? 7.516   4.060   10.407  1.00 16.88 ? 22  TRP A N   1 
ATOM   181 C  CA  . TRP A 1 24 ? 6.931   3.298   11.528  1.00 17.17 ? 22  TRP A CA  1 
ATOM   182 C  C   . TRP A 1 24 ? 6.749   1.812   11.188  1.00 17.27 ? 22  TRP A C   1 
ATOM   183 O  O   . TRP A 1 24 ? 6.315   1.045   12.062  1.00 17.92 ? 22  TRP A O   1 
ATOM   184 C  CB  . TRP A 1 24 ? 5.593   3.907   11.980  1.00 19.60 ? 22  TRP A CB  1 
ATOM   185 C  CG  . TRP A 1 24 ? 4.646   4.275   10.890  1.00 18.92 ? 22  TRP A CG  1 
ATOM   186 C  CD1 . TRP A 1 24 ? 4.505   5.490   10.290  1.00 18.17 ? 22  TRP A CD1 1 
ATOM   187 C  CD2 . TRP A 1 24 ? 3.706   3.399   10.234  1.00 15.56 ? 22  TRP A CD2 1 
ATOM   188 N  NE1 . TRP A 1 24 ? 3.542   5.446   9.327   1.00 18.39 ? 22  TRP A NE1 1 
ATOM   189 C  CE2 . TRP A 1 24 ? 3.042   4.171   9.250   1.00 16.27 ? 22  TRP A CE2 1 
ATOM   190 C  CE3 . TRP A 1 24 ? 3.385   2.046   10.355  1.00 17.41 ? 22  TRP A CE3 1 
ATOM   191 C  CZ2 . TRP A 1 24 ? 2.042   3.644   8.441   1.00 16.91 ? 22  TRP A CZ2 1 
ATOM   192 C  CZ3 . TRP A 1 24 ? 2.395   1.518   9.545   1.00 15.95 ? 22  TRP A CZ3 1 
ATOM   193 C  CH2 . TRP A 1 24 ? 1.728   2.319   8.611   1.00 14.79 ? 22  TRP A CH2 1 
ATOM   194 N  N   . SER A 1 25 ? 7.020   1.407   9.945   1.00 17.13 ? 23  SER A N   1 
ATOM   195 C  CA  . SER A 1 25 ? 6.821   -0.026  9.581   1.00 15.74 ? 23  SER A CA  1 
ATOM   196 C  C   . SER A 1 25 ? 8.143   -0.708  9.273   1.00 16.17 ? 23  SER A C   1 
ATOM   197 O  O   . SER A 1 25 ? 8.994   -0.139  8.593   1.00 15.42 ? 23  SER A O   1 
ATOM   198 C  CB  . SER A 1 25 ? 5.863   -0.165  8.400   1.00 15.83 ? 23  SER A CB  1 
ATOM   199 O  OG  . SER A 1 25 ? 5.849   -1.517  7.920   1.00 16.50 ? 23  SER A OG  1 
ATOM   200 N  N   . ASN A 1 26 ? 8.262   -1.978  9.697   1.00 18.78 ? 24  ASN A N   1 
ATOM   201 C  CA  . ASN A 1 26 ? 9.481   -2.761  9.396   1.00 20.46 ? 24  ASN A CA  1 
ATOM   202 C  C   . ASN A 1 26 ? 9.221   -3.759  8.257   1.00 19.84 ? 24  ASN A C   1 
ATOM   203 O  O   . ASN A 1 26 ? 10.143  -4.503  7.857   1.00 18.39 ? 24  ASN A O   1 
ATOM   204 C  CB  . ASN A 1 26 ? 9.962   -3.488  10.666  1.00 23.29 ? 24  ASN A CB  1 
ATOM   205 C  CG  . ASN A 1 26 ? 11.322  -4.136  10.500  1.00 28.46 ? 24  ASN A CG  1 
ATOM   206 O  OD1 . ASN A 1 26 ? 12.247  -3.514  9.966   1.00 30.11 ? 24  ASN A OD1 1 
ATOM   207 N  ND2 . ASN A 1 26 ? 11.465  -5.378  10.973  1.00 31.68 ? 24  ASN A ND2 1 
ATOM   208 N  N   . SER A 1 27 ? 7.999   -3.802  7.740   1.00 15.27 ? 25  SER A N   1 
ATOM   209 C  CA  . SER A 1 27 ? 7.671   -4.776  6.678   1.00 14.06 ? 25  SER A CA  1 
ATOM   210 C  C   . SER A 1 27 ? 8.311   -4.365  5.357   1.00 14.55 ? 25  SER A C   1 
ATOM   211 O  O   . SER A 1 27 ? 8.299   -3.174  4.980   1.00 14.89 ? 25  SER A O   1 
ATOM   212 C  CB  . SER A 1 27 ? 6.165   -4.904  6.510   1.00 12.66 ? 25  SER A CB  1 
ATOM   213 O  OG  . SER A 1 27 ? 5.878   -5.641  5.331   1.00 12.67 ? 25  SER A OG  1 
ATOM   214 N  N   . GLU A 1 28 ? 8.711   -5.347  4.574   1.00 12.60 ? 26  GLU A N   1 
ATOM   215 C  CA  . GLU A 1 28 ? 9.302   -5.118  3.243   1.00 13.16 ? 26  GLU A CA  1 
ATOM   216 C  C   . GLU A 1 28 ? 8.267   -5.377  2.132   1.00 11.77 ? 26  GLU A C   1 
ATOM   217 O  O   . GLU A 1 28 ? 8.582   -5.214  0.930   1.00 13.30 ? 26  GLU A O   1 
ATOM   218 C  CB  . GLU A 1 28 ? 10.537  -5.990  3.048   1.00 16.47 ? 26  GLU A CB  1 
ATOM   219 C  CG  . GLU A 1 28 ? 11.619  -5.732  4.094   1.00 17.77 ? 26  GLU A CG  1 
ATOM   220 C  CD  . GLU A 1 28 ? 12.894  -6.555  3.939   1.00 22.16 ? 26  GLU A CD  1 
ATOM   221 O  OE1 . GLU A 1 28 ? 12.970  -7.321  3.004   1.00 18.32 ? 26  GLU A OE1 1 
ATOM   222 O  OE2 . GLU A 1 28 ? 13.840  -6.360  4.778   1.00 23.86 ? 26  GLU A OE2 1 
ATOM   223 N  N   . ALA A 1 29 ? 7.031   -5.693  2.508   1.00 11.24 ? 27  ALA A N   1 
ATOM   224 C  CA  . ALA A 1 29 ? 5.951   -5.959  1.515   1.00 11.42 ? 27  ALA A CA  1 
ATOM   225 C  C   . ALA A 1 29 ? 5.436   -4.645  0.922   1.00 10.31 ? 27  ALA A C   1 
ATOM   226 O  O   . ALA A 1 29 ? 5.470   -3.608  1.593   1.00 11.38 ? 27  ALA A O   1 
ATOM   227 C  CB  . ALA A 1 29 ? 4.791   -6.673  2.161   1.00 10.96 ? 27  ALA A CB  1 
ATOM   228 N  N   . PRO A 1 30 ? 4.889   -4.682  -0.306  1.00 10.85 ? 28  PRO A N   1 
ATOM   229 C  CA  . PRO A 1 30 ? 4.234   -3.510  -0.874  1.00 11.27 ? 28  PRO A CA  1 
ATOM   230 C  C   . PRO A 1 30 ? 3.093   -3.050  0.034   1.00 9.36  ? 28  PRO A C   1 
ATOM   231 O  O   . PRO A 1 30 ? 2.424   -3.859  0.668   1.00 9.52  ? 28  PRO A O   1 
ATOM   232 C  CB  . PRO A 1 30 ? 3.682   -4.010  -2.219  1.00 13.55 ? 28  PRO A CB  1 
ATOM   233 C  CG  . PRO A 1 30 ? 4.563   -5.195  -2.544  1.00 14.05 ? 28  PRO A CG  1 
ATOM   234 C  CD  . PRO A 1 30 ? 4.833   -5.833  -1.219  1.00 11.52 ? 28  PRO A CD  1 
ATOM   235 N  N   . VAL A 1 31 ? 2.887   -1.735  0.086   1.00 10.24 ? 29  VAL A N   1 
ATOM   236 C  CA  . VAL A 1 31 ? 1.769   -1.138  0.861   1.00 9.70  ? 29  VAL A CA  1 
ATOM   237 C  C   . VAL A 1 31 ? 0.474   -1.887  0.561   1.00 9.36  ? 29  VAL A C   1 
ATOM   238 O  O   . VAL A 1 31 ? -0.265  -2.200  1.493   1.00 9.01  ? 29  VAL A O   1 
ATOM   239 C  CB  . VAL A 1 31 ? 1.650   0.367   0.548   1.00 9.59  ? 29  VAL A CB  1 
ATOM   240 C  CG1 . VAL A 1 31 ? 0.505   0.995   1.291   1.00 9.16  ? 29  VAL A CG1 1 
ATOM   241 C  CG2 . VAL A 1 31 ? 2.927   1.092   0.916   1.00 10.33 ? 29  VAL A CG2 1 
ATOM   242 N  N   . ARG A 1 32 ? 0.174   -2.146  -0.701  1.00 8.97  ? 30  ARG A N   1 
ATOM   243 C  CA  . ARG A 1 32 ? -1.132  -2.752  -1.039  1.00 10.78 ? 30  ARG A CA  1 
ATOM   244 C  C   . ARG A 1 32 ? -1.250  -4.150  -0.418  1.00 9.64  ? 30  ARG A C   1 
ATOM   245 O  O   . ARG A 1 32 ? -2.359  -4.573  -0.100  1.00 11.13 ? 30  ARG A O   1 
ATOM   246 C  CB  . ARG A 1 32 ? -1.320  -2.813  -2.563  1.00 14.48 ? 30  ARG A CB  1 
ATOM   247 C  CG  . ARG A 1 32 ? -0.415  -3.781  -3.288  1.00 16.14 ? 30  ARG A CG  1 
ATOM   248 C  CD  . ARG A 1 32 ? -0.912  -4.040  -4.712  1.00 19.74 ? 30  ARG A CD  1 
ATOM   249 N  NE  . ARG A 1 32 ? -0.573  -2.942  -5.589  1.00 22.81 ? 30  ARG A NE  1 
ATOM   250 C  CZ  . ARG A 1 32 ? -1.428  -2.170  -6.271  1.00 21.52 ? 30  ARG A CZ  1 
ATOM   251 N  NH1 . ARG A 1 32 ? -2.739  -2.347  -6.169  1.00 27.83 ? 30  ARG A NH1 1 
ATOM   252 N  NH2 . ARG A 1 32 ? -0.962  -1.211  -7.052  1.00 25.63 ? 30  ARG A NH2 1 
ATOM   253 N  N   . ASP A 1 33 ? -0.147  -4.850  -0.204  1.00 8.76  ? 31  ASP A N   1 
ATOM   254 C  CA  . ASP A 1 33 ? -0.202  -6.200  0.414   1.00 9.66  ? 31  ASP A CA  1 
ATOM   255 C  C   . ASP A 1 33 ? -0.400  -6.125  1.921   1.00 8.37  ? 31  ASP A C   1 
ATOM   256 O  O   . ASP A 1 33 ? -1.069  -6.987  2.518   1.00 9.98  ? 31  ASP A O   1 
ATOM   257 C  CB  . ASP A 1 33 ? 1.002   -7.033  0.041   1.00 11.00 ? 31  ASP A CB  1 
ATOM   258 C  CG  . ASP A 1 33 ? 1.048   -7.415  -1.421  1.00 12.29 ? 31  ASP A CG  1 
ATOM   259 O  OD1 . ASP A 1 33 ? -0.001  -7.371  -2.069  1.00 14.99 ? 31  ASP A OD1 1 
ATOM   260 O  OD2 . ASP A 1 33 ? 2.144   -7.725  -1.888  1.00 13.53 ? 31  ASP A OD2 1 
ATOM   261 N  N   . ALA A 1 34 ? 0.142   -5.090  2.564   1.00 8.14  ? 32  ALA A N   1 
ATOM   262 C  CA  . ALA A 1 34 ? -0.092  -4.853  3.993   1.00 8.68  ? 32  ALA A CA  1 
ATOM   263 C  C   . ALA A 1 34 ? -1.538  -4.468  4.253   1.00 9.69  ? 32  ALA A C   1 
ATOM   264 O  O   . ALA A 1 34 ? -2.176  -4.966  5.225   1.00 9.69  ? 32  ALA A O   1 
ATOM   265 C  CB  . ALA A 1 34 ? 0.863   -3.793  4.496   1.00 9.34  ? 32  ALA A CB  1 
ATOM   266 N  N   . LEU A 1 35 ? -2.111  -3.643  3.373   1.00 9.48  ? 33  LEU A N   1 
ATOM   267 C  CA  . LEU A 1 35 ? -3.516  -3.278  3.520   1.00 9.07  ? 33  LEU A CA  1 
ATOM   268 C  C   . LEU A 1 35 ? -4.397  -4.512  3.282   1.00 9.00  ? 33  LEU A C   1 
ATOM   269 O  O   . LEU A 1 35 ? -5.368  -4.735  4.001   1.00 10.46 ? 33  LEU A O   1 
ATOM   270 C  CB  . LEU A 1 35 ? -3.849  -2.148  2.552   1.00 8.61  ? 33  LEU A CB  1 
ATOM   271 C  CG  . LEU A 1 35 ? -3.267  -0.787  2.910   1.00 9.75  ? 33  LEU A CG  1 
ATOM   272 C  CD1 . LEU A 1 35 ? -3.474  0.178   1.771   1.00 9.72  ? 33  LEU A CD1 1 
ATOM   273 C  CD2 . LEU A 1 35 ? -3.918  -0.279  4.192   1.00 10.37 ? 33  LEU A CD2 1 
ATOM   274 N  N   . TRP A 1 36 ? -4.047  -5.298  2.289   1.00 8.97  ? 34  TRP A N   1 
ATOM   275 C  CA  . TRP A 1 36 ? -4.809  -6.525  1.963   1.00 10.20 ? 34  TRP A CA  1 
ATOM   276 C  C   . TRP A 1 36 ? -4.832  -7.428  3.203   1.00 10.43 ? 34  TRP A C   1 
ATOM   277 O  O   . TRP A 1 36 ? -5.891  -7.932  3.534   1.00 11.05 ? 34  TRP A O   1 
ATOM   278 C  CB  . TRP A 1 36 ? -4.150  -7.244  0.816   1.00 10.35 ? 34  TRP A CB  1 
ATOM   279 C  CG  . TRP A 1 36 ? -4.737  -8.571  0.427   1.00 10.61 ? 34  TRP A CG  1 
ATOM   280 C  CD1 . TRP A 1 36 ? -5.712  -8.794  -0.481  1.00 11.20 ? 34  TRP A CD1 1 
ATOM   281 C  CD2 . TRP A 1 36 ? -4.333  -9.854  0.925   1.00 11.05 ? 34  TRP A CD2 1 
ATOM   282 N  NE1 . TRP A 1 36 ? -5.960  -10.144 -0.587  1.00 13.92 ? 34  TRP A NE1 1 
ATOM   283 C  CE2 . TRP A 1 36 ? -5.119  -10.813 0.258   1.00 13.49 ? 34  TRP A CE2 1 
ATOM   284 C  CE3 . TRP A 1 36 ? -3.369  -10.290 1.859   1.00 11.79 ? 34  TRP A CE3 1 
ATOM   285 C  CZ2 . TRP A 1 36 ? -4.975  -12.184 0.499   1.00 13.82 ? 34  TRP A CZ2 1 
ATOM   286 C  CZ3 . TRP A 1 36 ? -3.231  -11.637 2.092   1.00 14.77 ? 34  TRP A CZ3 1 
ATOM   287 C  CH2 . TRP A 1 36 ? -4.010  -12.569 1.403   1.00 14.42 ? 34  TRP A CH2 1 
ATOM   288 N  N   . ASP A 1 37 ? -3.709  -7.603  3.879   1.00 9.73  ? 35  ASP A N   1 
ATOM   289 C  CA  . ASP A 1 37 ? -3.693  -8.507  5.043   1.00 10.95 ? 35  ASP A CA  1 
ATOM   290 C  C   . ASP A 1 37 ? -4.574  -7.954  6.156   1.00 12.21 ? 35  ASP A C   1 
ATOM   291 O  O   . ASP A 1 37 ? -5.196  -8.737  6.878   1.00 12.37 ? 35  ASP A O   1 
ATOM   292 C  CB  . ASP A 1 37 ? -2.278  -8.785  5.573   1.00 11.30 ? 35  ASP A CB  1 
ATOM   293 C  CG  . ASP A 1 37 ? -2.285  -9.947  6.596   1.00 12.99 ? 35  ASP A CG  1 
ATOM   294 O  OD1 . ASP A 1 37 ? -2.748  -10.982 6.217   1.00 19.11 ? 35  ASP A OD1 1 
ATOM   295 O  OD2 . ASP A 1 37 ? -1.852  -9.731  7.678   1.00 19.92 ? 35  ASP A OD2 1 
ATOM   296 N  N   . TYR A 1 38 ? -4.568  -6.646  6.385   1.00 11.20 ? 36  TYR A N   1 
ATOM   297 C  CA  . TYR A 1 38 ? -5.459  -6.059  7.391   1.00 11.35 ? 36  TYR A CA  1 
ATOM   298 C  C   . TYR A 1 38 ? -6.927  -6.437  7.117   1.00 11.46 ? 36  TYR A C   1 
ATOM   299 O  O   . TYR A 1 38 ? -7.653  -6.873  8.006   1.00 13.34 ? 36  TYR A O   1 
ATOM   300 C  CB  . TYR A 1 38 ? -5.317  -4.530  7.456   1.00 12.10 ? 36  TYR A CB  1 
ATOM   301 C  CG  . TYR A 1 38 ? -6.445  -3.885  8.220   1.00 13.23 ? 36  TYR A CG  1 
ATOM   302 C  CD1 . TYR A 1 38 ? -6.466  -3.890  9.610   1.00 13.92 ? 36  TYR A CD1 1 
ATOM   303 C  CD2 . TYR A 1 38 ? -7.522  -3.311  7.549   1.00 14.19 ? 36  TYR A CD2 1 
ATOM   304 C  CE1 . TYR A 1 38 ? -7.530  -3.334  10.312  1.00 14.98 ? 36  TYR A CE1 1 
ATOM   305 C  CE2 . TYR A 1 38 ? -8.572  -2.749  8.244   1.00 16.17 ? 36  TYR A CE2 1 
ATOM   306 C  CZ  . TYR A 1 38 ? -8.574  -2.779  9.617   1.00 17.58 ? 36  TYR A CZ  1 
ATOM   307 O  OH  . TYR A 1 38 ? -9.662  -2.241  10.274  1.00 22.10 ? 36  TYR A OH  1 
ATOM   308 N  N   . TYR A 1 39 ? -7.371  -6.299  5.878   1.00 11.97 ? 37  TYR A N   1 
ATOM   309 C  CA  . TYR A 1 39 ? -8.771  -6.586  5.521   1.00 11.88 ? 37  TYR A CA  1 
ATOM   310 C  C   . TYR A 1 39 ? -9.013  -8.093  5.582   1.00 12.09 ? 37  TYR A C   1 
ATOM   311 O  O   . TYR A 1 39 ? -10.056 -8.499  6.051   1.00 13.72 ? 37  TYR A O   1 
ATOM   312 C  CB  . TYR A 1 39 ? -9.140  -5.998  4.160   1.00 10.98 ? 37  TYR A CB  1 
ATOM   313 C  CG  . TYR A 1 39 ? -9.324  -4.512  4.235   1.00 11.55 ? 37  TYR A CG  1 
ATOM   314 C  CD1 . TYR A 1 39 ? -10.405 -3.976  4.910   1.00 13.04 ? 37  TYR A CD1 1 
ATOM   315 C  CD2 . TYR A 1 39 ? -8.391  -3.644  3.683   1.00 13.28 ? 37  TYR A CD2 1 
ATOM   316 C  CE1 . TYR A 1 39 ? -10.546 -2.600  5.051   1.00 13.91 ? 37  TYR A CE1 1 
ATOM   317 C  CE2 . TYR A 1 39 ? -8.533  -2.273  3.796   1.00 13.97 ? 37  TYR A CE2 1 
ATOM   318 C  CZ  . TYR A 1 39 ? -9.617  -1.755  4.475   1.00 14.39 ? 37  TYR A CZ  1 
ATOM   319 O  OH  . TYR A 1 39 ? -9.736  -0.403  4.597   1.00 19.46 ? 37  TYR A OH  1 
HETATM 320 N  N   . MSE A 1 40 ? -8.044  -8.899  5.176   1.00 11.22 ? 38  MSE A N   1 
HETATM 321 C  CA  . MSE A 1 40 ? -8.207  -10.370 5.265   1.00 11.67 ? 38  MSE A CA  1 
HETATM 322 C  C   . MSE A 1 40 ? -8.435  -10.770 6.734   1.00 12.59 ? 38  MSE A C   1 
HETATM 323 O  O   . MSE A 1 40 ? -9.366  -11.568 7.015   1.00 12.85 ? 38  MSE A O   1 
HETATM 324 C  CB  . MSE A 1 40 ? -6.985  -11.089 4.705   1.00 11.42 ? 38  MSE A CB  1 
HETATM 325 C  CG  . MSE A 1 40 ? -6.940  -11.125 3.234   1.00 10.66 ? 38  MSE A CG  1 
HETATM 326 SE SE  . MSE A 1 40 ? -8.279  -12.384 2.500   0.71 10.05 ? 38  MSE A SE  1 
HETATM 327 C  CE  . MSE A 1 40 ? -7.273  -14.095 2.678   1.00 10.95 ? 38  MSE A CE  1 
ATOM   328 N  N   . GLU A 1 41 ? -7.661  -10.229 7.649   1.00 12.81 ? 39  GLU A N   1 
ATOM   329 C  CA  . GLU A 1 41 ? -7.746  -10.651 9.059   1.00 13.71 ? 39  GLU A CA  1 
ATOM   330 C  C   . GLU A 1 41 ? -9.084  -10.164 9.617   1.00 15.04 ? 39  GLU A C   1 
ATOM   331 O  O   . GLU A 1 41 ? -9.727  -10.892 10.392  1.00 18.58 ? 39  GLU A O   1 
ATOM   332 C  CB  . GLU A 1 41 ? -6.574  -10.168 9.873   1.00 15.46 ? 39  GLU A CB  1 
ATOM   333 C  CG  . GLU A 1 41 ? -5.218  -10.662 9.420   1.00 16.78 ? 39  GLU A CG  1 
ATOM   334 C  CD  . GLU A 1 41 ? -5.000  -12.145 9.442   1.00 21.13 ? 39  GLU A CD  1 
ATOM   335 O  OE1 . GLU A 1 41 ? -5.926  -12.883 9.838   1.00 22.61 ? 39  GLU A OE1 1 
ATOM   336 O  OE2 . GLU A 1 41 ? -3.881  -12.607 9.081   1.00 17.94 ? 39  GLU A OE2 1 
ATOM   337 N  N   . LYS A 1 42 ? -9.506  -8.991  9.205   1.00 14.64 ? 40  LYS A N   1 
ATOM   338 C  CA  . LYS A 1 42 ? -10.801 -8.425  9.646   1.00 17.37 ? 40  LYS A CA  1 
ATOM   339 C  C   . LYS A 1 42 ? -11.930 -9.332  9.164   1.00 16.96 ? 40  LYS A C   1 
ATOM   340 O  O   . LYS A 1 42 ? -12.950 -9.501  9.907   1.00 19.84 ? 40  LYS A O   1 
ATOM   341 C  CB  . LYS A 1 42 ? -10.960 -6.999  9.135   1.00 18.58 ? 40  LYS A CB  1 
ATOM   342 C  CG  . LYS A 1 42 ? -12.230 -6.306  9.621   1.00 20.43 ? 40  LYS A CG  1 
ATOM   343 C  CD  . LYS A 1 42 ? -12.357 -4.914  9.074   1.00 20.77 ? 40  LYS A CD  1 
ATOM   344 C  CE  . LYS A 1 42 ? -12.709 -4.831  7.607   1.00 22.42 ? 40  LYS A CE  1 
ATOM   345 N  NZ  . LYS A 1 42 ? -14.057 -5.375  7.323   1.00 26.11 ? 40  LYS A NZ  1 
ATOM   346 N  N   . ASN A 1 43 ? -11.779 -9.912  7.985   1.00 16.07 ? 41  ASN A N   1 
ATOM   347 C  CA  . ASN A 1 43 ? -12.831 -10.704 7.313   1.00 15.91 ? 41  ASN A CA  1 
ATOM   348 C  C   . ASN A 1 43 ? -12.617 -12.211 7.475   1.00 18.02 ? 41  ASN A C   1 
ATOM   349 O  O   . ASN A 1 43 ? -13.152 -12.975 6.667   1.00 17.40 ? 41  ASN A O   1 
ATOM   350 C  CB  . ASN A 1 43 ? -12.857 -10.331 5.845   1.00 16.78 ? 41  ASN A CB  1 
ATOM   351 C  CG  . ASN A 1 43 ? -13.299 -8.906  5.641   1.00 17.58 ? 41  ASN A CG  1 
ATOM   352 O  OD1 . ASN A 1 43 ? -14.097 -8.392  6.424   1.00 21.68 ? 41  ASN A OD1 1 
ATOM   353 N  ND2 . ASN A 1 43 ? -12.750 -8.279  4.610   1.00 17.45 ? 41  ASN A ND2 1 
ATOM   354 N  N   . SER A 1 44 ? -11.857 -12.635 8.457   1.00 17.24 ? 42  SER A N   1 
ATOM   355 C  CA  . SER A 1 44 ? -11.616 -14.096 8.671   1.00 18.77 ? 42  SER A CA  1 
ATOM   356 C  C   . SER A 1 44 ? -11.148 -14.770 7.376   1.00 18.89 ? 42  SER A C   1 
ATOM   357 O  O   . SER A 1 44 ? -11.538 -15.915 7.088   1.00 18.96 ? 42  SER A O   1 
ATOM   358 C  CB  . SER A 1 44 ? -12.854 -14.733 9.218   1.00 20.43 ? 42  SER A CB  1 
ATOM   359 O  OG  . SER A 1 44 ? -13.138 -14.153 10.481  1.00 21.76 ? 42  SER A OG  1 
ATOM   360 N  N   . ARG A 1 45 ? -10.313 -14.076 6.609   1.00 15.39 ? 43  ARG A N   1 
ATOM   361 C  CA  . ARG A 1 45 ? -9.643  -14.581 5.387   1.00 14.71 ? 43  ARG A CA  1 
ATOM   362 C  C   . ARG A 1 45 ? -10.636 -14.925 4.279   1.00 15.44 ? 43  ARG A C   1 
ATOM   363 O  O   . ARG A 1 45 ? -10.319 -15.772 3.405   1.00 16.56 ? 43  ARG A O   1 
ATOM   364 C  CB  . ARG A 1 45 ? -8.703  -15.736 5.749   1.00 15.50 ? 43  ARG A CB  1 
ATOM   365 C  CG  . ARG A 1 45 ? -7.434  -15.223 6.396   1.00 18.14 ? 43  ARG A CG  1 
ATOM   366 C  CD  . ARG A 1 45 ? -6.514  -16.321 6.915   1.00 19.35 ? 43  ARG A CD  1 
ATOM   367 N  NE  . ARG A 1 45 ? -5.405  -15.699 7.585   1.00 20.45 ? 43  ARG A NE  1 
ATOM   368 C  CZ  . ARG A 1 45 ? -4.562  -16.272 8.440   1.00 15.26 ? 43  ARG A CZ  1 
ATOM   369 N  NH1 . ARG A 1 45 ? -4.676  -17.547 8.746   1.00 15.82 ? 43  ARG A NH1 1 
ATOM   370 N  NH2 . ARG A 1 45 ? -3.592  -15.558 8.967   1.00 16.84 ? 43  ARG A NH2 1 
ATOM   371 N  N   . ASP A 1 46 ? -11.778 -14.244 4.254   1.00 15.32 ? 44  ASP A N   1 
ATOM   372 C  CA  . ASP A 1 46 ? -12.665 -14.229 3.077   1.00 15.96 ? 44  ASP A CA  1 
ATOM   373 C  C   . ASP A 1 46 ? -12.141 -13.309 1.976   1.00 15.92 ? 44  ASP A C   1 
ATOM   374 O  O   . ASP A 1 46 ? -12.179 -12.076 2.148   1.00 16.67 ? 44  ASP A O   1 
ATOM   375 C  CB  . ASP A 1 46 ? -14.057 -13.783 3.459   1.00 16.81 ? 44  ASP A CB  1 
ATOM   376 C  CG  . ASP A 1 46 ? -14.941 -13.646 2.229   1.00 19.11 ? 44  ASP A CG  1 
ATOM   377 O  OD1 . ASP A 1 46 ? -14.670 -14.364 1.221   1.00 21.58 ? 44  ASP A OD1 1 
ATOM   378 O  OD2 . ASP A 1 46 ? -15.858 -12.836 2.286   1.00 23.60 ? 44  ASP A OD2 1 
ATOM   379 N  N   . THR A 1 47 ? -11.643 -13.856 0.881   1.00 15.29 ? 45  THR A N   1 
ATOM   380 C  CA  . THR A 1 47 ? -11.086 -13.040 -0.201  1.00 15.80 ? 45  THR A CA  1 
ATOM   381 C  C   . THR A 1 47 ? -12.164 -12.215 -0.910  1.00 15.48 ? 45  THR A C   1 
ATOM   382 O  O   . THR A 1 47 ? -11.802 -11.176 -1.548  1.00 14.99 ? 45  THR A O   1 
ATOM   383 C  CB  . THR A 1 47 ? -10.305 -13.871 -1.223  1.00 17.62 ? 45  THR A CB  1 
ATOM   384 O  OG1 . THR A 1 47 ? -11.178 -14.863 -1.766  1.00 19.72 ? 45  THR A OG1 1 
ATOM   385 C  CG2 . THR A 1 47 ? -9.070  -14.490 -0.607  1.00 18.11 ? 45  THR A CG2 1 
ATOM   386 N  N   . ILE A 1 48 ? -13.398 -12.676 -0.942  1.00 15.90 ? 46  ILE A N   1 
ATOM   387 C  CA  . ILE A 1 48 ? -14.473 -11.961 -1.698  1.00 15.62 ? 46  ILE A CA  1 
ATOM   388 C  C   . ILE A 1 48 ? -14.756 -10.600 -1.038  1.00 13.40 ? 46  ILE A C   1 
ATOM   389 O  O   . ILE A 1 48 ? -14.682 -9.570  -1.750  1.00 12.35 ? 46  ILE A O   1 
ATOM   390 C  CB  . ILE A 1 48 ? -15.724 -12.842 -1.765  1.00 17.39 ? 46  ILE A CB  1 
ATOM   391 C  CG1 . ILE A 1 48 ? -15.417 -14.099 -2.564  1.00 18.52 ? 46  ILE A CG1 1 
ATOM   392 C  CG2 . ILE A 1 48 ? -16.897 -12.088 -2.372  1.00 17.38 ? 46  ILE A CG2 1 
ATOM   393 C  CD1 . ILE A 1 48 ? -16.576 -15.079 -2.559  1.00 19.12 ? 46  ILE A CD1 1 
ATOM   394 N  N   . LYS A 1 49 ? -15.013 -10.582 0.259   1.00 13.42 ? 47  LYS A N   1 
ATOM   395 C  CA  . LYS A 1 49 ? -15.261 -9.312  0.978   1.00 13.64 ? 47  LYS A CA  1 
ATOM   396 C  C   . LYS A 1 49 ? -13.976 -8.485  0.928   1.00 14.03 ? 47  LYS A C   1 
ATOM   397 O  O   . LYS A 1 49 ? -14.033 -7.257  0.745   1.00 14.33 ? 47  LYS A O   1 
ATOM   398 C  CB  . LYS A 1 49 ? -15.720 -9.555  2.412   1.00 15.01 ? 47  LYS A CB  1 
ATOM   399 C  CG  . LYS A 1 49 ? -16.007 -8.293  3.218   1.00 17.62 ? 47  LYS A CG  1 
ATOM   400 C  CD  . LYS A 1 49 ? -17.002 -7.369  2.572   1.00 19.80 ? 47  LYS A CD  1 
ATOM   401 C  CE  . LYS A 1 49 ? -18.400 -7.949  2.526   1.00 21.16 ? 47  LYS A CE  1 
ATOM   402 N  NZ  . LYS A 1 49 ? -19.428 -6.907  2.220   1.00 24.51 ? 47  LYS A NZ  1 
ATOM   403 N  N   . THR A 1 50 ? -12.847 -9.130  1.093   1.00 12.05 ? 48  THR A N   1 
ATOM   404 C  CA  . THR A 1 50 ? -11.560 -8.408  1.052   1.00 11.40 ? 48  THR A CA  1 
ATOM   405 C  C   . THR A 1 50 ? -11.382 -7.649  -0.259  1.00 12.16 ? 48  THR A C   1 
ATOM   406 O  O   . THR A 1 50 ? -11.012 -6.441  -0.251  1.00 13.18 ? 48  THR A O   1 
ATOM   407 C  CB  . THR A 1 50 ? -10.376 -9.342  1.323   1.00 11.75 ? 48  THR A CB  1 
ATOM   408 O  OG1 . THR A 1 50 ? -10.550 -9.909  2.630   1.00 13.85 ? 48  THR A OG1 1 
ATOM   409 C  CG2 . THR A 1 50 ? -9.067  -8.610  1.218   1.00 11.95 ? 48  THR A CG2 1 
ATOM   410 N  N   . GLU A 1 51 ? -11.646 -8.280  -1.397  1.00 13.35 ? 49  GLU A N   1 
ATOM   411 C  CA  . GLU A 1 51 ? -11.511 -7.637  -2.719  1.00 12.07 ? 49  GLU A CA  1 
ATOM   412 C  C   . GLU A 1 51 ? -12.472 -6.441  -2.829  1.00 11.78 ? 49  GLU A C   1 
ATOM   413 O  O   . GLU A 1 51 ? -12.139 -5.443  -3.399  1.00 12.82 ? 49  GLU A O   1 
ATOM   414 C  CB  . GLU A 1 51 ? -11.742 -8.649  -3.837  1.00 15.72 ? 49  GLU A CB  1 
ATOM   415 C  CG  . GLU A 1 51 ? -10.586 -9.633  -3.899  1.00 18.42 ? 49  GLU A CG  1 
ATOM   416 C  CD  . GLU A 1 51 ? -10.953 -10.934 -4.559  1.00 26.08 ? 49  GLU A CD  1 
ATOM   417 O  OE1 . GLU A 1 51 ? -11.940 -10.916 -5.334  1.00 24.45 ? 49  GLU A OE1 1 
ATOM   418 O  OE2 . GLU A 1 51 ? -10.179 -11.932 -4.302  1.00 31.43 ? 49  GLU A OE2 1 
ATOM   419 N  N   . GLU A 1 52 ? -13.661 -6.579  -2.238  1.00 11.47 ? 50  GLU A N   1 
ATOM   420 C  CA  . GLU A 1 52 ? -14.636 -5.459  -2.280  1.00 12.10 ? 50  GLU A CA  1 
ATOM   421 C  C   . GLU A 1 52 ? -14.085 -4.253  -1.502  1.00 12.64 ? 50  GLU A C   1 
ATOM   422 O  O   . GLU A 1 52 ? -14.226 -3.096  -1.944  1.00 13.58 ? 50  GLU A O   1 
ATOM   423 C  CB  . GLU A 1 52 ? -15.976 -5.903  -1.723  1.00 12.96 ? 50  GLU A CB  1 
ATOM   424 C  CG  . GLU A 1 52 ? -17.062 -4.864  -1.926  1.00 14.02 ? 50  GLU A CG  1 
ATOM   425 C  CD  . GLU A 1 52 ? -18.392 -5.166  -1.251  1.00 14.98 ? 50  GLU A CD  1 
ATOM   426 O  OE1 . GLU A 1 52 ? -18.497 -6.137  -0.526  1.00 15.93 ? 50  GLU A OE1 1 
ATOM   427 O  OE2 . GLU A 1 52 ? -19.329 -4.348  -1.496  1.00 14.57 ? 50  GLU A OE2 1 
ATOM   428 N  N   . GLU A 1 53 ? -13.521 -4.520  -0.335  1.00 13.85 ? 51  GLU A N   1 
ATOM   429 C  CA  . GLU A 1 53 ? -12.997 -3.421  0.530   1.00 13.43 ? 51  GLU A CA  1 
ATOM   430 C  C   . GLU A 1 53 ? -11.706 -2.834  -0.039  1.00 14.22 ? 51  GLU A C   1 
ATOM   431 O  O   . GLU A 1 53 ? -11.438 -1.643  0.174   1.00 15.18 ? 51  GLU A O   1 
ATOM   432 C  CB  . GLU A 1 53 ? -12.842 -3.922  1.956   1.00 14.30 ? 51  GLU A CB  1 
ATOM   433 C  CG  . GLU A 1 53 ? -14.152 -4.322  2.596   1.00 16.41 ? 51  GLU A CG  1 
ATOM   434 C  CD  . GLU A 1 53 ? -14.073 -4.534  4.093   1.00 21.78 ? 51  GLU A CD  1 
ATOM   435 O  OE1 . GLU A 1 53 ? -13.453 -5.487  4.518   1.00 20.78 ? 51  GLU A OE1 1 
ATOM   436 O  OE2 . GLU A 1 53 ? -14.482 -3.604  4.831   1.00 31.95 ? 51  GLU A OE2 1 
HETATM 437 N  N   . MSE A 1 54 ? -10.929 -3.619  -0.784  1.00 12.94 ? 52  MSE A N   1 
HETATM 438 C  CA  . MSE A 1 54 ? -9.683  -3.143  -1.404  1.00 12.86 ? 52  MSE A CA  1 
HETATM 439 C  C   . MSE A 1 54 ? -9.932  -2.316  -2.657  1.00 14.52 ? 52  MSE A C   1 
HETATM 440 O  O   . MSE A 1 54 ? -9.113  -1.489  -3.024  1.00 13.19 ? 52  MSE A O   1 
HETATM 441 C  CB  . MSE A 1 54 ? -8.756  -4.321  -1.717  1.00 13.89 ? 52  MSE A CB  1 
HETATM 442 C  CG  . MSE A 1 54 ? -8.026  -4.872  -0.520  1.00 12.27 ? 52  MSE A CG  1 
HETATM 443 SE SE  . MSE A 1 54 ? -6.783  -3.563  0.310   0.72 11.60 ? 52  MSE A SE  1 
HETATM 444 C  CE  . MSE A 1 54 ? -5.645  -3.179  -1.202  1.00 16.76 ? 52  MSE A CE  1 
ATOM   445 N  N   . LYS A 1 55 ? -11.049 -2.552  -3.347  1.00 15.33 ? 53  LYS A N   1 
ATOM   446 C  CA  . LYS A 1 55 ? -11.336 -1.841  -4.622  1.00 16.44 ? 53  LYS A CA  1 
ATOM   447 C  C   . LYS A 1 55 ? -11.173 -0.330  -4.480  1.00 16.21 ? 53  LYS A C   1 
ATOM   448 O  O   . LYS A 1 55 ? -10.508 0.291   -5.318  1.00 15.32 ? 53  LYS A O   1 
ATOM   449 C  CB  . LYS A 1 55 ? -12.759 -2.208  -5.062  1.00 20.50 ? 53  LYS A CB  1 
ATOM   450 C  CG  . LYS A 1 55 ? -12.996 -2.194  -6.547  1.00 26.14 ? 53  LYS A CG  1 
ATOM   451 C  CD  . LYS A 1 55 ? -14.319 -2.873  -6.796  1.00 28.44 ? 53  LYS A CD  1 
ATOM   452 C  CE  . LYS A 1 55 ? -14.731 -2.927  -8.246  1.00 32.60 ? 53  LYS A CE  1 
ATOM   453 N  NZ  . LYS A 1 55 ? -16.018 -3.663  -8.365  1.00 25.79 ? 53  LYS A NZ  1 
ATOM   454 N  N   . PRO A 1 56 ? -11.815 0.339   -3.495  1.00 14.46 ? 54  PRO A N   1 
ATOM   455 C  CA  . PRO A 1 56 ? -11.665 1.792   -3.371  1.00 15.78 ? 54  PRO A CA  1 
ATOM   456 C  C   . PRO A 1 56 ? -10.248 2.255   -3.073  1.00 16.04 ? 54  PRO A C   1 
ATOM   457 O  O   . PRO A 1 56 ? -9.893  3.371   -3.381  1.00 15.90 ? 54  PRO A O   1 
ATOM   458 C  CB  . PRO A 1 56 ? -12.577 2.182   -2.212  1.00 15.45 ? 54  PRO A CB  1 
ATOM   459 C  CG  . PRO A 1 56 ? -13.599 1.040   -2.132  1.00 17.24 ? 54  PRO A CG  1 
ATOM   460 C  CD  . PRO A 1 56 ? -12.814 -0.162  -2.529  1.00 13.91 ? 54  PRO A CD  1 
ATOM   461 N  N   . VAL A 1 57 ? -9.429  1.373   -2.518  1.00 13.85 ? 55  VAL A N   1 
ATOM   462 C  CA  . VAL A 1 57 ? -8.014  1.755   -2.216  1.00 16.35 ? 55  VAL A CA  1 
ATOM   463 C  C   . VAL A 1 57 ? -7.292  2.086   -3.509  1.00 17.18 ? 55  VAL A C   1 
ATOM   464 O  O   . VAL A 1 57 ? -6.438  2.995   -3.525  1.00 16.93 ? 55  VAL A O   1 
ATOM   465 C  CB  . VAL A 1 57 ? -7.283  0.614   -1.499  1.00 16.69 ? 55  VAL A CB  1 
ATOM   466 C  CG1 . VAL A 1 57 ? -5.774  0.899   -1.376  1.00 18.96 ? 55  VAL A CG1 1 
ATOM   467 C  CG2 . VAL A 1 57 ? -7.904  0.361   -0.158  1.00 15.80 ? 55  VAL A CG2 1 
ATOM   468 N  N   . LEU A 1 58 ? -7.590  1.384   -4.590  1.00 16.84 ? 56  LEU A N   1 
ATOM   469 C  CA  . LEU A 1 58 ? -6.941  1.629   -5.891  1.00 17.46 ? 56  LEU A CA  1 
ATOM   470 C  C   . LEU A 1 58 ? -7.323  2.982   -6.488  1.00 21.23 ? 56  LEU A C   1 
ATOM   471 O  O   . LEU A 1 58 ? -6.636  3.442   -7.436  1.00 25.35 ? 56  LEU A O   1 
ATOM   472 C  CB  . LEU A 1 58 ? -7.308  0.514   -6.875  1.00 24.63 ? 56  LEU A CB  1 
ATOM   473 C  CG  . LEU A 1 58 ? -7.099  -0.925  -6.409  1.00 26.95 ? 56  LEU A CG  1 
ATOM   474 C  CD1 . LEU A 1 58 ? -6.864  -1.818  -7.618  1.00 31.43 ? 56  LEU A CD1 1 
ATOM   475 C  CD2 . LEU A 1 58 ? -5.966  -1.103  -5.398  1.00 28.56 ? 56  LEU A CD2 1 
ATOM   476 N  N   . ASP A 1 59 ? -8.384  3.617   -6.006  1.00 18.15 ? 57  ASP A N   1 
ATOM   477 C  CA  . ASP A 1 59 ? -8.807  4.932   -6.527  1.00 18.92 ? 57  ASP A CA  1 
ATOM   478 C  C   . ASP A 1 59 ? -8.291  6.038   -5.579  1.00 15.57 ? 57  ASP A C   1 
ATOM   479 O  O   . ASP A 1 59 ? -8.572  7.211   -5.843  1.00 18.83 ? 57  ASP A O   1 
ATOM   480 C  CB  . ASP A 1 59 ? -10.328 5.018   -6.681  1.00 21.42 ? 57  ASP A CB  1 
ATOM   481 C  CG  . ASP A 1 59 ? -10.900 4.106   -7.752  1.00 29.89 ? 57  ASP A CG  1 
ATOM   482 O  OD1 . ASP A 1 59 ? -10.241 3.929   -8.788  1.00 32.27 ? 57  ASP A OD1 1 
ATOM   483 O  OD2 . ASP A 1 59 ? -12.010 3.599   -7.525  1.00 33.26 ? 57  ASP A OD2 1 
HETATM 484 N  N   . MSE A 1 60 ? -7.617  5.659   -4.509  1.00 14.11 ? 58  MSE A N   1 
HETATM 485 C  CA  . MSE A 1 60 ? -7.156  6.695   -3.518  1.00 12.94 ? 58  MSE A CA  1 
HETATM 486 C  C   . MSE A 1 60 ? -5.905  7.405   -4.006  1.00 16.17 ? 58  MSE A C   1 
HETATM 487 O  O   . MSE A 1 60 ? -4.980  6.799   -4.561  1.00 16.62 ? 58  MSE A O   1 
HETATM 488 C  CB  . MSE A 1 60 ? -6.885  6.069   -2.160  1.00 11.16 ? 58  MSE A CB  1 
HETATM 489 C  CG  . MSE A 1 60 ? -8.177  5.734   -1.411  1.00 13.03 ? 58  MSE A CG  1 
HETATM 490 SE SE  . MSE A 1 60 ? -7.819  4.969   0.328   0.69 11.20 ? 58  MSE A SE  1 
HETATM 491 C  CE  . MSE A 1 60 ? -9.568  4.207   0.690   1.00 16.72 ? 58  MSE A CE  1 
ATOM   492 N  N   . SER A 1 61 ? -5.838  8.698   -3.709  1.00 13.14 ? 59  SER A N   1 
ATOM   493 C  CA  . SER A 1 61 ? -4.608  9.475   -3.867  1.00 13.17 ? 59  SER A CA  1 
ATOM   494 C  C   . SER A 1 61 ? -3.602  9.062   -2.789  1.00 12.20 ? 59  SER A C   1 
ATOM   495 O  O   . SER A 1 61 ? -4.003  8.445   -1.792  1.00 11.93 ? 59  SER A O   1 
ATOM   496 C  CB  . SER A 1 61 ? -4.907  10.970  -3.849  1.00 12.29 ? 59  SER A CB  1 
ATOM   497 O  OG  . SER A 1 61 ? -5.802  11.303  -2.834  1.00 13.18 ? 59  SER A OG  1 
ATOM   498 N  N   . ASP A 1 62 ? -2.320  9.312   -3.010  1.00 13.33 ? 60  ASP A N   1 
ATOM   499 C  CA  . ASP A 1 62 ? -1.240  8.831   -2.113  1.00 13.58 ? 60  ASP A CA  1 
ATOM   500 C  C   . ASP A 1 62 ? -1.454  9.337   -0.679  1.00 10.43 ? 60  ASP A C   1 
ATOM   501 O  O   . ASP A 1 62 ? -1.209  8.591   0.295   1.00 11.62 ? 60  ASP A O   1 
ATOM   502 C  CB  . ASP A 1 62 ? 0.128   9.297   -2.591  1.00 12.91 ? 60  ASP A CB  1 
ATOM   503 C  CG  . ASP A 1 62 ? 0.501   8.771   -3.959  1.00 13.85 ? 60  ASP A CG  1 
ATOM   504 O  OD1 . ASP A 1 62 ? -0.235  7.880   -4.498  1.00 13.31 ? 60  ASP A OD1 1 
ATOM   505 O  OD2 . ASP A 1 62 ? 1.498   9.229   -4.526  1.00 13.21 ? 60  ASP A OD2 1 
ATOM   506 N  N   . ASP A 1 63 ? -1.890  10.583  -0.535  1.00 10.24 ? 61  ASP A N   1 
ATOM   507 C  CA  . ASP A 1 63 ? -2.155  11.133  0.810   1.00 10.67 ? 61  ASP A CA  1 
ATOM   508 C  C   . ASP A 1 63 ? -3.245  10.333  1.531   1.00 11.20 ? 61  ASP A C   1 
ATOM   509 O  O   . ASP A 1 63 ? -3.133  10.089  2.774   1.00 9.97  ? 61  ASP A O   1 
ATOM   510 C  CB  . ASP A 1 63 ? -2.516  12.616  0.710   1.00 11.39 ? 61  ASP A CB  1 
ATOM   511 C  CG  . ASP A 1 63 ? -3.682  12.938  -0.210  1.00 12.88 ? 61  ASP A CG  1 
ATOM   512 O  OD1 . ASP A 1 63 ? -4.131  12.080  -0.995  1.00 13.80 ? 61  ASP A OD1 1 
ATOM   513 O  OD2 . ASP A 1 63 ? -4.185  14.089  -0.156  1.00 13.52 ? 61  ASP A OD2 1 
ATOM   514 N  N   . GLU A 1 64 ? -4.255  9.871   0.816   1.00 11.97 ? 62  GLU A N   1 
ATOM   515 C  CA  . GLU A 1 64 ? -5.344  9.064   1.381   1.00 10.49 ? 62  GLU A CA  1 
ATOM   516 C  C   . GLU A 1 64 ? -4.842  7.661   1.768   1.00 9.75  ? 62  GLU A C   1 
ATOM   517 O  O   . GLU A 1 64 ? -5.285  7.118   2.813   1.00 10.88 ? 62  GLU A O   1 
ATOM   518 C  CB  . GLU A 1 64 ? -6.475  8.968   0.352   1.00 11.50 ? 62  GLU A CB  1 
ATOM   519 C  CG  . GLU A 1 64 ? -7.250  10.283  0.198   1.00 10.66 ? 62  GLU A CG  1 
ATOM   520 C  CD  . GLU A 1 64 ? -8.301  10.251  -0.922  1.00 11.22 ? 62  GLU A CD  1 
ATOM   521 O  OE1 . GLU A 1 64 ? -8.201  9.379   -1.825  1.00 11.85 ? 62  GLU A OE1 1 
ATOM   522 O  OE2 . GLU A 1 64 ? -9.209  11.102  -0.878  1.00 12.39 ? 62  GLU A OE2 1 
ATOM   523 N  N   . VAL A 1 65 ? -3.968  7.086   0.951   1.00 10.97 ? 63  VAL A N   1 
ATOM   524 C  CA  . VAL A 1 65 ? -3.350  5.777   1.279   1.00 10.79 ? 63  VAL A CA  1 
ATOM   525 C  C   . VAL A 1 65 ? -2.521  5.912   2.549   1.00 11.31 ? 63  VAL A C   1 
ATOM   526 O  O   . VAL A 1 65 ? -2.604  5.023   3.437   1.00 12.16 ? 63  VAL A O   1 
ATOM   527 C  CB  . VAL A 1 65 ? -2.498  5.257   0.123   1.00 11.23 ? 63  VAL A CB  1 
ATOM   528 C  CG1 . VAL A 1 65 ? -1.782  3.973   0.514   1.00 11.47 ? 63  VAL A CG1 1 
ATOM   529 C  CG2 . VAL A 1 65 ? -3.395  5.003   -1.064  1.00 11.88 ? 63  VAL A CG2 1 
ATOM   530 N  N   . LYS A 1 66 ? -1.749  6.980   2.687   1.00 10.53 ? 64  LYS A N   1 
ATOM   531 C  CA  . LYS A 1 66 ? -0.989  7.207   3.941   1.00 11.23 ? 64  LYS A CA  1 
ATOM   532 C  C   . LYS A 1 66 ? -1.944  7.303   5.126   1.00 11.71 ? 64  LYS A C   1 
ATOM   533 O  O   . LYS A 1 66 ? -1.736  6.662   6.146   1.00 11.02 ? 64  LYS A O   1 
ATOM   534 C  CB  . LYS A 1 66 ? -0.158  8.485   3.893   1.00 13.97 ? 64  LYS A CB  1 
ATOM   535 C  CG  . LYS A 1 66 ? 0.529   8.799   5.231   1.00 14.91 ? 64  LYS A CG  1 
ATOM   536 C  CD  . LYS A 1 66 ? 1.530   9.893   5.100   1.00 17.38 ? 64  LYS A CD  1 
ATOM   537 C  CE  . LYS A 1 66 ? 2.318   10.160  6.371   1.00 17.36 ? 64  LYS A CE  1 
ATOM   538 N  NZ  . LYS A 1 66 ? 1.515   10.846  7.417   1.00 18.09 ? 64  LYS A NZ  1 
ATOM   539 N  N   . ALA A 1 67 ? -3.032  8.054   4.981   1.00 11.59 ? 65  ALA A N   1 
ATOM   540 C  CA  . ALA A 1 67 ? -3.986  8.226   6.082   1.00 10.79 ? 65  ALA A CA  1 
ATOM   541 C  C   . ALA A 1 67 ? -4.620  6.879   6.456   1.00 11.64 ? 65  ALA A C   1 
ATOM   542 O  O   . ALA A 1 67 ? -4.789  6.609   7.651   1.00 13.79 ? 65  ALA A O   1 
ATOM   543 C  CB  . ALA A 1 67 ? -5.030  9.236   5.694   1.00 12.02 ? 65  ALA A CB  1 
ATOM   544 N  N   . LEU A 1 68 ? -4.988  6.089   5.458   1.00 11.47 ? 66  LEU A N   1 
ATOM   545 C  CA  . LEU A 1 68 ? -5.592  4.773   5.734   1.00 10.91 ? 66  LEU A CA  1 
ATOM   546 C  C   . LEU A 1 68 ? -4.568  3.873   6.415   1.00 13.60 ? 66  LEU A C   1 
ATOM   547 O  O   . LEU A 1 68 ? -4.910  3.223   7.416   1.00 11.01 ? 66  LEU A O   1 
ATOM   548 C  CB  . LEU A 1 68 ? -6.094  4.155   4.441   1.00 12.74 ? 66  LEU A CB  1 
ATOM   549 C  CG  . LEU A 1 68 ? -6.641  2.724   4.536   1.00 13.25 ? 66  LEU A CG  1 
ATOM   550 C  CD1 . LEU A 1 68 ? -7.826  2.651   5.489   1.00 15.84 ? 66  LEU A CD1 1 
ATOM   551 C  CD2 . LEU A 1 68 ? -6.992  2.199   3.180   1.00 14.55 ? 66  LEU A CD2 1 
ATOM   552 N  N   . ALA A 1 69 ? -3.368  3.802   5.884   1.00 12.77 ? 67  ALA A N   1 
ATOM   553 C  CA  . ALA A 1 69 ? -2.311  2.962   6.469   1.00 12.86 ? 67  ALA A CA  1 
ATOM   554 C  C   . ALA A 1 69 ? -2.082  3.355   7.938   1.00 13.65 ? 67  ALA A C   1 
ATOM   555 O  O   . ALA A 1 69 ? -1.932  2.460   8.828   1.00 14.31 ? 67  ALA A O   1 
ATOM   556 C  CB  . ALA A 1 69 ? -1.062  3.106   5.664   1.00 12.35 ? 67  ALA A CB  1 
ATOM   557 N  N   . GLU A 1 70 ? -2.053  4.633   8.232   1.00 13.36 ? 68  GLU A N   1 
ATOM   558 C  CA  . GLU A 1 70 ? -1.770  5.075   9.612   1.00 16.07 ? 68  GLU A CA  1 
ATOM   559 C  C   . GLU A 1 70 ? -2.957  4.770   10.506  1.00 16.05 ? 68  GLU A C   1 
ATOM   560 O  O   . GLU A 1 70 ? -2.734  4.518   11.705  1.00 23.20 ? 68  GLU A O   1 
ATOM   561 C  CB  . GLU A 1 70 ? -1.326  6.531   9.589   1.00 17.96 ? 68  GLU A CB  1 
ATOM   562 C  CG  . GLU A 1 70 ? -0.059  6.641   8.803   1.00 19.15 ? 68  GLU A CG  1 
ATOM   563 C  CD  . GLU A 1 70 ? 0.724   7.915   8.902   1.00 20.62 ? 68  GLU A CD  1 
ATOM   564 O  OE1 . GLU A 1 70 ? 0.108   8.985   9.085   1.00 21.45 ? 68  GLU A OE1 1 
ATOM   565 O  OE2 . GLU A 1 70 ? 1.948   7.821   8.700   1.00 22.98 ? 68  GLU A OE2 1 
ATOM   566 N  N   . LYS A 1 71 ? -4.155  4.726   9.972   1.00 15.39 ? 69  LYS A N   1 
ATOM   567 C  CA  . LYS A 1 71 ? -5.356  4.352   10.753  1.00 17.07 ? 69  LYS A CA  1 
ATOM   568 C  C   . LYS A 1 71 ? -5.391  2.858   11.076  1.00 18.12 ? 69  LYS A C   1 
ATOM   569 O  O   . LYS A 1 71 ? -5.775  2.483   12.206  1.00 19.57 ? 69  LYS A O   1 
ATOM   570 C  CB  . LYS A 1 71 ? -6.618  4.753   9.993   1.00 18.39 ? 69  LYS A CB  1 
ATOM   571 C  CG  . LYS A 1 71 ? -7.900  4.663   10.802  1.00 23.58 ? 69  LYS A CG  1 
ATOM   572 C  CD  . LYS A 1 71 ? -9.126  4.918   9.987   1.00 28.91 ? 69  LYS A CD  1 
ATOM   573 C  CE  . LYS A 1 71 ? -8.929  5.982   8.914   1.00 34.70 ? 69  LYS A CE  1 
ATOM   574 N  NZ  . LYS A 1 71 ? -9.864  5.804   7.766   1.00 39.51 ? 69  LYS A NZ  1 
ATOM   575 N  N   . VAL A 1 72 ? -5.098  2.001   10.119  1.00 15.78 ? 70  VAL A N   1 
ATOM   576 C  CA  . VAL A 1 72 ? -5.394  0.553   10.326  1.00 15.57 ? 70  VAL A CA  1 
ATOM   577 C  C   . VAL A 1 72 ? -4.112  -0.266  10.498  1.00 16.15 ? 70  VAL A C   1 
ATOM   578 O  O   . VAL A 1 72 ? -4.224  -1.394  11.036  1.00 17.15 ? 70  VAL A O   1 
ATOM   579 C  CB  . VAL A 1 72 ? -6.261  -0.019  9.200   1.00 14.96 ? 70  VAL A CB  1 
ATOM   580 C  CG1 . VAL A 1 72 ? -7.550  0.771   9.046   1.00 18.60 ? 70  VAL A CG1 1 
ATOM   581 C  CG2 . VAL A 1 72 ? -5.522  -0.069  7.881   1.00 15.35 ? 70  VAL A CG2 1 
ATOM   582 N  N   . LEU A 1 73 ? -2.949  0.216   10.072  1.00 13.32 ? 71  LEU A N   1 
ATOM   583 C  CA  . LEU A 1 73 ? -1.693  -0.588  10.075  1.00 14.53 ? 71  LEU A CA  1 
ATOM   584 C  C   . LEU A 1 73 ? -0.760  -0.129  11.180  1.00 17.14 ? 71  LEU A C   1 
ATOM   585 O  O   . LEU A 1 73 ? 0.028   -0.964  11.678  1.00 18.75 ? 71  LEU A O   1 
ATOM   586 C  CB  . LEU A 1 73 ? -0.969  -0.516  8.725   1.00 14.21 ? 71  LEU A CB  1 
ATOM   587 C  CG  . LEU A 1 73 ? -1.742  -1.021  7.502   1.00 13.05 ? 71  LEU A CG  1 
ATOM   588 C  CD1 . LEU A 1 73 ? -0.938  -0.935  6.232   1.00 13.24 ? 71  LEU A CD1 1 
ATOM   589 C  CD2 . LEU A 1 73 ? -2.232  -2.408  7.732   1.00 14.29 ? 71  LEU A CD2 1 
ATOM   590 N  N   . LYS A 1 74 ? -0.751  1.162   11.473  1.00 18.47 ? 72  LYS A N   1 
ATOM   591 C  CA  . LYS A 1 74 ? 0.204   1.753   12.448  1.00 21.44 ? 72  LYS A CA  1 
ATOM   592 C  C   . LYS A 1 74 ? -0.300  1.439   13.853  1.00 25.32 ? 72  LYS A C   1 
ATOM   593 O  O   . LYS A 1 74 ? -1.273  2.054   14.322  1.00 29.34 ? 72  LYS A O   1 
ATOM   594 C  CB  . LYS A 1 74 ? 0.390   3.246   12.207  1.00 18.46 ? 72  LYS A CB  1 
ATOM   595 C  CG  . LYS A 1 74 ? 1.413   3.927   13.104  1.00 20.36 ? 72  LYS A CG  1 
ATOM   596 C  CD  . LYS A 1 74 ? 1.577   5.394   12.807  1.00 21.18 ? 72  LYS A CD  1 
ATOM   597 C  CE  . LYS A 1 74 ? 2.620   6.075   13.660  1.00 26.63 ? 72  LYS A CE  1 
ATOM   598 N  NZ  . LYS A 1 74 ? 2.746   7.513   13.331  1.00 32.78 ? 72  LYS A NZ  1 
ATOM   599 N  N   . LYS A 1 75 ? 0.317   0.467   14.489  1.00 26.55 ? 73  LYS A N   1 
ATOM   600 C  CA  . LYS A 1 75 ? -0.144  -0.027  15.815  1.00 30.67 ? 73  LYS A CA  1 
ATOM   601 C  C   . LYS A 1 75 ? 1.036   -0.157  16.779  1.00 34.03 ? 73  LYS A C   1 
ATOM   602 O  O   . LYS A 1 75 ? 2.111   -0.554  16.336  1.00 40.17 ? 73  LYS A O   1 
ATOM   603 C  CB  . LYS A 1 75 ? -0.853  -1.373  15.635  1.00 31.39 ? 73  LYS A CB  1 
ATOM   604 C  CG  . LYS A 1 75 ? -2.148  -1.300  14.833  1.00 35.98 ? 73  LYS A CG  1 
ATOM   605 C  CD  . LYS A 1 75 ? -3.213  -0.400  15.454  1.00 38.06 ? 73  LYS A CD  1 
ATOM   606 C  CE  . LYS A 1 75 ? -4.346  -0.038  14.510  1.00 39.27 ? 73  LYS A CE  1 
ATOM   607 N  NZ  . LYS A 1 75 ? -5.095  -1.237  14.014  1.00 40.62 ? 73  LYS A NZ  1 
HETATM 608 ZN ZN  . ZN  B 2 .  ? 24.866  16.798  -23.408 1.00 14.56 ? 101 ZN  A ZN  1 
HETATM 609 ZN ZN  . ZN  C 2 .  ? 10.521  2.289   -4.852  1.00 23.80 ? 102 ZN  A ZN  1 
HETATM 610 ZN ZN  . ZN  D 2 .  ? 13.612  1.241   -21.479 0.50 14.90 ? 103 ZN  A ZN  1 
HETATM 611 ZN ZN  . ZN  E 2 .  ? -2.295  -11.637 8.538   1.00 17.84 ? 104 ZN  A ZN  1 
HETATM 612 ZN ZN  . ZN  F 2 .  ? 1.870   -8.083  -4.041  1.00 42.86 ? 105 ZN  A ZN  1 
HETATM 613 C  C1  . EDO G 3 .  ? -12.233 1.132   1.579   1.00 22.22 ? 106 EDO A C1  1 
HETATM 614 O  O1  . EDO G 3 .  ? -12.305 -0.163  2.183   1.00 18.41 ? 106 EDO A O1  1 
HETATM 615 C  C2  . EDO G 3 .  ? -11.978 2.201   2.574   1.00 23.40 ? 106 EDO A C2  1 
HETATM 616 O  O2  . EDO G 3 .  ? -10.655 2.056   3.154   1.00 23.85 ? 106 EDO A O2  1 
HETATM 617 C  C1  . GOL H 4 .  ? 12.452  3.340   9.402   1.00 30.54 ? 107 GOL A C1  1 
HETATM 618 O  O1  . GOL H 4 .  ? 12.331  2.967   10.772  1.00 30.64 ? 107 GOL A O1  1 
HETATM 619 C  C2  . GOL H 4 .  ? 12.368  2.160   8.466   1.00 23.95 ? 107 GOL A C2  1 
HETATM 620 O  O2  . GOL H 4 .  ? 10.979  1.951   8.062   1.00 22.49 ? 107 GOL A O2  1 
HETATM 621 C  C3  . GOL H 4 .  ? 13.040  0.917   8.952   1.00 26.71 ? 107 GOL A C3  1 
HETATM 622 O  O3  . GOL H 4 .  ? 12.125  -0.032  9.508   1.00 28.67 ? 107 GOL A O3  1 
HETATM 623 O  O   . HOH I 5 .  ? 8.431   9.694   12.236  1.00 34.45 ? 201 HOH A O   1 
HETATM 624 O  O   . HOH I 5 .  ? -4.486  4.602   -5.142  1.00 24.81 ? 202 HOH A O   1 
HETATM 625 O  O   . HOH I 5 .  ? 13.501  -6.665  7.279   1.00 27.85 ? 203 HOH A O   1 
HETATM 626 O  O   . HOH I 5 .  ? -16.622 -12.119 4.623   1.00 31.01 ? 204 HOH A O   1 
HETATM 627 O  O   . HOH I 5 .  ? 20.483  10.112  -20.449 1.00 22.87 ? 205 HOH A O   1 
HETATM 628 O  O   . HOH I 5 .  ? -19.458 -2.474  -3.244  1.00 32.12 ? 206 HOH A O   1 
HETATM 629 O  O   . HOH I 5 .  ? -13.426 -8.544  12.252  1.00 32.83 ? 207 HOH A O   1 
HETATM 630 O  O   . HOH I 5 .  ? 14.869  10.546  -16.623 1.00 30.47 ? 208 HOH A O   1 
HETATM 631 O  O   . HOH I 5 .  ? -3.036  0.002   -8.093  1.00 33.05 ? 209 HOH A O   1 
HETATM 632 O  O   . HOH I 5 .  ? 12.364  6.523   2.346   1.00 18.59 ? 210 HOH A O   1 
HETATM 633 O  O   . HOH I 5 .  ? 18.130  16.131  -20.092 1.00 26.99 ? 211 HOH A O   1 
HETATM 634 O  O   . HOH I 5 .  ? 10.754  -7.067  8.018   1.00 15.87 ? 212 HOH A O   1 
HETATM 635 O  O   . HOH I 5 .  ? 6.159   8.760   11.386  1.00 33.37 ? 213 HOH A O   1 
HETATM 636 O  O   . HOH I 5 .  ? 6.631   -3.114  11.458  1.00 29.25 ? 214 HOH A O   1 
HETATM 637 O  O   . HOH I 5 .  ? 0.837   -2.728  -9.753  1.00 34.25 ? 215 HOH A O   1 
HETATM 638 O  O   . HOH I 5 .  ? 3.927   -2.758  9.295   1.00 27.97 ? 216 HOH A O   1 
HETATM 639 O  O   . HOH I 5 .  ? 23.906  10.718  -16.038 1.00 27.32 ? 217 HOH A O   1 
HETATM 640 O  O   . HOH I 5 .  ? -11.674 5.387   -3.394  1.00 18.05 ? 218 HOH A O   1 
HETATM 641 O  O   . HOH I 5 .  ? -8.306  11.675  -3.756  1.00 16.36 ? 219 HOH A O   1 
HETATM 642 O  O   . HOH I 5 .  ? -0.022  -3.625  11.216  1.00 27.82 ? 220 HOH A O   1 
HETATM 643 O  O   . HOH I 5 .  ? -3.985  15.564  -2.412  1.00 28.19 ? 221 HOH A O   1 
HETATM 644 O  O   . HOH I 5 .  ? -1.986  5.837   -4.016  1.00 16.94 ? 222 HOH A O   1 
HETATM 645 O  O   . HOH I 5 .  ? 8.249   -5.313  -1.799  1.00 25.63 ? 223 HOH A O   1 
HETATM 646 O  O   . HOH I 5 .  ? 0.868   6.535   -6.633  1.00 17.85 ? 224 HOH A O   1 
HETATM 647 O  O   . HOH I 5 .  ? 3.968   0.198   -9.628  1.00 21.49 ? 225 HOH A O   1 
HETATM 648 O  O   . HOH I 5 .  ? -11.300 0.481   6.689   1.00 29.21 ? 226 HOH A O   1 
HETATM 649 O  O   . HOH I 5 .  ? -16.029 -2.020  -3.736  1.00 22.85 ? 227 HOH A O   1 
HETATM 650 O  O   . HOH I 5 .  ? -0.903  -5.939  7.475   1.00 19.19 ? 228 HOH A O   1 
HETATM 651 O  O   . HOH I 5 .  ? 12.470  -2.575  1.462   1.00 25.59 ? 229 HOH A O   1 
HETATM 652 O  O   . HOH I 5 .  ? 14.274  6.774   -20.166 1.00 30.58 ? 230 HOH A O   1 
HETATM 653 O  O   . HOH I 5 .  ? -14.607 -11.826 10.140  1.00 27.91 ? 231 HOH A O   1 
HETATM 654 O  O   . HOH I 5 .  ? -14.200 -0.439  4.198   1.00 22.98 ? 232 HOH A O   1 
HETATM 655 O  O   . HOH I 5 .  ? -4.665  8.566   9.655   1.00 18.12 ? 233 HOH A O   1 
HETATM 656 O  O   . HOH I 5 .  ? -16.640 -8.904  -3.678  0.50 14.75 ? 234 HOH A O   1 
HETATM 657 O  O   . HOH I 5 .  ? -2.919  -3.885  11.340  1.00 25.59 ? 235 HOH A O   1 
HETATM 658 O  O   . HOH I 5 .  ? -18.022 -8.885  -1.081  1.00 14.65 ? 236 HOH A O   1 
HETATM 659 O  O   . HOH I 5 .  ? -10.734 -18.385 8.248   1.00 30.88 ? 237 HOH A O   1 
HETATM 660 O  O   . HOH I 5 .  ? -7.336  -6.930  10.840  1.00 21.83 ? 238 HOH A O   1 
HETATM 661 O  O   . HOH I 5 .  ? -1.867  10.632  -5.505  1.00 23.18 ? 239 HOH A O   1 
HETATM 662 O  O   . HOH I 5 .  ? 7.927   -3.275  -3.601  1.00 25.81 ? 240 HOH A O   1 
HETATM 663 O  O   . HOH I 5 .  ? 3.158   -5.196  -5.817  1.00 35.28 ? 241 HOH A O   1 
HETATM 664 O  O   . HOH I 5 .  ? 19.831  13.354  -25.341 1.00 27.84 ? 242 HOH A O   1 
HETATM 665 O  O   . HOH I 5 .  ? -9.752  -5.285  -5.062  1.00 23.66 ? 243 HOH A O   1 
HETATM 666 O  O   . HOH I 5 .  ? 9.536   1.644   -12.440 1.00 33.09 ? 244 HOH A O   1 
HETATM 667 O  O   . HOH I 5 .  ? -17.135 -4.163  -5.671  1.00 25.11 ? 245 HOH A O   1 
HETATM 668 O  O   . HOH I 5 .  ? -2.117  -16.100 11.476  1.00 24.86 ? 246 HOH A O   1 
HETATM 669 O  O   . HOH I 5 .  ? 3.803   6.411   -10.436 1.00 32.90 ? 247 HOH A O   1 
HETATM 670 O  O   . HOH I 5 .  ? -13.810 4.290   -5.272  1.00 29.15 ? 248 HOH A O   1 
HETATM 671 O  O   . HOH I 5 .  ? -2.007  -10.788 10.505  1.00 27.26 ? 249 HOH A O   1 
HETATM 672 O  O   . HOH I 5 .  ? 9.702   5.765   -6.820  1.00 32.03 ? 250 HOH A O   1 
HETATM 673 O  O   . HOH I 5 .  ? -9.764  -17.347 -2.617  1.00 27.07 ? 251 HOH A O   1 
HETATM 674 O  O   . HOH I 5 .  ? -0.643  4.125   -5.730  1.00 15.05 ? 252 HOH A O   1 
HETATM 675 O  O   . HOH I 5 .  ? 0.884   -8.536  7.645   1.00 22.37 ? 253 HOH A O   1 
HETATM 676 O  O   . HOH I 5 .  ? -7.668  -11.349 -2.737  1.00 24.74 ? 254 HOH A O   1 
HETATM 677 O  O   . HOH I 5 .  ? 15.222  5.713   -10.582 1.00 34.19 ? 255 HOH A O   1 
HETATM 678 O  O   . HOH I 5 .  ? -11.811 -1.021  8.564   1.00 31.04 ? 256 HOH A O   1 
HETATM 679 O  O   . HOH I 5 .  ? 7.008   7.899   6.892   1.00 27.86 ? 257 HOH A O   1 
HETATM 680 O  O   . HOH I 5 .  ? 14.599  -3.547  3.975   1.00 34.76 ? 258 HOH A O   1 
HETATM 681 O  O   . HOH I 5 .  ? 23.750  17.492  -27.470 1.00 31.01 ? 259 HOH A O   1 
HETATM 682 O  O   . HOH I 5 .  ? -4.553  -13.365 5.853   1.00 20.70 ? 260 HOH A O   1 
HETATM 683 O  O   . HOH I 5 .  ? 11.304  -4.664  -0.238  1.00 28.49 ? 261 HOH A O   1 
HETATM 684 O  O   . HOH I 5 .  ? 11.204  0.485   -4.390  1.00 24.58 ? 262 HOH A O   1 
HETATM 685 O  O   . HOH I 5 .  ? 3.944   11.819  8.978   1.00 32.39 ? 263 HOH A O   1 
HETATM 686 O  O   . HOH I 5 .  ? 4.910   8.648   8.205   1.00 31.55 ? 264 HOH A O   1 
HETATM 687 O  O   . HOH I 5 .  ? 2.082   13.932  7.809   1.00 28.26 ? 265 HOH A O   1 
HETATM 688 O  O   . HOH I 5 .  ? 7.145   -6.129  10.002  1.00 33.27 ? 266 HOH A O   1 
HETATM 689 O  O   . HOH I 5 .  ? -4.406  7.751   12.127  1.00 29.64 ? 267 HOH A O   1 
HETATM 690 O  O   . HOH I 5 .  ? -2.777  -6.297  9.589   1.00 27.95 ? 268 HOH A O   1 
HETATM 691 O  O   . HOH I 5 .  ? -2.941  3.618   -7.551  1.00 22.23 ? 269 HOH A O   1 
HETATM 692 O  O   . HOH I 5 .  ? -2.879  9.028   -7.406  1.00 34.16 ? 270 HOH A O   1 
HETATM 693 O  O   . HOH I 5 .  ? 5.927   -1.838  -9.588  1.00 37.67 ? 271 HOH A O   1 
HETATM 694 O  O   . HOH I 5 .  ? -3.245  14.207  -4.533  1.00 30.96 ? 272 HOH A O   1 
HETATM 695 O  O   . HOH I 5 .  ? 18.390  9.626   -22.344 1.00 29.75 ? 273 HOH A O   1 
HETATM 696 O  O   . HOH I 5 .  ? -8.290  9.911   7.535   1.00 31.16 ? 274 HOH A O   1 
HETATM 697 O  O   . HOH I 5 .  ? -2.575  17.319  -2.688  1.00 25.98 ? 275 HOH A O   1 
HETATM 698 O  O   . HOH I 5 .  ? -16.000 0.712   -4.934  1.00 34.09 ? 276 HOH A O   1 
HETATM 699 O  O   . HOH I 5 .  ? 13.300  -0.181  -0.074  1.00 31.55 ? 277 HOH A O   1 
# 
